data_8CX9
#
_entry.id   8CX9
#
_cell.length_a   54.580
_cell.length_b   174.860
_cell.length_c   121.560
_cell.angle_alpha   90.000
_cell.angle_beta   95.740
_cell.angle_gamma   90.000
#
_symmetry.space_group_name_H-M   'P 1 21 1'
#
loop_
_entity.id
_entity.type
_entity.pdbx_description
1 polymer 'Papain-like protease nsp3'
2 polymer 'Ubiquitin variant UbV.CV2.1'
3 non-polymer 'ZINC ION'
4 non-polymer 'BROMIDE ION'
5 non-polymer 'SODIUM ION'
6 non-polymer 'CHLORIDE ION'
#
loop_
_entity_poly.entity_id
_entity_poly.type
_entity_poly.pdbx_seq_one_letter_code
_entity_poly.pdbx_strand_id
1 'polypeptide(L)'
;GPLGSEVRTIKVFTTVDNINLHTQVVDMSMTYGQQFGPTYLDGADVTKIKPHNSHEGKTFYVLPNDDTLRVEAFEYYHTT
DPSFLGRYMSALNHTKKWKYPQVNGLTSIKWADNNCYLATALLTLQQIELKFNPPALQDAYYRARAGEAANFCALILAYC
NKTVGELGDVRETMSYLFQHANLDSCKRVLNVVCKTCGQQQTTLKGVEAVMYMGTLSYEQFKKGVQIPCTCGKQATKYLV
QQESPFVMMSAPPAQYELKHGTFTCASEYTGNYQCGHYKHITSKETLYCIDGALLTKSSEYKGPITDVFYKENSYTTTIK
;
B,A,C,D
2 'polypeptide(L)'
;HHHHHHVTSLYKKAGSTDYKDDDDKMQISVKTLMRKRITLEVEPSDTIENVKAKIQDKEGIPPDQQRLIFSGMLLEDGRT
LSDYNIQKGSTLTLGLILRANGV
;
E,I,F,G,K,L,H,J
#
loop_
_chem_comp.id
_chem_comp.type
_chem_comp.name
_chem_comp.formula
BR non-polymer 'BROMIDE ION' 'Br -1'
CL non-polymer 'CHLORIDE ION' 'Cl -1'
NA non-polymer 'SODIUM ION' 'Na 1'
ZN non-polymer 'ZINC ION' 'Zn 2'
#
# COMPACT_ATOMS: atom_id res chain seq x y z
N VAL A 7 -64.33 6.50 41.14
CA VAL A 7 -63.62 5.26 40.85
C VAL A 7 -62.22 5.59 40.32
N ARG A 8 -61.19 5.12 41.03
CA ARG A 8 -59.81 5.47 40.74
C ARG A 8 -59.24 4.52 39.69
N THR A 9 -58.81 5.06 38.56
CA THR A 9 -58.38 4.27 37.40
C THR A 9 -57.05 4.80 36.85
N ILE A 10 -56.43 3.97 36.00
CA ILE A 10 -55.16 4.28 35.36
C ILE A 10 -55.13 3.58 34.01
N LYS A 11 -54.24 4.06 33.12
CA LYS A 11 -54.11 3.53 31.77
C LYS A 11 -52.95 2.54 31.71
N VAL A 12 -53.24 1.29 31.30
CA VAL A 12 -52.24 0.25 31.20
C VAL A 12 -52.58 -0.68 30.05
N PHE A 13 -51.57 -1.34 29.49
CA PHE A 13 -51.67 -2.14 28.27
C PHE A 13 -51.61 -3.64 28.54
N THR A 14 -52.55 -4.38 27.99
CA THR A 14 -52.52 -5.85 27.97
C THR A 14 -52.07 -6.35 26.60
N THR A 15 -51.19 -7.35 26.60
CA THR A 15 -50.77 -7.99 25.36
C THR A 15 -50.54 -9.48 25.57
N VAL A 16 -50.41 -10.19 24.46
CA VAL A 16 -50.06 -11.60 24.48
C VAL A 16 -48.76 -11.88 23.75
N ASP A 17 -48.29 -10.96 22.92
CA ASP A 17 -47.08 -11.12 22.13
C ASP A 17 -46.09 -10.01 22.34
N ASN A 18 -46.47 -8.95 23.07
CA ASN A 18 -45.65 -7.76 23.26
C ASN A 18 -45.27 -7.18 21.89
N ILE A 19 -46.20 -7.32 20.94
CA ILE A 19 -46.14 -6.62 19.66
C ILE A 19 -47.36 -5.75 19.46
N ASN A 20 -48.54 -6.30 19.73
CA ASN A 20 -49.81 -5.59 19.66
C ASN A 20 -50.30 -5.36 21.08
N LEU A 21 -50.34 -4.08 21.48
CA LEU A 21 -50.77 -3.72 22.83
C LEU A 21 -52.22 -3.28 22.79
N HIS A 22 -52.99 -3.76 23.74
CA HIS A 22 -54.38 -3.37 23.90
C HIS A 22 -54.50 -2.46 25.10
N THR A 23 -55.13 -1.31 24.89
CA THR A 23 -55.27 -0.31 25.93
C THR A 23 -56.37 -0.72 26.90
N GLN A 24 -56.09 -0.59 28.19
CA GLN A 24 -57.02 -0.98 29.23
C GLN A 24 -56.97 0.01 30.37
N VAL A 25 -58.14 0.27 30.95
CA VAL A 25 -58.28 1.11 32.14
C VAL A 25 -58.72 0.20 33.28
N VAL A 26 -58.05 0.32 34.43
CA VAL A 26 -58.20 -0.64 35.52
C VAL A 26 -58.60 0.09 36.79
N ASP A 27 -59.50 -0.52 37.53
CA ASP A 27 -59.91 -0.03 38.85
C ASP A 27 -58.85 -0.39 39.88
N MET A 28 -58.53 0.58 40.75
CA MET A 28 -57.50 0.40 41.77
C MET A 28 -58.05 -0.22 43.06
N SER A 29 -59.17 -0.93 42.99
CA SER A 29 -59.74 -1.64 44.13
C SER A 29 -59.62 -3.14 43.97
N MET A 30 -60.03 -3.66 42.82
CA MET A 30 -59.98 -5.09 42.53
C MET A 30 -58.60 -5.50 42.03
N THR A 31 -58.22 -6.74 42.37
CA THR A 31 -56.95 -7.27 41.92
C THR A 31 -56.95 -7.43 40.40
N TYR A 32 -55.74 -7.51 39.83
CA TYR A 32 -55.61 -7.71 38.39
C TYR A 32 -56.36 -8.95 37.91
N GLY A 33 -56.29 -10.04 38.68
CA GLY A 33 -56.92 -11.29 38.29
C GLY A 33 -58.42 -11.23 38.20
N GLN A 34 -59.05 -10.26 38.86
CA GLN A 34 -60.49 -10.13 38.77
C GLN A 34 -60.94 -9.58 37.42
N GLN A 35 -60.21 -8.59 36.89
CA GLN A 35 -60.62 -7.93 35.66
C GLN A 35 -60.02 -8.55 34.41
N PHE A 36 -58.77 -9.01 34.48
CA PHE A 36 -58.04 -9.50 33.32
C PHE A 36 -57.93 -11.01 33.26
N GLY A 37 -58.23 -11.71 34.35
CA GLY A 37 -57.87 -13.10 34.46
C GLY A 37 -56.44 -13.21 34.93
N PRO A 38 -55.79 -14.34 34.68
CA PRO A 38 -54.35 -14.45 35.02
C PRO A 38 -53.52 -13.39 34.32
N THR A 39 -52.82 -12.59 35.11
CA THR A 39 -52.03 -11.47 34.60
C THR A 39 -50.59 -11.57 35.10
N TYR A 40 -49.64 -11.60 34.18
CA TYR A 40 -48.22 -11.59 34.51
C TYR A 40 -47.59 -10.32 33.95
N LEU A 41 -46.70 -9.70 34.73
CA LEU A 41 -45.93 -8.53 34.28
C LEU A 41 -44.47 -8.94 34.16
N ASP A 42 -44.00 -9.09 32.91
CA ASP A 42 -42.64 -9.44 32.55
C ASP A 42 -42.00 -10.40 33.53
N GLY A 43 -42.67 -11.54 33.74
CA GLY A 43 -42.21 -12.60 34.62
C GLY A 43 -42.97 -12.74 35.92
N ALA A 44 -43.36 -11.62 36.52
CA ALA A 44 -44.03 -11.64 37.81
C ALA A 44 -45.51 -11.95 37.67
N ASP A 45 -45.98 -12.95 38.42
CA ASP A 45 -47.39 -13.30 38.44
C ASP A 45 -48.11 -12.29 39.31
N VAL A 46 -48.85 -11.37 38.69
CA VAL A 46 -49.57 -10.35 39.44
C VAL A 46 -51.07 -10.62 39.39
N THR A 47 -51.45 -11.89 39.27
CA THR A 47 -52.87 -12.24 39.18
C THR A 47 -53.61 -11.84 40.46
N LYS A 48 -53.01 -12.06 41.63
CA LYS A 48 -53.64 -11.75 42.90
C LYS A 48 -52.90 -10.60 43.58
N ILE A 49 -53.04 -9.41 43.00
CA ILE A 49 -52.52 -8.18 43.60
C ILE A 49 -53.26 -7.02 42.96
N LYS A 50 -53.42 -5.91 43.74
CA LYS A 50 -54.14 -4.76 43.22
C LYS A 50 -53.18 -3.80 42.50
N PRO A 51 -53.66 -3.10 41.48
CA PRO A 51 -52.80 -2.20 40.72
C PRO A 51 -52.30 -1.01 41.55
N HIS A 52 -51.03 -0.67 41.36
CA HIS A 52 -50.39 0.42 42.09
C HIS A 52 -50.24 1.62 41.16
N ASN A 53 -49.94 2.78 41.76
CA ASN A 53 -49.90 4.02 40.99
C ASN A 53 -48.75 4.06 40.00
N SER A 54 -47.67 3.34 40.27
CA SER A 54 -46.48 3.35 39.42
C SER A 54 -46.69 2.65 38.10
N HIS A 55 -47.79 1.91 37.96
CA HIS A 55 -47.96 1.00 36.83
C HIS A 55 -48.26 1.72 35.52
N GLU A 56 -49.05 2.80 35.56
CA GLU A 56 -49.44 3.53 34.35
C GLU A 56 -48.30 3.66 33.34
N GLY A 57 -48.51 3.08 32.15
CA GLY A 57 -47.58 3.17 31.05
C GLY A 57 -46.81 1.90 30.81
N LYS A 58 -46.92 0.92 31.71
CA LYS A 58 -46.24 -0.37 31.61
C LYS A 58 -46.94 -1.27 30.59
N THR A 59 -46.50 -2.52 30.53
CA THR A 59 -47.05 -3.53 29.63
C THR A 59 -47.15 -4.85 30.37
N PHE A 60 -48.32 -5.47 30.33
CA PHE A 60 -48.60 -6.71 31.04
C PHE A 60 -48.84 -7.85 30.06
N TYR A 61 -48.52 -9.06 30.51
CA TYR A 61 -48.74 -10.27 29.73
C TYR A 61 -49.96 -10.97 30.32
N VAL A 62 -50.91 -11.33 29.45
CA VAL A 62 -52.14 -11.95 29.91
C VAL A 62 -52.44 -13.18 29.07
N LEU A 63 -53.02 -14.18 29.72
CA LEU A 63 -53.48 -15.36 29.00
C LEU A 63 -54.60 -14.97 28.04
N PRO A 64 -54.60 -15.50 26.81
CA PRO A 64 -55.60 -15.06 25.83
C PRO A 64 -57.03 -15.45 26.20
N ASN A 65 -57.87 -14.46 26.50
CA ASN A 65 -59.24 -14.70 26.91
C ASN A 65 -60.25 -14.41 25.82
N ASP A 66 -59.97 -13.46 24.93
CA ASP A 66 -60.90 -13.09 23.88
C ASP A 66 -60.29 -13.51 22.57
N ASP A 67 -61.16 -13.84 21.61
CA ASP A 67 -60.67 -14.45 20.37
C ASP A 67 -59.70 -13.53 19.64
N THR A 68 -59.84 -12.22 19.82
CA THR A 68 -58.87 -11.28 19.28
C THR A 68 -57.48 -11.54 19.83
N LEU A 69 -57.38 -12.05 21.06
CA LEU A 69 -56.08 -12.39 21.63
C LEU A 69 -55.63 -13.79 21.27
N ARG A 70 -56.56 -14.73 21.06
CA ARG A 70 -56.17 -16.07 20.66
C ARG A 70 -55.45 -16.04 19.32
N VAL A 71 -56.00 -15.31 18.35
CA VAL A 71 -55.36 -15.23 17.05
C VAL A 71 -54.05 -14.44 17.14
N GLU A 72 -54.01 -13.43 18.01
CA GLU A 72 -52.77 -12.68 18.21
C GLU A 72 -51.68 -13.58 18.80
N ALA A 73 -52.03 -14.40 19.79
CA ALA A 73 -51.07 -15.29 20.42
C ALA A 73 -50.89 -16.60 19.66
N PHE A 74 -51.67 -16.82 18.60
CA PHE A 74 -51.45 -17.98 17.75
C PHE A 74 -50.54 -17.65 16.58
N GLU A 75 -50.59 -16.42 16.10
CA GLU A 75 -49.75 -16.00 14.99
C GLU A 75 -48.39 -15.50 15.45
N TYR A 76 -48.06 -15.70 16.72
CA TYR A 76 -46.75 -15.33 17.23
C TYR A 76 -46.08 -16.47 17.98
N TYR A 77 -46.85 -17.28 18.72
CA TYR A 77 -46.31 -18.43 19.42
C TYR A 77 -46.58 -19.74 18.69
N HIS A 78 -47.48 -19.70 17.69
CA HIS A 78 -47.84 -20.86 16.87
C HIS A 78 -48.33 -22.03 17.70
N THR A 79 -49.14 -21.74 18.71
CA THR A 79 -49.68 -22.77 19.57
C THR A 79 -51.16 -22.54 19.79
N THR A 80 -51.88 -23.64 20.00
CA THR A 80 -53.29 -23.61 20.37
C THR A 80 -53.49 -23.84 21.85
N ASP A 81 -52.48 -24.34 22.54
CA ASP A 81 -52.56 -24.71 23.94
C ASP A 81 -52.94 -23.52 24.81
N PRO A 82 -54.04 -23.58 25.56
CA PRO A 82 -54.36 -22.48 26.49
C PRO A 82 -53.28 -22.26 27.53
N SER A 83 -52.62 -23.33 27.98
CA SER A 83 -51.56 -23.24 28.98
C SER A 83 -50.18 -23.09 28.34
N PHE A 84 -50.01 -22.13 27.43
CA PHE A 84 -48.69 -21.82 26.91
C PHE A 84 -48.13 -20.54 27.53
N LEU A 85 -48.90 -19.45 27.49
CA LEU A 85 -48.45 -18.23 28.13
C LEU A 85 -48.32 -18.44 29.63
N GLY A 86 -49.16 -19.31 30.19
CA GLY A 86 -48.99 -19.66 31.60
C GLY A 86 -47.65 -20.32 31.86
N ARG A 87 -47.20 -21.16 30.92
CA ARG A 87 -45.91 -21.83 31.05
C ARG A 87 -44.76 -20.94 30.57
N TYR A 88 -44.92 -20.25 29.44
CA TYR A 88 -43.88 -19.35 28.97
C TYR A 88 -43.56 -18.28 30.02
N MET A 89 -44.60 -17.68 30.62
CA MET A 89 -44.37 -16.62 31.59
C MET A 89 -43.93 -17.17 32.94
N SER A 90 -44.37 -18.37 33.29
CA SER A 90 -43.93 -18.98 34.54
C SER A 90 -42.43 -19.31 34.50
N ALA A 91 -41.94 -19.73 33.33
CA ALA A 91 -40.53 -20.06 33.19
C ALA A 91 -39.66 -18.87 32.77
N LEU A 92 -40.23 -17.83 32.16
CA LEU A 92 -39.43 -16.68 31.79
C LEU A 92 -39.02 -15.85 32.99
N ASN A 93 -39.74 -15.98 34.11
CA ASN A 93 -39.35 -15.29 35.33
C ASN A 93 -38.00 -15.82 35.82
N HIS A 94 -37.72 -17.11 35.58
CA HIS A 94 -36.47 -17.70 36.03
C HIS A 94 -35.33 -17.44 35.03
N THR A 95 -35.58 -17.61 33.73
CA THR A 95 -34.51 -17.41 32.76
C THR A 95 -34.04 -15.97 32.75
N LYS A 96 -34.90 -15.02 33.11
CA LYS A 96 -34.48 -13.64 33.21
C LYS A 96 -33.50 -13.42 34.36
N LYS A 97 -33.52 -14.29 35.36
CA LYS A 97 -32.59 -14.22 36.48
C LYS A 97 -31.30 -14.96 36.21
N TRP A 98 -31.23 -15.74 35.13
CA TRP A 98 -29.99 -16.41 34.78
C TRP A 98 -28.99 -15.42 34.18
N LYS A 99 -27.77 -15.90 33.98
CA LYS A 99 -26.72 -15.14 33.31
C LYS A 99 -26.28 -15.89 32.07
N TYR A 100 -26.00 -15.13 31.00
CA TYR A 100 -25.69 -15.69 29.68
C TYR A 100 -24.29 -15.26 29.27
N PRO A 101 -23.25 -15.84 29.86
CA PRO A 101 -21.88 -15.44 29.52
C PRO A 101 -21.58 -15.64 28.04
N GLN A 102 -20.93 -14.65 27.45
CA GLN A 102 -20.41 -14.77 26.08
C GLN A 102 -19.05 -15.44 26.16
N VAL A 103 -18.98 -16.70 25.77
CA VAL A 103 -17.74 -17.48 25.81
C VAL A 103 -17.41 -17.98 24.40
N ASN A 104 -16.16 -17.77 23.98
CA ASN A 104 -15.67 -18.19 22.66
C ASN A 104 -16.61 -17.69 21.56
N GLY A 105 -16.95 -16.41 21.64
CA GLY A 105 -17.82 -15.82 20.64
C GLY A 105 -19.19 -16.47 20.58
N LEU A 106 -19.64 -17.09 21.67
CA LEU A 106 -20.92 -17.78 21.70
C LEU A 106 -21.66 -17.44 22.99
N THR A 107 -22.99 -17.39 22.90
CA THR A 107 -23.84 -17.07 24.04
C THR A 107 -24.23 -18.38 24.73
N SER A 108 -23.70 -18.59 25.92
CA SER A 108 -23.97 -19.77 26.73
C SER A 108 -24.85 -19.38 27.92
N ILE A 109 -25.08 -20.33 28.82
CA ILE A 109 -25.91 -20.11 30.00
C ILE A 109 -25.11 -20.55 31.21
N LYS A 110 -24.96 -19.66 32.18
CA LYS A 110 -24.31 -20.04 33.43
C LYS A 110 -25.23 -20.98 34.21
N TRP A 111 -24.62 -22.02 34.78
CA TRP A 111 -25.38 -23.10 35.42
C TRP A 111 -26.28 -22.59 36.54
N ALA A 112 -27.55 -22.99 36.48
CA ALA A 112 -28.55 -22.72 37.52
C ALA A 112 -29.80 -23.53 37.21
N ASP A 113 -30.38 -24.14 38.25
CA ASP A 113 -31.62 -24.94 38.14
C ASP A 113 -31.47 -26.07 37.12
N ASN A 114 -30.30 -26.71 37.12
CA ASN A 114 -30.02 -27.87 36.26
C ASN A 114 -30.27 -27.56 34.78
N ASN A 115 -29.76 -26.40 34.33
CA ASN A 115 -29.93 -25.94 32.96
C ASN A 115 -28.88 -26.49 32.01
N CYS A 116 -28.27 -27.64 32.35
CA CYS A 116 -27.13 -28.13 31.58
C CYS A 116 -27.50 -28.31 30.10
N TYR A 117 -28.67 -28.90 29.83
CA TYR A 117 -29.04 -29.20 28.45
C TYR A 117 -29.35 -27.94 27.64
N LEU A 118 -29.85 -26.89 28.30
CA LEU A 118 -30.12 -25.65 27.56
C LEU A 118 -28.84 -24.95 27.14
N ALA A 119 -27.73 -25.23 27.81
CA ALA A 119 -26.46 -24.66 27.39
C ALA A 119 -26.03 -25.24 26.05
N THR A 120 -25.91 -26.56 25.98
CA THR A 120 -25.50 -27.21 24.74
C THR A 120 -26.50 -26.97 23.62
N ALA A 121 -27.79 -27.00 23.94
CA ALA A 121 -28.81 -26.75 22.92
C ALA A 121 -28.68 -25.34 22.34
N LEU A 122 -28.53 -24.33 23.20
CA LEU A 122 -28.40 -22.96 22.72
C LEU A 122 -27.08 -22.75 21.99
N LEU A 123 -25.99 -23.30 22.51
CA LEU A 123 -24.70 -23.17 21.82
C LEU A 123 -24.69 -23.93 20.50
N THR A 124 -25.36 -25.07 20.41
CA THR A 124 -25.42 -25.77 19.14
C THR A 124 -26.21 -24.99 18.10
N LEU A 125 -27.24 -24.27 18.53
CA LEU A 125 -28.06 -23.54 17.57
C LEU A 125 -27.28 -22.41 16.92
N GLN A 126 -26.30 -21.85 17.62
CA GLN A 126 -25.52 -20.77 17.05
C GLN A 126 -24.47 -21.27 16.08
N GLN A 127 -24.34 -22.59 15.92
CA GLN A 127 -23.30 -23.18 15.07
C GLN A 127 -23.85 -23.88 13.84
N ILE A 128 -25.07 -24.41 13.89
CA ILE A 128 -25.69 -25.02 12.73
C ILE A 128 -26.66 -24.01 12.13
N GLU A 129 -27.12 -24.27 10.91
CA GLU A 129 -28.01 -23.37 10.21
C GLU A 129 -29.46 -23.72 10.51
N LEU A 130 -30.12 -22.88 11.30
CA LEU A 130 -31.53 -23.06 11.61
C LEU A 130 -32.24 -21.72 11.47
N LYS A 131 -33.42 -21.75 10.87
CA LYS A 131 -34.28 -20.58 10.76
C LYS A 131 -35.64 -20.98 11.29
N PHE A 132 -36.10 -20.28 12.32
CA PHE A 132 -37.32 -20.68 13.00
C PHE A 132 -38.56 -20.11 12.31
N ASN A 133 -39.63 -20.90 12.30
CA ASN A 133 -40.87 -20.52 11.66
C ASN A 133 -41.70 -19.63 12.59
N PRO A 134 -41.87 -19.95 13.88
CA PRO A 134 -42.61 -19.04 14.76
C PRO A 134 -41.96 -17.67 14.86
N PRO A 135 -42.76 -16.61 14.80
CA PRO A 135 -42.21 -15.27 15.08
C PRO A 135 -41.71 -15.08 16.51
N ALA A 136 -42.22 -15.85 17.48
CA ALA A 136 -41.70 -15.72 18.84
C ALA A 136 -40.26 -16.21 18.92
N LEU A 137 -39.98 -17.33 18.28
CA LEU A 137 -38.62 -17.83 18.21
C LEU A 137 -37.78 -16.93 17.30
N GLN A 138 -38.43 -16.37 16.27
CA GLN A 138 -37.74 -15.51 15.31
C GLN A 138 -37.15 -14.28 15.97
N ASP A 139 -37.94 -13.61 16.82
CA ASP A 139 -37.48 -12.41 17.51
C ASP A 139 -36.79 -12.69 18.83
N ALA A 140 -36.79 -13.93 19.30
CA ALA A 140 -36.07 -14.26 20.53
C ALA A 140 -34.73 -14.93 20.28
N TYR A 141 -34.59 -15.62 19.15
CA TYR A 141 -33.27 -16.10 18.74
C TYR A 141 -32.38 -14.92 18.37
N TYR A 142 -32.93 -13.95 17.63
CA TYR A 142 -32.18 -12.74 17.31
C TYR A 142 -31.60 -12.11 18.56
N ARG A 143 -32.42 -11.97 19.60
CA ARG A 143 -31.94 -11.42 20.86
C ARG A 143 -30.92 -12.35 21.52
N ALA A 144 -31.10 -13.66 21.36
CA ALA A 144 -30.18 -14.63 21.97
C ALA A 144 -28.78 -14.52 21.38
N ARG A 145 -28.68 -14.26 20.07
CA ARG A 145 -27.37 -14.15 19.44
C ARG A 145 -26.67 -12.84 19.78
N ALA A 146 -27.35 -11.93 20.46
CA ALA A 146 -26.77 -10.66 20.88
C ALA A 146 -26.35 -10.67 22.34
N GLY A 147 -26.31 -11.86 22.95
CA GLY A 147 -25.84 -12.01 24.31
C GLY A 147 -26.92 -12.06 25.36
N GLU A 148 -28.19 -11.83 24.99
CA GLU A 148 -29.29 -11.85 25.95
C GLU A 148 -30.36 -12.83 25.47
N ALA A 149 -30.38 -14.01 26.07
CA ALA A 149 -31.31 -15.08 25.72
C ALA A 149 -32.33 -15.37 26.80
N ALA A 150 -32.72 -14.36 27.59
CA ALA A 150 -33.69 -14.59 28.65
C ALA A 150 -35.01 -15.10 28.10
N ASN A 151 -35.51 -14.45 27.05
CA ASN A 151 -36.78 -14.88 26.46
C ASN A 151 -36.62 -16.20 25.73
N PHE A 152 -35.49 -16.41 25.06
CA PHE A 152 -35.32 -17.61 24.22
C PHE A 152 -35.45 -18.90 25.03
N CYS A 153 -34.75 -18.99 26.16
CA CYS A 153 -34.78 -20.23 26.94
C CYS A 153 -36.14 -20.48 27.57
N ALA A 154 -36.95 -19.43 27.71
CA ALA A 154 -38.32 -19.62 28.20
C ALA A 154 -39.21 -20.29 27.16
N LEU A 155 -39.10 -19.88 25.89
CA LEU A 155 -39.89 -20.55 24.85
C LEU A 155 -39.56 -22.03 24.78
N ILE A 156 -38.27 -22.37 24.83
CA ILE A 156 -37.84 -23.76 24.76
C ILE A 156 -38.40 -24.54 25.94
N LEU A 157 -38.46 -23.91 27.11
CA LEU A 157 -39.04 -24.54 28.27
C LEU A 157 -40.55 -24.70 28.15
N ALA A 158 -41.19 -23.96 27.24
CA ALA A 158 -42.61 -24.15 26.97
C ALA A 158 -42.88 -25.04 25.78
N TYR A 159 -42.10 -24.90 24.70
CA TYR A 159 -42.30 -25.73 23.52
C TYR A 159 -41.97 -27.20 23.81
N CYS A 160 -41.05 -27.44 24.75
CA CYS A 160 -40.76 -28.78 25.23
C CYS A 160 -41.55 -29.16 26.47
N ASN A 161 -42.39 -28.24 26.98
CA ASN A 161 -43.26 -28.49 28.13
C ASN A 161 -42.48 -28.90 29.37
N LYS A 162 -41.21 -28.49 29.46
CA LYS A 162 -40.43 -28.76 30.65
C LYS A 162 -40.55 -27.61 31.63
N THR A 163 -40.40 -27.91 32.91
CA THR A 163 -40.46 -26.89 33.95
C THR A 163 -39.06 -26.49 34.38
N VAL A 164 -38.93 -25.25 34.83
CA VAL A 164 -37.65 -24.74 35.32
C VAL A 164 -37.17 -25.61 36.48
N GLY A 165 -36.06 -26.31 36.26
CA GLY A 165 -35.53 -27.25 37.21
C GLY A 165 -35.62 -28.69 36.73
N GLU A 166 -36.67 -29.02 35.97
CA GLU A 166 -36.82 -30.34 35.38
C GLU A 166 -35.62 -30.65 34.49
N LEU A 167 -34.83 -31.65 34.86
CA LEU A 167 -33.70 -32.06 34.04
C LEU A 167 -34.19 -32.47 32.66
N GLY A 168 -33.35 -32.27 31.65
CA GLY A 168 -33.79 -32.48 30.29
C GLY A 168 -32.75 -33.19 29.45
N ASP A 169 -33.21 -33.60 28.27
CA ASP A 169 -32.43 -34.38 27.33
C ASP A 169 -32.18 -33.57 26.07
N VAL A 170 -30.93 -33.55 25.60
CA VAL A 170 -30.57 -32.79 24.42
C VAL A 170 -31.06 -33.48 23.14
N ARG A 171 -31.00 -34.81 23.09
CA ARG A 171 -31.44 -35.52 21.89
C ARG A 171 -32.92 -35.24 21.63
N GLU A 172 -33.74 -35.21 22.70
CA GLU A 172 -35.16 -34.91 22.58
C GLU A 172 -35.46 -33.42 22.51
N THR A 173 -34.69 -32.58 23.23
CA THR A 173 -34.96 -31.15 23.27
C THR A 173 -34.84 -30.51 21.90
N MET A 174 -33.88 -30.97 21.10
CA MET A 174 -33.72 -30.45 19.74
C MET A 174 -34.77 -30.99 18.79
N SER A 175 -35.49 -32.05 19.16
CA SER A 175 -36.55 -32.56 18.30
C SER A 175 -37.75 -31.61 18.26
N TYR A 176 -38.00 -30.86 19.33
CA TYR A 176 -39.13 -29.94 19.32
C TYR A 176 -38.82 -28.66 18.57
N LEU A 177 -37.60 -28.16 18.66
CA LEU A 177 -37.23 -26.98 17.91
C LEU A 177 -37.25 -27.24 16.42
N PHE A 178 -36.89 -28.47 16.01
CA PHE A 178 -36.80 -28.78 14.59
C PHE A 178 -38.18 -28.85 13.95
N GLN A 179 -39.20 -29.27 14.69
CA GLN A 179 -40.56 -29.23 14.15
C GLN A 179 -41.09 -27.80 14.04
N HIS A 180 -40.45 -26.85 14.71
CA HIS A 180 -40.79 -25.44 14.62
C HIS A 180 -39.71 -24.66 13.89
N ALA A 181 -39.12 -25.29 12.88
CA ALA A 181 -38.05 -24.72 12.09
C ALA A 181 -38.30 -25.01 10.62
N ASN A 182 -37.68 -24.22 9.75
CA ASN A 182 -37.89 -24.33 8.31
C ASN A 182 -37.13 -25.55 7.78
N LEU A 183 -37.77 -26.72 7.93
CA LEU A 183 -37.28 -27.96 7.34
C LEU A 183 -38.31 -28.42 6.31
N ASP A 184 -38.20 -27.86 5.12
CA ASP A 184 -39.07 -28.22 4.00
C ASP A 184 -38.30 -28.78 2.82
N SER A 185 -37.16 -28.17 2.49
CA SER A 185 -36.28 -28.64 1.42
C SER A 185 -35.26 -29.65 1.93
N CYS A 186 -35.57 -30.38 3.00
CA CYS A 186 -34.70 -31.40 3.53
C CYS A 186 -35.28 -32.77 3.18
N LYS A 187 -34.47 -33.61 2.55
CA LYS A 187 -34.93 -34.93 2.14
C LYS A 187 -33.78 -35.91 2.27
N ARG A 188 -34.06 -37.06 2.86
CA ARG A 188 -33.11 -38.13 3.07
C ARG A 188 -33.67 -39.39 2.44
N VAL A 189 -32.85 -40.09 1.66
CA VAL A 189 -33.26 -41.36 1.09
C VAL A 189 -32.34 -42.42 1.68
N LEU A 190 -32.92 -43.37 2.38
CA LEU A 190 -32.16 -44.47 2.92
C LEU A 190 -32.42 -45.69 2.07
N ASN A 191 -31.53 -46.66 2.19
CA ASN A 191 -31.72 -47.90 1.48
C ASN A 191 -31.30 -49.00 2.44
N VAL A 192 -32.05 -50.09 2.44
CA VAL A 192 -31.81 -51.21 3.34
C VAL A 192 -31.66 -52.44 2.48
N VAL A 193 -30.67 -53.28 2.80
CA VAL A 193 -30.34 -54.45 2.00
C VAL A 193 -30.22 -55.66 2.91
N CYS A 194 -31.07 -56.67 2.67
CA CYS A 194 -31.00 -57.97 3.31
C CYS A 194 -30.50 -59.02 2.34
N LYS A 195 -29.65 -59.92 2.87
CA LYS A 195 -29.02 -60.94 2.03
C LYS A 195 -30.05 -61.73 1.23
N THR A 196 -31.23 -62.02 1.82
CA THR A 196 -32.22 -62.85 1.14
C THR A 196 -33.46 -62.10 0.63
N CYS A 197 -33.72 -60.88 1.08
CA CYS A 197 -34.94 -60.19 0.64
C CYS A 197 -34.67 -59.22 -0.49
N GLY A 198 -33.41 -58.90 -0.74
CA GLY A 198 -33.10 -57.86 -1.70
C GLY A 198 -32.91 -56.54 -1.00
N GLN A 199 -33.71 -55.55 -1.39
CA GLN A 199 -33.53 -54.20 -0.87
C GLN A 199 -34.83 -53.44 -0.91
N GLN A 200 -34.96 -52.46 -0.02
CA GLN A 200 -36.08 -51.53 -0.05
C GLN A 200 -35.53 -50.13 0.17
N GLN A 201 -36.04 -49.19 -0.61
CA GLN A 201 -35.63 -47.79 -0.54
C GLN A 201 -36.68 -47.00 0.22
N THR A 202 -36.26 -46.28 1.26
CA THR A 202 -37.14 -45.41 2.01
C THR A 202 -36.69 -43.97 1.81
N THR A 203 -37.66 -43.09 1.58
CA THR A 203 -37.37 -41.67 1.39
C THR A 203 -38.24 -40.87 2.35
N LEU A 204 -37.61 -40.16 3.25
CA LEU A 204 -38.27 -39.36 4.28
C LEU A 204 -37.76 -37.93 4.25
N LYS A 205 -38.67 -36.97 4.39
CA LYS A 205 -38.34 -35.55 4.32
C LYS A 205 -38.79 -34.85 5.60
N GLY A 206 -38.10 -33.76 5.93
CA GLY A 206 -38.46 -32.97 7.09
C GLY A 206 -37.64 -33.25 8.33
N VAL A 207 -38.31 -33.29 9.49
CA VAL A 207 -37.62 -33.38 10.78
C VAL A 207 -36.76 -34.64 10.84
N GLU A 208 -37.24 -35.73 10.24
CA GLU A 208 -36.51 -36.99 10.32
C GLU A 208 -35.35 -37.08 9.34
N ALA A 209 -35.12 -36.06 8.53
CA ALA A 209 -34.02 -36.07 7.57
C ALA A 209 -32.77 -35.44 8.13
N VAL A 210 -32.81 -34.97 9.38
CA VAL A 210 -31.63 -34.44 10.07
C VAL A 210 -31.34 -35.18 11.35
N MET A 211 -32.25 -36.01 11.84
CA MET A 211 -32.10 -36.72 13.10
C MET A 211 -31.87 -38.20 12.81
N TYR A 212 -30.90 -38.80 13.51
CA TYR A 212 -30.76 -40.25 13.45
C TYR A 212 -30.17 -40.75 14.76
N MET A 213 -30.68 -41.89 15.21
CA MET A 213 -30.22 -42.55 16.43
C MET A 213 -29.76 -43.95 16.06
N GLY A 214 -28.48 -44.23 16.29
CA GLY A 214 -27.94 -45.54 15.97
C GLY A 214 -26.47 -45.55 15.61
N THR A 215 -25.91 -44.37 15.34
CA THR A 215 -24.47 -44.20 15.21
C THR A 215 -24.16 -42.70 15.22
N LEU A 216 -23.00 -42.36 15.80
CA LEU A 216 -22.61 -40.96 15.84
C LEU A 216 -21.71 -40.59 14.66
N SER A 217 -21.06 -41.58 14.05
CA SER A 217 -20.19 -41.34 12.91
C SER A 217 -21.03 -41.19 11.65
N TYR A 218 -21.08 -39.98 11.11
CA TYR A 218 -21.73 -39.77 9.83
C TYR A 218 -21.05 -40.62 8.77
N GLU A 219 -19.72 -40.67 8.81
CA GLU A 219 -18.96 -41.46 7.84
C GLU A 219 -19.47 -42.89 7.79
N GLN A 220 -19.93 -43.43 8.92
CA GLN A 220 -20.52 -44.76 8.92
C GLN A 220 -21.86 -44.80 8.23
N PHE A 221 -22.68 -43.77 8.40
CA PHE A 221 -24.01 -43.76 7.79
C PHE A 221 -23.92 -43.99 6.29
N LYS A 222 -22.88 -43.47 5.65
CA LYS A 222 -22.67 -43.78 4.23
C LYS A 222 -22.28 -45.23 4.03
N LYS A 223 -21.48 -45.78 4.95
CA LYS A 223 -21.04 -47.16 4.81
C LYS A 223 -22.13 -48.15 5.21
N GLY A 224 -22.95 -47.82 6.19
CA GLY A 224 -23.99 -48.75 6.60
C GLY A 224 -23.99 -49.10 8.08
N VAL A 225 -25.18 -49.30 8.64
CA VAL A 225 -25.37 -49.76 10.01
C VAL A 225 -26.36 -50.92 9.94
N GLN A 226 -26.16 -51.90 10.82
CA GLN A 226 -26.86 -53.18 10.72
C GLN A 226 -28.08 -53.19 11.63
N ILE A 227 -29.20 -53.63 11.08
CA ILE A 227 -30.48 -53.66 11.80
C ILE A 227 -31.14 -55.01 11.55
N PRO A 228 -32.03 -55.42 12.46
CA PRO A 228 -32.74 -56.68 12.26
C PRO A 228 -33.62 -56.61 11.03
N CYS A 229 -33.71 -57.72 10.32
CA CYS A 229 -34.59 -57.85 9.17
C CYS A 229 -35.88 -58.57 9.52
N THR A 230 -36.81 -58.51 8.57
CA THR A 230 -38.13 -59.12 8.71
C THR A 230 -38.09 -60.62 8.46
N CYS A 231 -36.93 -61.17 8.14
CA CYS A 231 -36.76 -62.61 7.97
C CYS A 231 -36.31 -63.28 9.25
N GLY A 232 -35.49 -62.59 10.03
CA GLY A 232 -34.95 -63.09 11.27
C GLY A 232 -33.46 -62.85 11.21
N LYS A 233 -33.04 -62.42 10.02
CA LYS A 233 -31.67 -62.17 9.65
C LYS A 233 -31.29 -60.69 9.80
N GLN A 234 -30.13 -60.35 9.25
CA GLN A 234 -29.52 -59.04 9.35
C GLN A 234 -29.70 -58.22 8.09
N ALA A 235 -30.10 -56.97 8.26
CA ALA A 235 -30.15 -56.02 7.16
C ALA A 235 -29.00 -55.04 7.25
N THR A 236 -28.78 -54.30 6.18
CA THR A 236 -27.77 -53.24 6.13
C THR A 236 -28.45 -51.98 5.61
N LYS A 237 -28.42 -50.92 6.42
CA LYS A 237 -29.03 -49.64 6.07
C LYS A 237 -27.94 -48.62 5.82
N TYR A 238 -28.06 -47.86 4.74
CA TYR A 238 -27.03 -46.87 4.41
C TYR A 238 -27.66 -45.66 3.73
N LEU A 239 -26.96 -44.53 3.84
CA LEU A 239 -27.42 -43.27 3.29
C LEU A 239 -27.11 -43.19 1.80
N VAL A 240 -28.15 -42.99 1.00
CA VAL A 240 -28.00 -42.82 -0.45
C VAL A 240 -27.83 -41.35 -0.83
N GLN A 241 -28.69 -40.48 -0.32
CA GLN A 241 -28.72 -39.07 -0.69
C GLN A 241 -29.17 -38.28 0.53
N GLN A 242 -28.58 -37.09 0.72
CA GLN A 242 -28.90 -36.22 1.84
C GLN A 242 -28.81 -34.78 1.38
N GLU A 243 -29.92 -34.05 1.48
CA GLU A 243 -29.97 -32.64 1.13
C GLU A 243 -30.46 -31.88 2.36
N SER A 244 -29.53 -31.24 3.06
CA SER A 244 -29.85 -30.54 4.29
C SER A 244 -28.66 -29.70 4.77
N PRO A 245 -28.91 -28.53 5.38
CA PRO A 245 -27.79 -27.70 5.82
C PRO A 245 -26.93 -28.35 6.90
N PHE A 246 -27.44 -29.36 7.58
CA PHE A 246 -26.72 -30.05 8.64
C PHE A 246 -27.33 -31.42 8.83
N VAL A 247 -26.73 -32.20 9.72
CA VAL A 247 -27.26 -33.51 10.12
C VAL A 247 -26.96 -33.72 11.59
N MET A 248 -27.91 -34.31 12.30
CA MET A 248 -27.76 -34.71 13.69
C MET A 248 -27.62 -36.22 13.77
N MET A 249 -26.50 -36.68 14.30
CA MET A 249 -26.28 -38.08 14.60
C MET A 249 -26.21 -38.22 16.12
N SER A 250 -26.98 -39.16 16.66
CA SER A 250 -27.08 -39.34 18.10
C SER A 250 -27.05 -40.82 18.43
N ALA A 251 -26.65 -41.10 19.67
CA ALA A 251 -26.53 -42.47 20.16
C ALA A 251 -26.46 -42.41 21.68
N PRO A 252 -26.73 -43.53 22.36
CA PRO A 252 -26.63 -43.54 23.81
C PRO A 252 -25.22 -43.18 24.26
N PRO A 253 -25.08 -42.54 25.42
CA PRO A 253 -23.76 -42.05 25.84
C PRO A 253 -22.73 -43.17 25.88
N ALA A 254 -21.55 -42.88 25.38
CA ALA A 254 -20.49 -43.87 25.28
C ALA A 254 -19.20 -43.18 24.93
N GLN A 255 -18.09 -43.82 25.30
CA GLN A 255 -16.78 -43.25 25.01
C GLN A 255 -16.56 -43.22 23.51
N TYR A 256 -16.47 -42.00 22.98
CA TYR A 256 -16.27 -41.74 21.57
C TYR A 256 -15.14 -40.73 21.47
N GLU A 257 -14.36 -40.85 20.40
CA GLU A 257 -13.24 -39.96 20.20
C GLU A 257 -13.62 -38.98 19.10
N LEU A 258 -13.47 -37.70 19.37
CA LEU A 258 -13.76 -36.66 18.39
C LEU A 258 -12.43 -36.15 17.87
N LYS A 259 -12.38 -35.86 16.58
CA LYS A 259 -11.17 -35.39 15.95
C LYS A 259 -11.42 -34.01 15.34
N HIS A 260 -10.38 -33.19 15.34
CA HIS A 260 -10.51 -31.83 14.85
C HIS A 260 -11.00 -31.82 13.41
N GLY A 261 -11.90 -30.89 13.11
CA GLY A 261 -12.40 -30.68 11.77
C GLY A 261 -13.19 -31.85 11.22
N THR A 262 -13.53 -32.82 12.08
CA THR A 262 -14.32 -33.97 11.67
C THR A 262 -15.81 -33.74 11.88
N PHE A 263 -16.16 -32.77 12.72
CA PHE A 263 -17.56 -32.49 13.07
C PHE A 263 -17.72 -30.98 13.10
N THR A 264 -18.87 -30.52 13.59
CA THR A 264 -19.11 -29.11 13.84
C THR A 264 -19.22 -28.83 15.33
N CYS A 265 -20.02 -29.61 16.03
CA CYS A 265 -20.08 -29.55 17.49
C CYS A 265 -20.72 -30.83 17.99
N ALA A 266 -20.51 -31.11 19.28
CA ALA A 266 -20.99 -32.34 19.89
C ALA A 266 -21.39 -32.04 21.33
N SER A 267 -21.96 -33.04 21.98
CA SER A 267 -22.43 -32.93 23.35
C SER A 267 -22.03 -34.18 24.09
N GLU A 268 -21.70 -34.03 25.37
CA GLU A 268 -21.22 -35.13 26.17
C GLU A 268 -22.11 -35.30 27.39
N TYR A 269 -22.36 -36.54 27.75
CA TYR A 269 -23.19 -36.87 28.90
C TYR A 269 -22.33 -37.64 29.89
N THR A 270 -21.63 -36.89 30.73
CA THR A 270 -20.87 -37.46 31.83
C THR A 270 -21.80 -37.53 33.04
N GLY A 271 -22.30 -38.71 33.34
CA GLY A 271 -23.13 -38.89 34.51
C GLY A 271 -23.92 -40.18 34.44
N ASN A 272 -24.73 -40.36 35.48
CA ASN A 272 -25.46 -41.60 35.68
C ASN A 272 -26.82 -41.54 35.01
N TYR A 273 -27.47 -42.69 34.96
CA TYR A 273 -28.77 -42.79 34.33
C TYR A 273 -29.81 -42.05 35.15
N GLN A 274 -30.39 -41.00 34.56
CA GLN A 274 -31.47 -40.19 35.12
C GLN A 274 -30.96 -39.18 36.13
N CYS A 275 -29.64 -38.97 36.19
CA CYS A 275 -29.05 -37.86 36.93
C CYS A 275 -27.68 -37.61 36.29
N GLY A 276 -27.56 -36.48 35.59
CA GLY A 276 -26.36 -36.22 34.81
C GLY A 276 -26.06 -34.76 34.55
N HIS A 277 -25.16 -34.52 33.61
CA HIS A 277 -24.69 -33.17 33.30
C HIS A 277 -24.17 -33.17 31.87
N TYR A 278 -24.50 -32.12 31.12
CA TYR A 278 -24.14 -32.00 29.72
C TYR A 278 -22.99 -31.02 29.54
N LYS A 279 -22.08 -31.35 28.64
CA LYS A 279 -21.00 -30.47 28.24
C LYS A 279 -21.00 -30.37 26.72
N HIS A 280 -20.48 -29.26 26.21
CA HIS A 280 -20.52 -28.95 24.79
C HIS A 280 -19.11 -28.91 24.24
N ILE A 281 -18.89 -29.59 23.11
CA ILE A 281 -17.62 -29.62 22.43
C ILE A 281 -17.84 -29.07 21.04
N THR A 282 -17.00 -28.14 20.61
CA THR A 282 -17.15 -27.49 19.33
C THR A 282 -15.81 -27.49 18.61
N SER A 283 -15.87 -27.67 17.28
CA SER A 283 -14.66 -27.76 16.47
C SER A 283 -14.37 -26.39 15.88
N LYS A 284 -13.70 -25.58 16.68
CA LYS A 284 -13.08 -24.33 16.24
C LYS A 284 -11.67 -24.71 15.78
N GLU A 285 -10.76 -23.74 15.69
CA GLU A 285 -9.38 -24.07 15.35
C GLU A 285 -8.85 -25.25 16.17
N THR A 286 -9.26 -25.35 17.43
CA THR A 286 -8.92 -26.49 18.28
C THR A 286 -10.11 -26.82 19.18
N LEU A 287 -10.26 -28.10 19.49
CA LEU A 287 -11.41 -28.59 20.24
C LEU A 287 -11.64 -27.81 21.53
N TYR A 288 -12.77 -27.10 21.60
CA TYR A 288 -13.17 -26.35 22.78
C TYR A 288 -14.29 -27.11 23.49
N CYS A 289 -14.20 -27.18 24.81
CA CYS A 289 -15.22 -27.82 25.64
C CYS A 289 -15.89 -26.71 26.43
N ILE A 290 -17.14 -26.44 26.10
CA ILE A 290 -17.90 -25.35 26.71
C ILE A 290 -18.89 -25.94 27.70
N ASP A 291 -18.63 -25.69 28.98
CA ASP A 291 -19.41 -26.17 30.12
C ASP A 291 -20.28 -25.07 30.69
N GLY A 292 -20.99 -24.35 29.84
CA GLY A 292 -21.73 -23.20 30.33
C GLY A 292 -20.85 -21.98 30.43
N ALA A 293 -20.48 -21.56 31.65
CA ALA A 293 -19.66 -20.38 31.81
C ALA A 293 -18.17 -20.68 31.92
N LEU A 294 -17.77 -21.95 31.85
CA LEU A 294 -16.36 -22.33 31.89
C LEU A 294 -15.95 -22.85 30.52
N LEU A 295 -14.77 -22.44 30.05
CA LEU A 295 -14.27 -22.83 28.74
C LEU A 295 -12.89 -23.46 28.90
N THR A 296 -12.71 -24.65 28.33
CA THR A 296 -11.43 -25.35 28.37
C THR A 296 -11.15 -26.00 27.02
N LYS A 297 -10.00 -25.69 26.43
CA LYS A 297 -9.56 -26.25 25.17
C LYS A 297 -8.61 -27.43 25.38
N SER A 298 -8.54 -28.28 24.36
CA SER A 298 -7.64 -29.43 24.37
C SER A 298 -7.30 -29.78 22.94
N SER A 299 -6.20 -30.52 22.77
CA SER A 299 -5.78 -30.98 21.44
C SER A 299 -6.72 -32.07 20.92
N GLU A 300 -7.00 -33.09 21.72
CA GLU A 300 -7.91 -34.16 21.37
C GLU A 300 -9.00 -34.27 22.45
N TYR A 301 -10.12 -34.89 22.11
CA TYR A 301 -11.23 -35.08 23.05
C TYR A 301 -11.73 -36.51 22.97
N LYS A 302 -11.46 -37.29 24.02
CA LYS A 302 -12.02 -38.62 24.21
C LYS A 302 -12.96 -38.55 25.40
N GLY A 303 -14.24 -38.81 25.17
CA GLY A 303 -15.22 -38.67 26.22
C GLY A 303 -16.58 -39.28 25.94
N PRO A 304 -17.50 -39.18 26.91
CA PRO A 304 -18.85 -39.78 26.79
C PRO A 304 -19.78 -38.95 25.92
N ILE A 305 -19.52 -38.97 24.62
CA ILE A 305 -20.25 -38.14 23.68
C ILE A 305 -21.54 -38.84 23.28
N THR A 306 -22.63 -38.09 23.25
CA THR A 306 -23.94 -38.66 22.92
C THR A 306 -24.52 -38.14 21.62
N ASP A 307 -24.27 -36.88 21.26
CA ASP A 307 -24.80 -36.28 20.04
C ASP A 307 -23.66 -35.62 19.28
N VAL A 308 -23.66 -35.81 17.96
CA VAL A 308 -22.67 -35.18 17.09
C VAL A 308 -23.39 -34.54 15.92
N PHE A 309 -23.02 -33.31 15.60
CA PHE A 309 -23.62 -32.54 14.51
C PHE A 309 -22.61 -32.38 13.38
N TYR A 310 -23.03 -32.73 12.16
CA TYR A 310 -22.21 -32.55 10.98
C TYR A 310 -22.86 -31.56 10.02
N LYS A 311 -22.03 -30.76 9.37
CA LYS A 311 -22.48 -29.77 8.39
C LYS A 311 -22.57 -30.41 7.00
N GLU A 312 -23.66 -30.13 6.30
CA GLU A 312 -23.88 -30.70 4.98
C GLU A 312 -24.51 -29.68 4.04
N ASN A 313 -24.31 -29.90 2.74
CA ASN A 313 -25.04 -29.15 1.72
C ASN A 313 -25.86 -30.09 0.84
N SER A 314 -25.21 -31.09 0.24
CA SER A 314 -25.85 -32.08 -0.62
C SER A 314 -24.85 -33.20 -0.87
N TYR A 315 -25.33 -34.44 -0.81
CA TYR A 315 -24.47 -35.61 -0.92
C TYR A 315 -25.20 -36.72 -1.65
N THR A 316 -24.47 -37.45 -2.48
CA THR A 316 -24.98 -38.58 -3.24
C THR A 316 -24.04 -39.75 -3.00
N THR A 317 -24.57 -40.89 -2.58
CA THR A 317 -23.70 -41.99 -2.20
C THR A 317 -22.97 -42.53 -3.42
N THR A 318 -21.78 -43.08 -3.17
CA THR A 318 -20.94 -43.69 -4.21
C THR A 318 -21.09 -45.20 -4.29
N ILE A 319 -22.15 -45.76 -3.70
CA ILE A 319 -22.28 -47.20 -3.56
C ILE A 319 -23.14 -47.69 -4.72
N LYS A 320 -22.48 -48.27 -5.71
CA LYS A 320 -23.12 -48.73 -6.95
C LYS A 320 -23.90 -50.02 -6.72
N VAL B 7 26.77 -51.47 3.40
CA VAL B 7 26.39 -50.34 4.22
C VAL B 7 26.86 -49.02 3.59
N ARG B 8 25.98 -48.42 2.79
CA ARG B 8 26.25 -47.13 2.16
C ARG B 8 25.54 -46.03 2.92
N THR B 9 26.20 -44.88 3.04
CA THR B 9 25.69 -43.78 3.83
C THR B 9 25.69 -42.50 3.00
N ILE B 10 24.96 -41.50 3.52
CA ILE B 10 24.86 -40.18 2.92
C ILE B 10 24.66 -39.20 4.06
N LYS B 11 25.12 -37.96 3.86
CA LYS B 11 24.99 -36.92 4.86
C LYS B 11 23.80 -36.05 4.48
N VAL B 12 22.82 -35.94 5.38
CA VAL B 12 21.60 -35.21 5.11
C VAL B 12 21.19 -34.48 6.39
N PHE B 13 20.48 -33.37 6.21
CA PHE B 13 20.13 -32.47 7.31
C PHE B 13 18.67 -32.64 7.70
N THR B 14 18.43 -32.90 8.98
CA THR B 14 17.09 -32.91 9.54
C THR B 14 16.84 -31.61 10.30
N THR B 15 15.66 -31.02 10.10
CA THR B 15 15.29 -29.83 10.85
C THR B 15 13.79 -29.84 11.10
N VAL B 16 13.35 -28.94 11.98
CA VAL B 16 11.94 -28.72 12.24
C VAL B 16 11.51 -27.29 11.94
N ASP B 17 12.45 -26.35 11.88
CA ASP B 17 12.15 -24.94 11.67
C ASP B 17 12.92 -24.35 10.51
N ASN B 18 13.83 -25.12 9.89
CA ASN B 18 14.71 -24.65 8.83
C ASN B 18 15.52 -23.44 9.29
N ILE B 19 15.88 -23.43 10.58
CA ILE B 19 16.87 -22.51 11.13
C ILE B 19 18.06 -23.28 11.71
N ASN B 20 17.77 -24.31 12.49
CA ASN B 20 18.78 -25.17 13.09
C ASN B 20 18.73 -26.52 12.39
N LEU B 21 19.81 -26.86 11.69
CA LEU B 21 19.89 -28.12 10.97
C LEU B 21 20.73 -29.10 11.78
N HIS B 22 20.24 -30.32 11.91
CA HIS B 22 20.98 -31.39 12.57
C HIS B 22 21.44 -32.38 11.52
N THR B 23 22.73 -32.68 11.51
CA THR B 23 23.29 -33.60 10.53
C THR B 23 23.05 -35.04 10.97
N GLN B 24 22.60 -35.86 10.04
CA GLN B 24 22.36 -37.27 10.33
C GLN B 24 22.70 -38.08 9.09
N VAL B 25 23.18 -39.30 9.32
CA VAL B 25 23.64 -40.19 8.26
C VAL B 25 22.64 -41.31 8.08
N VAL B 26 22.33 -41.62 6.81
CA VAL B 26 21.23 -42.49 6.44
C VAL B 26 21.77 -43.64 5.59
N ASP B 27 21.31 -44.85 5.88
CA ASP B 27 21.56 -45.99 5.03
C ASP B 27 20.61 -45.90 3.84
N MET B 28 21.12 -46.17 2.64
CA MET B 28 20.32 -45.94 1.44
C MET B 28 19.37 -47.09 1.11
N SER B 29 19.01 -47.93 2.08
CA SER B 29 18.03 -49.00 1.89
C SER B 29 16.74 -48.74 2.65
N MET B 30 16.82 -48.39 3.93
CA MET B 30 15.64 -48.17 4.74
C MET B 30 15.07 -46.79 4.44
N THR B 31 13.75 -46.68 4.46
CA THR B 31 13.13 -45.40 4.21
C THR B 31 13.45 -44.41 5.32
N TYR B 32 13.32 -43.13 5.00
CA TYR B 32 13.51 -42.09 5.99
C TYR B 32 12.60 -42.32 7.20
N GLY B 33 11.37 -42.78 6.94
CA GLY B 33 10.42 -43.00 8.01
C GLY B 33 10.80 -44.08 9.00
N GLN B 34 11.68 -45.00 8.61
CA GLN B 34 12.15 -46.01 9.57
C GLN B 34 13.14 -45.40 10.56
N GLN B 35 14.04 -44.55 10.07
CA GLN B 35 15.10 -43.97 10.90
C GLN B 35 14.77 -42.60 11.45
N PHE B 36 14.03 -41.78 10.72
CA PHE B 36 13.73 -40.41 11.13
C PHE B 36 12.32 -40.25 11.69
N GLY B 37 11.45 -41.24 11.52
CA GLY B 37 10.04 -41.10 11.77
C GLY B 37 9.37 -40.51 10.54
N PRO B 38 8.19 -39.92 10.70
CA PRO B 38 7.57 -39.21 9.57
C PRO B 38 8.50 -38.12 9.08
N THR B 39 8.88 -38.22 7.81
CA THR B 39 9.89 -37.36 7.21
C THR B 39 9.32 -36.68 5.98
N TYR B 40 9.38 -35.36 5.97
CA TYR B 40 8.90 -34.54 4.86
C TYR B 40 10.08 -33.82 4.22
N LEU B 41 10.10 -33.75 2.90
CA LEU B 41 11.13 -33.01 2.17
C LEU B 41 10.48 -31.81 1.50
N ASP B 42 10.68 -30.63 2.09
CA ASP B 42 10.21 -29.34 1.57
C ASP B 42 8.87 -29.46 0.87
N GLY B 43 7.87 -30.01 1.57
CA GLY B 43 6.54 -30.18 1.03
C GLY B 43 6.25 -31.63 0.69
N ALA B 44 7.25 -32.33 0.17
CA ALA B 44 7.07 -33.70 -0.27
C ALA B 44 7.13 -34.66 0.91
N ASP B 45 6.08 -35.47 1.05
CA ASP B 45 6.02 -36.50 2.09
C ASP B 45 6.78 -37.73 1.61
N VAL B 46 7.97 -37.96 2.17
CA VAL B 46 8.79 -39.11 1.84
C VAL B 46 8.87 -40.05 3.04
N THR B 47 7.78 -40.08 3.83
CA THR B 47 7.76 -40.88 5.04
C THR B 47 8.09 -42.34 4.75
N LYS B 48 7.55 -42.88 3.66
CA LYS B 48 7.83 -44.26 3.29
C LYS B 48 8.55 -44.32 1.93
N ILE B 49 9.69 -43.63 1.82
CA ILE B 49 10.47 -43.64 0.59
C ILE B 49 11.96 -43.64 0.95
N LYS B 50 12.78 -44.28 0.08
CA LYS B 50 14.19 -44.53 0.36
C LYS B 50 15.10 -43.39 -0.11
N PRO B 51 16.20 -43.18 0.61
CA PRO B 51 17.15 -42.12 0.25
C PRO B 51 17.82 -42.39 -1.09
N HIS B 52 17.86 -41.36 -1.94
CA HIS B 52 18.35 -41.43 -3.30
C HIS B 52 19.65 -40.64 -3.49
N ASN B 53 20.19 -40.73 -4.71
CA ASN B 53 21.49 -40.13 -5.01
C ASN B 53 21.47 -38.61 -4.89
N SER B 54 20.34 -37.99 -5.17
CA SER B 54 20.27 -36.52 -5.13
C SER B 54 20.20 -35.97 -3.71
N HIS B 55 19.83 -36.79 -2.73
CA HIS B 55 19.49 -36.31 -1.40
C HIS B 55 20.69 -36.01 -0.51
N GLU B 56 21.92 -36.09 -1.04
CA GLU B 56 23.09 -35.77 -0.22
C GLU B 56 23.18 -34.28 0.06
N GLY B 57 22.59 -33.84 1.17
CA GLY B 57 22.71 -32.48 1.61
C GLY B 57 21.44 -31.68 1.57
N LYS B 58 20.34 -32.24 1.10
CA LYS B 58 19.11 -31.49 1.12
C LYS B 58 18.63 -31.36 2.55
N THR B 59 17.69 -30.45 2.76
CA THR B 59 17.17 -30.18 4.09
C THR B 59 15.82 -30.87 4.22
N PHE B 60 15.68 -31.66 5.27
CA PHE B 60 14.50 -32.47 5.48
C PHE B 60 13.72 -31.97 6.68
N TYR B 61 12.41 -32.15 6.61
CA TYR B 61 11.50 -31.78 7.68
C TYR B 61 11.04 -33.06 8.35
N VAL B 62 11.15 -33.12 9.67
CA VAL B 62 10.72 -34.27 10.44
C VAL B 62 9.86 -33.74 11.58
N LEU B 63 8.81 -34.46 11.92
CA LEU B 63 8.04 -34.07 13.09
C LEU B 63 8.92 -34.23 14.33
N PRO B 64 8.88 -33.28 15.26
CA PRO B 64 9.82 -33.30 16.39
C PRO B 64 9.60 -34.50 17.31
N ASN B 65 10.61 -35.37 17.38
CA ASN B 65 10.54 -36.60 18.16
C ASN B 65 11.26 -36.50 19.49
N ASP B 66 12.31 -35.69 19.56
CA ASP B 66 13.16 -35.58 20.73
C ASP B 66 13.01 -34.20 21.34
N ASP B 67 13.28 -34.13 22.64
CA ASP B 67 13.05 -32.88 23.37
C ASP B 67 13.90 -31.75 22.81
N THR B 68 15.08 -32.06 22.27
CA THR B 68 15.91 -31.04 21.63
C THR B 68 15.19 -30.43 20.43
N LEU B 69 14.41 -31.22 19.69
CA LEU B 69 13.65 -30.68 18.57
C LEU B 69 12.28 -30.17 18.99
N ARG B 70 11.69 -30.75 20.04
CA ARG B 70 10.41 -30.28 20.52
C ARG B 70 10.50 -28.81 20.96
N VAL B 71 11.55 -28.49 21.73
CA VAL B 71 11.76 -27.11 22.16
C VAL B 71 12.17 -26.23 20.99
N GLU B 72 12.95 -26.78 20.04
CA GLU B 72 13.34 -26.02 18.87
C GLU B 72 12.15 -25.63 18.00
N ALA B 73 11.22 -26.56 17.80
CA ALA B 73 10.03 -26.31 16.99
C ALA B 73 8.92 -25.61 17.77
N PHE B 74 9.11 -25.41 19.08
CA PHE B 74 8.16 -24.65 19.88
C PHE B 74 8.55 -23.19 19.95
N GLU B 75 9.84 -22.89 19.94
CA GLU B 75 10.32 -21.51 20.01
C GLU B 75 10.39 -20.86 18.64
N TYR B 76 9.80 -21.51 17.63
CA TYR B 76 9.77 -20.93 16.29
C TYR B 76 8.35 -20.94 15.73
N TYR B 77 7.57 -21.97 16.07
CA TYR B 77 6.18 -22.07 15.62
C TYR B 77 5.18 -21.66 16.70
N HIS B 78 5.63 -21.55 17.95
CA HIS B 78 4.79 -21.14 19.08
C HIS B 78 3.55 -22.03 19.22
N THR B 79 3.74 -23.33 19.00
CA THR B 79 2.62 -24.26 19.12
C THR B 79 3.05 -25.52 19.85
N THR B 80 2.09 -26.15 20.51
CA THR B 80 2.28 -27.43 21.17
C THR B 80 1.68 -28.59 20.39
N ASP B 81 0.82 -28.32 19.42
CA ASP B 81 0.13 -29.37 18.68
C ASP B 81 1.16 -30.27 18.01
N PRO B 82 1.21 -31.57 18.34
CA PRO B 82 2.15 -32.46 17.65
C PRO B 82 1.92 -32.54 16.16
N SER B 83 0.67 -32.47 15.73
CA SER B 83 0.31 -32.51 14.31
C SER B 83 0.23 -31.10 13.74
N PHE B 84 1.31 -30.36 13.91
CA PHE B 84 1.44 -29.05 13.29
C PHE B 84 2.29 -29.11 12.03
N LEU B 85 3.49 -29.68 12.12
CA LEU B 85 4.30 -29.83 10.91
C LEU B 85 3.62 -30.75 9.90
N GLY B 86 2.88 -31.75 10.37
CA GLY B 86 2.16 -32.61 9.44
C GLY B 86 1.11 -31.86 8.63
N ARG B 87 0.41 -30.94 9.28
CA ARG B 87 -0.60 -30.14 8.58
C ARG B 87 0.04 -28.98 7.82
N TYR B 88 0.99 -28.29 8.46
CA TYR B 88 1.71 -27.21 7.83
C TYR B 88 2.40 -27.68 6.55
N MET B 89 3.05 -28.85 6.59
CA MET B 89 3.80 -29.33 5.44
C MET B 89 2.87 -29.89 4.37
N SER B 90 1.75 -30.48 4.77
CA SER B 90 0.78 -30.98 3.80
C SER B 90 0.12 -29.85 3.01
N ALA B 91 -0.10 -28.70 3.65
CA ALA B 91 -0.69 -27.57 2.96
C ALA B 91 0.35 -26.70 2.27
N LEU B 92 1.60 -26.77 2.70
CA LEU B 92 2.67 -26.07 1.99
C LEU B 92 3.02 -26.80 0.70
N ASN B 93 2.67 -28.08 0.61
CA ASN B 93 2.86 -28.83 -0.62
C ASN B 93 2.00 -28.25 -1.73
N HIS B 94 0.81 -27.76 -1.40
CA HIS B 94 -0.09 -27.17 -2.37
C HIS B 94 0.18 -25.67 -2.60
N THR B 95 0.39 -24.91 -1.51
CA THR B 95 0.60 -23.47 -1.64
C THR B 95 1.88 -23.14 -2.38
N LYS B 96 2.88 -24.03 -2.34
CA LYS B 96 4.11 -23.79 -3.08
C LYS B 96 3.88 -23.84 -4.59
N LYS B 97 2.81 -24.50 -5.03
CA LYS B 97 2.44 -24.57 -6.43
C LYS B 97 1.54 -23.43 -6.87
N TRP B 98 1.08 -22.59 -5.93
CA TRP B 98 0.23 -21.47 -6.29
C TRP B 98 1.05 -20.37 -6.97
N LYS B 99 0.34 -19.38 -7.49
CA LYS B 99 0.93 -18.19 -8.06
C LYS B 99 0.46 -16.99 -7.25
N TYR B 100 1.37 -16.06 -6.96
CA TYR B 100 1.11 -14.93 -6.08
C TYR B 100 1.35 -13.61 -6.81
N PRO B 101 0.49 -13.25 -7.77
CA PRO B 101 0.73 -12.01 -8.52
C PRO B 101 0.74 -10.78 -7.63
N GLN B 102 1.70 -9.90 -7.91
CA GLN B 102 1.73 -8.60 -7.25
C GLN B 102 0.82 -7.65 -7.99
N VAL B 103 -0.27 -7.26 -7.35
CA VAL B 103 -1.28 -6.38 -7.94
C VAL B 103 -1.36 -5.09 -7.12
N ASN B 104 -1.28 -3.96 -7.82
CA ASN B 104 -1.37 -2.64 -7.21
C ASN B 104 -0.42 -2.52 -6.02
N GLY B 105 0.83 -2.93 -6.24
CA GLY B 105 1.84 -2.85 -5.19
C GLY B 105 1.54 -3.73 -3.99
N LEU B 106 0.75 -4.77 -4.19
CA LEU B 106 0.36 -5.68 -3.12
C LEU B 106 0.45 -7.11 -3.62
N THR B 107 0.78 -8.03 -2.71
CA THR B 107 0.95 -9.44 -3.08
C THR B 107 -0.39 -10.15 -2.91
N SER B 108 -1.01 -10.50 -4.03
CA SER B 108 -2.27 -11.23 -4.03
C SER B 108 -2.04 -12.66 -4.50
N ILE B 109 -3.10 -13.46 -4.52
CA ILE B 109 -3.02 -14.88 -4.83
C ILE B 109 -4.06 -15.22 -5.88
N LYS B 110 -3.61 -15.86 -6.96
CA LYS B 110 -4.50 -16.33 -8.00
C LYS B 110 -5.43 -17.42 -7.46
N TRP B 111 -6.70 -17.33 -7.86
CA TRP B 111 -7.72 -18.23 -7.36
C TRP B 111 -7.36 -19.68 -7.62
N ALA B 112 -7.41 -20.48 -6.57
CA ALA B 112 -7.20 -21.93 -6.64
C ALA B 112 -7.56 -22.55 -5.31
N ASP B 113 -8.24 -23.70 -5.37
CA ASP B 113 -8.62 -24.46 -4.17
C ASP B 113 -9.45 -23.62 -3.20
N ASN B 114 -10.34 -22.79 -3.74
CA ASN B 114 -11.26 -21.97 -2.93
C ASN B 114 -10.50 -21.12 -1.92
N ASN B 115 -9.43 -20.47 -2.38
CA ASN B 115 -8.60 -19.64 -1.52
C ASN B 115 -9.15 -18.23 -1.36
N CYS B 116 -10.46 -18.06 -1.57
CA CYS B 116 -11.06 -16.74 -1.58
C CYS B 116 -10.77 -15.97 -0.30
N TYR B 117 -10.90 -16.65 0.85
CA TYR B 117 -10.74 -15.98 2.13
C TYR B 117 -9.29 -15.61 2.43
N LEU B 118 -8.33 -16.40 1.95
CA LEU B 118 -6.93 -16.13 2.25
C LEU B 118 -6.34 -14.95 1.47
N ALA B 119 -6.90 -14.61 0.31
CA ALA B 119 -6.33 -13.51 -0.48
C ALA B 119 -6.54 -12.17 0.20
N THR B 120 -7.80 -11.82 0.51
CA THR B 120 -8.08 -10.55 1.17
C THR B 120 -7.39 -10.48 2.52
N ALA B 121 -7.30 -11.60 3.23
CA ALA B 121 -6.58 -11.62 4.50
C ALA B 121 -5.11 -11.26 4.27
N LEU B 122 -4.50 -11.82 3.23
CA LEU B 122 -3.11 -11.49 2.94
C LEU B 122 -2.97 -10.04 2.50
N LEU B 123 -3.90 -9.56 1.65
CA LEU B 123 -3.86 -8.15 1.24
C LEU B 123 -4.18 -7.21 2.40
N THR B 124 -5.10 -7.62 3.28
CA THR B 124 -5.42 -6.79 4.44
C THR B 124 -4.26 -6.71 5.41
N LEU B 125 -3.47 -7.77 5.50
CA LEU B 125 -2.36 -7.77 6.45
C LEU B 125 -1.28 -6.79 6.04
N GLN B 126 -1.11 -6.54 4.74
CA GLN B 126 -0.08 -5.65 4.23
C GLN B 126 -0.46 -4.18 4.31
N GLN B 127 -1.66 -3.85 4.77
CA GLN B 127 -2.15 -2.48 4.79
C GLN B 127 -2.29 -1.92 6.20
N ILE B 128 -2.49 -2.78 7.19
CA ILE B 128 -2.54 -2.37 8.57
C ILE B 128 -1.19 -2.69 9.20
N GLU B 129 -0.94 -2.13 10.38
CA GLU B 129 0.32 -2.40 11.08
C GLU B 129 0.14 -3.61 11.97
N LEU B 130 0.74 -4.73 11.57
CA LEU B 130 0.65 -5.95 12.36
C LEU B 130 2.04 -6.55 12.51
N LYS B 131 2.35 -7.01 13.72
CA LYS B 131 3.61 -7.69 14.01
C LYS B 131 3.30 -9.01 14.71
N PHE B 132 3.75 -10.11 14.11
CA PHE B 132 3.46 -11.44 14.65
C PHE B 132 4.46 -11.82 15.72
N ASN B 133 3.98 -12.59 16.70
CA ASN B 133 4.81 -13.03 17.81
C ASN B 133 5.68 -14.24 17.43
N PRO B 134 5.14 -15.28 16.79
CA PRO B 134 6.00 -16.42 16.41
C PRO B 134 7.10 -16.03 15.44
N PRO B 135 8.32 -16.54 15.66
CA PRO B 135 9.37 -16.37 14.64
C PRO B 135 9.04 -17.01 13.30
N ALA B 136 8.17 -18.03 13.26
CA ALA B 136 7.79 -18.61 11.97
C ALA B 136 6.97 -17.63 11.16
N LEU B 137 6.01 -16.98 11.81
CA LEU B 137 5.22 -15.95 11.14
C LEU B 137 6.05 -14.71 10.88
N GLN B 138 7.00 -14.41 11.78
CA GLN B 138 7.82 -13.22 11.64
C GLN B 138 8.64 -13.26 10.35
N ASP B 139 9.28 -14.40 10.08
CA ASP B 139 10.09 -14.55 8.87
C ASP B 139 9.30 -15.01 7.65
N ALA B 140 8.01 -15.33 7.80
CA ALA B 140 7.20 -15.70 6.64
C ALA B 140 6.34 -14.56 6.15
N TYR B 141 5.97 -13.65 7.04
CA TYR B 141 5.36 -12.39 6.60
C TYR B 141 6.36 -11.57 5.80
N TYR B 142 7.60 -11.50 6.29
CA TYR B 142 8.65 -10.76 5.59
C TYR B 142 8.78 -11.24 4.14
N ARG B 143 8.83 -12.55 3.92
CA ARG B 143 8.88 -13.04 2.54
C ARG B 143 7.58 -12.76 1.81
N ALA B 144 6.45 -12.79 2.52
CA ALA B 144 5.16 -12.55 1.87
C ALA B 144 5.10 -11.14 1.27
N ARG B 145 5.69 -10.17 1.95
CA ARG B 145 5.73 -8.81 1.42
C ARG B 145 6.75 -8.66 0.31
N ALA B 146 7.56 -9.69 0.06
CA ALA B 146 8.57 -9.67 -0.98
C ALA B 146 8.15 -10.42 -2.24
N GLY B 147 6.86 -10.76 -2.37
CA GLY B 147 6.33 -11.37 -3.58
C GLY B 147 6.18 -12.88 -3.54
N GLU B 148 6.67 -13.56 -2.50
CA GLU B 148 6.55 -15.01 -2.39
C GLU B 148 5.97 -15.35 -1.02
N ALA B 149 4.68 -15.69 -0.98
CA ALA B 149 3.98 -15.99 0.26
C ALA B 149 3.64 -17.47 0.39
N ALA B 150 4.49 -18.35 -0.19
CA ALA B 150 4.22 -19.78 -0.13
C ALA B 150 4.18 -20.28 1.30
N ASN B 151 5.19 -19.90 2.10
CA ASN B 151 5.22 -20.33 3.49
C ASN B 151 4.15 -19.64 4.31
N PHE B 152 3.85 -18.37 4.01
CA PHE B 152 2.89 -17.62 4.81
C PHE B 152 1.51 -18.27 4.76
N CYS B 153 1.00 -18.55 3.56
CA CYS B 153 -0.33 -19.11 3.46
C CYS B 153 -0.37 -20.55 3.95
N ALA B 154 0.77 -21.24 3.91
CA ALA B 154 0.83 -22.59 4.48
C ALA B 154 0.76 -22.53 6.01
N LEU B 155 1.49 -21.58 6.60
CA LEU B 155 1.41 -21.38 8.04
C LEU B 155 -0.02 -21.01 8.46
N ILE B 156 -0.67 -20.13 7.70
CA ILE B 156 -2.03 -19.70 8.05
C ILE B 156 -2.98 -20.88 8.00
N LEU B 157 -2.85 -21.75 7.00
CA LEU B 157 -3.71 -22.94 6.96
C LEU B 157 -3.38 -23.93 8.06
N ALA B 158 -2.26 -23.76 8.76
CA ALA B 158 -1.93 -24.56 9.93
C ALA B 158 -2.35 -23.89 11.23
N TYR B 159 -2.16 -22.57 11.35
CA TYR B 159 -2.54 -21.87 12.59
C TYR B 159 -4.05 -21.87 12.80
N CYS B 160 -4.83 -21.89 11.72
CA CYS B 160 -6.28 -22.05 11.84
C CYS B 160 -6.69 -23.51 11.76
N ASN B 161 -5.72 -24.42 11.55
CA ASN B 161 -5.96 -25.86 11.53
C ASN B 161 -7.00 -26.25 10.47
N LYS B 162 -7.11 -25.43 9.43
CA LYS B 162 -7.99 -25.70 8.30
C LYS B 162 -7.25 -26.55 7.27
N THR B 163 -8.02 -27.23 6.44
CA THR B 163 -7.43 -28.10 5.44
C THR B 163 -7.32 -27.38 4.11
N VAL B 164 -6.27 -27.69 3.37
CA VAL B 164 -6.05 -27.07 2.07
C VAL B 164 -7.19 -27.41 1.13
N GLY B 165 -7.94 -26.38 0.71
CA GLY B 165 -9.12 -26.53 -0.12
C GLY B 165 -10.40 -26.18 0.61
N GLU B 166 -10.43 -26.41 1.92
CA GLU B 166 -11.58 -26.05 2.75
C GLU B 166 -11.82 -24.55 2.64
N LEU B 167 -12.94 -24.16 2.04
CA LEU B 167 -13.29 -22.74 2.02
C LEU B 167 -13.51 -22.29 3.47
N GLY B 168 -13.18 -21.03 3.74
CA GLY B 168 -13.14 -20.54 5.10
C GLY B 168 -13.69 -19.13 5.19
N ASP B 169 -13.78 -18.64 6.41
CA ASP B 169 -14.35 -17.33 6.70
C ASP B 169 -13.23 -16.37 7.08
N VAL B 170 -13.31 -15.16 6.52
CA VAL B 170 -12.26 -14.15 6.72
C VAL B 170 -12.30 -13.61 8.14
N ARG B 171 -13.50 -13.43 8.71
CA ARG B 171 -13.61 -12.84 10.04
C ARG B 171 -12.86 -13.66 11.09
N GLU B 172 -13.03 -14.98 11.07
CA GLU B 172 -12.34 -15.82 12.05
C GLU B 172 -10.88 -16.05 11.67
N THR B 173 -10.57 -16.12 10.37
CA THR B 173 -9.19 -16.35 9.95
C THR B 173 -8.28 -15.24 10.48
N MET B 174 -8.78 -14.01 10.50
CA MET B 174 -8.04 -12.92 11.12
C MET B 174 -8.16 -12.96 12.64
N SER B 175 -9.15 -13.65 13.17
CA SER B 175 -9.25 -13.81 14.62
C SER B 175 -8.20 -14.76 15.15
N TYR B 176 -7.76 -15.71 14.33
CA TYR B 176 -6.75 -16.67 14.77
C TYR B 176 -5.34 -16.11 14.66
N LEU B 177 -5.06 -15.34 13.61
CA LEU B 177 -3.74 -14.71 13.48
C LEU B 177 -3.52 -13.66 14.55
N PHE B 178 -4.57 -12.98 14.98
CA PHE B 178 -4.43 -11.88 15.94
C PHE B 178 -3.98 -12.39 17.30
N GLN B 179 -4.30 -13.64 17.65
CA GLN B 179 -3.77 -14.21 18.89
C GLN B 179 -2.27 -14.41 18.82
N HIS B 180 -1.69 -14.37 17.62
CA HIS B 180 -0.26 -14.50 17.40
C HIS B 180 0.35 -13.18 16.93
N ALA B 181 -0.14 -12.07 17.46
CA ALA B 181 0.34 -10.75 17.06
C ALA B 181 0.57 -9.89 18.29
N ASN B 182 1.42 -8.87 18.13
CA ASN B 182 1.79 -8.02 19.25
C ASN B 182 0.64 -7.04 19.50
N LEU B 183 -0.36 -7.53 20.23
CA LEU B 183 -1.46 -6.71 20.72
C LEU B 183 -1.35 -6.69 22.24
N ASP B 184 -0.50 -5.79 22.74
CA ASP B 184 -0.30 -5.62 24.16
C ASP B 184 -0.71 -4.24 24.63
N SER B 185 -0.32 -3.20 23.88
CA SER B 185 -0.70 -1.81 24.13
C SER B 185 -2.01 -1.44 23.43
N CYS B 186 -2.88 -2.41 23.21
CA CYS B 186 -4.19 -2.19 22.62
C CYS B 186 -5.22 -2.26 23.72
N LYS B 187 -6.03 -1.21 23.85
CA LYS B 187 -7.00 -1.14 24.92
C LYS B 187 -8.26 -0.42 24.46
N ARG B 188 -9.41 -1.01 24.77
CA ARG B 188 -10.72 -0.46 24.42
C ARG B 188 -11.54 -0.32 25.69
N VAL B 189 -12.20 0.82 25.85
CA VAL B 189 -13.06 1.10 26.98
C VAL B 189 -14.47 1.28 26.44
N LEU B 190 -15.37 0.42 26.88
CA LEU B 190 -16.77 0.48 26.47
C LEU B 190 -17.65 0.98 27.60
N ASN B 191 -18.83 1.44 27.22
CA ASN B 191 -19.86 1.88 28.16
C ASN B 191 -21.20 1.44 27.62
N VAL B 192 -22.07 0.99 28.51
CA VAL B 192 -23.41 0.55 28.16
C VAL B 192 -24.37 1.36 29.00
N VAL B 193 -25.46 1.82 28.41
CA VAL B 193 -26.43 2.61 29.14
C VAL B 193 -27.77 1.96 28.93
N CYS B 194 -28.33 1.42 30.00
CA CYS B 194 -29.70 0.95 29.96
C CYS B 194 -30.57 1.96 30.69
N LYS B 195 -31.61 2.40 30.00
CA LYS B 195 -32.47 3.46 30.51
C LYS B 195 -33.03 3.10 31.88
N THR B 196 -33.32 1.82 32.11
CA THR B 196 -33.94 1.39 33.35
C THR B 196 -32.99 0.69 34.32
N CYS B 197 -31.78 0.31 33.90
CA CYS B 197 -30.87 -0.36 34.83
C CYS B 197 -29.73 0.54 35.28
N GLY B 198 -29.07 1.17 34.34
CA GLY B 198 -27.97 2.04 34.68
C GLY B 198 -26.90 1.98 33.61
N GLN B 199 -25.68 2.29 34.04
CA GLN B 199 -24.53 2.38 33.15
C GLN B 199 -23.40 1.53 33.68
N GLN B 200 -22.79 0.76 32.80
CA GLN B 200 -21.64 -0.08 33.12
C GLN B 200 -20.54 0.17 32.11
N GLN B 201 -19.32 0.31 32.60
CA GLN B 201 -18.16 0.52 31.74
C GLN B 201 -17.42 -0.80 31.61
N THR B 202 -17.18 -1.21 30.37
CA THR B 202 -16.43 -2.41 30.08
C THR B 202 -15.12 -2.00 29.40
N THR B 203 -14.06 -2.72 29.74
CA THR B 203 -12.74 -2.43 29.20
C THR B 203 -12.22 -3.68 28.51
N LEU B 204 -11.85 -3.54 27.24
CA LEU B 204 -11.38 -4.66 26.44
C LEU B 204 -9.94 -4.42 26.07
N LYS B 205 -9.09 -5.40 26.33
CA LYS B 205 -7.67 -5.30 26.07
C LYS B 205 -7.24 -6.52 25.28
N GLY B 206 -6.26 -6.34 24.40
CA GLY B 206 -5.72 -7.47 23.67
C GLY B 206 -6.36 -7.72 22.32
N VAL B 207 -6.48 -9.02 21.99
CA VAL B 207 -6.93 -9.42 20.66
C VAL B 207 -8.37 -8.98 20.40
N GLU B 208 -9.24 -9.06 21.40
CA GLU B 208 -10.65 -8.75 21.18
C GLU B 208 -10.95 -7.25 21.23
N ALA B 209 -9.94 -6.42 21.39
CA ALA B 209 -10.13 -4.97 21.45
C ALA B 209 -10.01 -4.31 20.08
N VAL B 210 -9.82 -5.08 19.01
CA VAL B 210 -9.76 -4.53 17.66
C VAL B 210 -10.82 -5.10 16.74
N MET B 211 -11.51 -6.17 17.14
CA MET B 211 -12.52 -6.81 16.33
C MET B 211 -13.91 -6.57 16.93
N TYR B 212 -14.90 -6.31 16.07
CA TYR B 212 -16.27 -6.18 16.53
C TYR B 212 -17.23 -6.68 15.47
N MET B 213 -18.30 -7.34 15.91
CA MET B 213 -19.34 -7.90 15.04
C MET B 213 -20.69 -7.30 15.45
N GLY B 214 -21.32 -6.57 14.54
CA GLY B 214 -22.61 -5.94 14.76
C GLY B 214 -22.86 -4.61 14.07
N THR B 215 -21.80 -3.97 13.58
CA THR B 215 -21.96 -2.82 12.68
C THR B 215 -20.62 -2.54 12.03
N LEU B 216 -20.68 -2.11 10.77
CA LEU B 216 -19.46 -1.84 10.02
C LEU B 216 -19.04 -0.39 10.05
N SER B 217 -19.95 0.54 10.31
CA SER B 217 -19.61 1.96 10.31
C SER B 217 -18.93 2.28 11.63
N TYR B 218 -17.62 2.57 11.57
CA TYR B 218 -16.88 2.90 12.78
C TYR B 218 -17.47 4.12 13.48
N GLU B 219 -17.76 5.18 12.72
CA GLU B 219 -18.33 6.37 13.33
C GLU B 219 -19.58 6.05 14.14
N GLN B 220 -20.38 5.07 13.69
CA GLN B 220 -21.55 4.75 14.49
C GLN B 220 -21.17 4.03 15.78
N PHE B 221 -20.21 3.11 15.72
CA PHE B 221 -19.75 2.49 16.96
C PHE B 221 -19.32 3.57 17.94
N LYS B 222 -18.75 4.65 17.41
CA LYS B 222 -18.41 5.82 18.21
C LYS B 222 -19.66 6.54 18.68
N LYS B 223 -20.70 6.60 17.83
CA LYS B 223 -21.94 7.27 18.19
C LYS B 223 -22.83 6.41 19.08
N GLY B 224 -22.77 5.09 18.94
CA GLY B 224 -23.56 4.19 19.75
C GLY B 224 -24.37 3.17 18.95
N VAL B 225 -24.44 1.94 19.46
CA VAL B 225 -25.21 0.86 18.86
C VAL B 225 -26.03 0.20 19.97
N GLN B 226 -27.25 -0.23 19.62
CA GLN B 226 -28.24 -0.70 20.58
C GLN B 226 -28.28 -2.22 20.66
N ILE B 227 -28.24 -2.74 21.88
CA ILE B 227 -28.18 -4.17 22.15
C ILE B 227 -29.20 -4.51 23.23
N PRO B 228 -29.65 -5.78 23.27
CA PRO B 228 -30.65 -6.18 24.27
C PRO B 228 -30.13 -6.19 25.70
N CYS B 229 -30.44 -5.16 26.49
CA CYS B 229 -30.16 -5.23 27.92
C CYS B 229 -30.68 -6.51 28.56
N THR B 230 -30.21 -6.79 29.77
CA THR B 230 -30.56 -8.03 30.46
C THR B 230 -31.93 -7.98 31.14
N CYS B 231 -32.63 -6.85 31.10
CA CYS B 231 -33.99 -6.80 31.65
C CYS B 231 -35.05 -7.07 30.59
N GLY B 232 -34.78 -6.69 29.35
CA GLY B 232 -35.71 -6.89 28.26
C GLY B 232 -35.85 -5.70 27.34
N LYS B 233 -35.25 -4.57 27.71
CA LYS B 233 -35.27 -3.39 26.84
C LYS B 233 -33.96 -3.34 26.06
N GLN B 234 -33.79 -2.27 25.30
CA GLN B 234 -32.60 -2.08 24.49
C GLN B 234 -31.70 -1.03 25.14
N ALA B 235 -30.43 -1.36 25.26
CA ALA B 235 -29.43 -0.42 25.76
C ALA B 235 -28.67 0.14 24.57
N THR B 236 -27.83 1.14 24.82
CA THR B 236 -27.02 1.74 23.78
C THR B 236 -25.56 1.66 24.22
N LYS B 237 -24.75 0.99 23.42
CA LYS B 237 -23.32 0.82 23.70
C LYS B 237 -22.52 1.62 22.69
N TYR B 238 -21.49 2.29 23.17
CA TYR B 238 -20.70 3.19 22.33
C TYR B 238 -19.25 3.15 22.77
N LEU B 239 -18.37 3.58 21.86
CA LEU B 239 -16.94 3.58 22.11
C LEU B 239 -16.56 4.75 23.00
N VAL B 240 -15.97 4.46 24.15
CA VAL B 240 -15.47 5.49 25.05
C VAL B 240 -14.04 5.89 24.71
N GLN B 241 -13.15 4.91 24.60
CA GLN B 241 -11.75 5.19 24.30
C GLN B 241 -11.17 3.96 23.61
N GLN B 242 -10.33 4.19 22.60
CA GLN B 242 -9.74 3.08 21.85
C GLN B 242 -8.32 3.44 21.44
N GLU B 243 -7.36 2.60 21.84
CA GLU B 243 -5.95 2.77 21.53
C GLU B 243 -5.46 1.51 20.82
N SER B 244 -5.24 1.60 19.51
CA SER B 244 -4.83 0.45 18.72
C SER B 244 -4.37 0.89 17.34
N PRO B 245 -3.38 0.22 16.74
CA PRO B 245 -2.88 0.66 15.42
C PRO B 245 -3.94 0.61 14.33
N PHE B 246 -5.01 -0.15 14.51
CA PHE B 246 -6.09 -0.24 13.54
C PHE B 246 -7.33 -0.74 14.27
N VAL B 247 -8.44 -0.84 13.54
CA VAL B 247 -9.69 -1.38 14.08
C VAL B 247 -10.36 -2.21 12.99
N MET B 248 -10.89 -3.36 13.38
CA MET B 248 -11.61 -4.27 12.49
C MET B 248 -13.10 -4.27 12.80
N MET B 249 -13.91 -3.95 11.78
CA MET B 249 -15.37 -3.94 11.88
C MET B 249 -15.97 -5.07 11.03
N SER B 250 -16.92 -5.80 11.60
CA SER B 250 -17.58 -6.89 10.88
C SER B 250 -19.07 -6.92 11.17
N ALA B 251 -19.80 -7.50 10.23
CA ALA B 251 -21.25 -7.66 10.28
C ALA B 251 -21.63 -8.70 9.24
N PRO B 252 -22.80 -9.33 9.37
CA PRO B 252 -23.22 -10.29 8.37
C PRO B 252 -23.33 -9.63 7.01
N PRO B 253 -23.01 -10.36 5.93
CA PRO B 253 -22.99 -9.74 4.61
C PRO B 253 -24.33 -9.14 4.23
N ALA B 254 -24.27 -7.93 3.70
CA ALA B 254 -25.42 -7.13 3.27
C ALA B 254 -24.85 -5.95 2.50
N GLN B 255 -25.66 -5.39 1.61
CA GLN B 255 -25.18 -4.27 0.81
C GLN B 255 -24.85 -3.07 1.68
N TYR B 256 -23.57 -2.69 1.67
CA TYR B 256 -23.03 -1.58 2.42
C TYR B 256 -22.29 -0.70 1.43
N GLU B 257 -22.30 0.61 1.68
CA GLU B 257 -21.72 1.56 0.75
C GLU B 257 -20.43 2.14 1.32
N LEU B 258 -19.37 2.11 0.53
CA LEU B 258 -18.11 2.73 0.89
C LEU B 258 -17.86 3.95 0.03
N LYS B 259 -17.28 4.96 0.66
CA LYS B 259 -16.87 6.20 0.01
C LYS B 259 -15.38 6.33 0.23
N HIS B 260 -14.70 6.95 -0.72
CA HIS B 260 -13.25 7.04 -0.62
C HIS B 260 -12.81 7.68 0.70
N GLY B 261 -11.66 7.23 1.19
CA GLY B 261 -11.03 7.86 2.33
C GLY B 261 -11.85 7.83 3.60
N THR B 262 -12.91 7.03 3.58
CA THR B 262 -13.75 6.87 4.76
C THR B 262 -13.23 5.75 5.64
N PHE B 263 -12.41 4.88 5.07
CA PHE B 263 -11.87 3.70 5.72
C PHE B 263 -10.42 3.56 5.26
N THR B 264 -9.82 2.40 5.57
CA THR B 264 -8.51 2.04 5.05
C THR B 264 -8.58 0.88 4.06
N CYS B 265 -9.30 -0.19 4.41
CA CYS B 265 -9.54 -1.30 3.49
C CYS B 265 -10.73 -2.11 3.99
N ALA B 266 -11.31 -2.91 3.08
CA ALA B 266 -12.52 -3.67 3.37
C ALA B 266 -12.50 -5.01 2.64
N SER B 267 -13.52 -5.82 2.91
CA SER B 267 -13.66 -7.17 2.33
C SER B 267 -15.12 -7.43 1.98
N GLU B 268 -15.35 -8.19 0.91
CA GLU B 268 -16.70 -8.47 0.42
C GLU B 268 -16.94 -9.98 0.29
N TYR B 269 -18.15 -10.41 0.65
CA TYR B 269 -18.59 -11.81 0.58
C TYR B 269 -19.83 -11.92 -0.30
N THR B 270 -19.64 -12.21 -1.59
CA THR B 270 -20.74 -12.46 -2.53
C THR B 270 -21.09 -13.95 -2.48
N GLY B 271 -22.18 -14.29 -1.81
CA GLY B 271 -22.62 -15.67 -1.76
C GLY B 271 -23.54 -15.92 -0.58
N ASN B 272 -23.84 -17.20 -0.40
CA ASN B 272 -24.60 -17.75 0.72
C ASN B 272 -23.67 -18.65 1.54
N TYR B 273 -24.25 -19.34 2.51
CA TYR B 273 -23.51 -20.33 3.27
C TYR B 273 -23.15 -21.51 2.37
N GLN B 274 -21.98 -22.10 2.60
CA GLN B 274 -21.49 -23.31 1.94
C GLN B 274 -21.21 -23.12 0.45
N CYS B 275 -21.30 -21.89 -0.06
CA CYS B 275 -20.84 -21.61 -1.43
C CYS B 275 -20.61 -20.11 -1.55
N GLY B 276 -19.35 -19.71 -1.69
CA GLY B 276 -19.08 -18.29 -1.75
C GLY B 276 -17.77 -17.95 -2.44
N HIS B 277 -17.44 -16.65 -2.38
CA HIS B 277 -16.26 -16.10 -3.03
C HIS B 277 -16.00 -14.75 -2.39
N TYR B 278 -14.74 -14.47 -2.07
CA TYR B 278 -14.35 -13.26 -1.37
C TYR B 278 -13.63 -12.30 -2.31
N LYS B 279 -13.91 -11.00 -2.15
CA LYS B 279 -13.20 -9.95 -2.85
C LYS B 279 -12.72 -8.90 -1.86
N HIS B 280 -11.65 -8.20 -2.23
CA HIS B 280 -11.00 -7.21 -1.37
C HIS B 280 -11.06 -5.82 -1.98
N ILE B 281 -11.42 -4.84 -1.16
CA ILE B 281 -11.53 -3.44 -1.56
C ILE B 281 -10.60 -2.62 -0.68
N THR B 282 -9.83 -1.72 -1.29
CA THR B 282 -8.88 -0.87 -0.57
C THR B 282 -9.06 0.57 -1.01
N SER B 283 -8.92 1.50 -0.05
CA SER B 283 -9.17 2.92 -0.31
C SER B 283 -7.85 3.61 -0.61
N LYS B 284 -7.45 3.52 -1.86
CA LYS B 284 -6.35 4.29 -2.43
C LYS B 284 -6.92 5.58 -3.00
N GLU B 285 -6.20 6.25 -3.89
CA GLU B 285 -6.69 7.44 -4.58
C GLU B 285 -8.13 7.23 -5.04
N THR B 286 -8.44 6.01 -5.48
CA THR B 286 -9.80 5.59 -5.83
C THR B 286 -9.97 4.13 -5.44
N LEU B 287 -11.18 3.78 -5.04
CA LEU B 287 -11.46 2.43 -4.54
C LEU B 287 -11.01 1.37 -5.54
N TYR B 288 -10.05 0.53 -5.12
CA TYR B 288 -9.55 -0.57 -5.93
C TYR B 288 -10.15 -1.87 -5.42
N CYS B 289 -10.62 -2.71 -6.34
CA CYS B 289 -11.22 -4.00 -6.01
C CYS B 289 -10.33 -5.12 -6.56
N ILE B 290 -9.69 -5.87 -5.66
CA ILE B 290 -8.78 -6.93 -6.05
C ILE B 290 -9.44 -8.27 -5.79
N ASP B 291 -9.84 -8.95 -6.87
CA ASP B 291 -10.48 -10.27 -6.81
C ASP B 291 -9.47 -11.30 -7.30
N GLY B 292 -8.73 -11.89 -6.37
CA GLY B 292 -7.70 -12.85 -6.73
C GLY B 292 -6.54 -12.12 -7.34
N ALA B 293 -6.29 -12.34 -8.63
CA ALA B 293 -5.24 -11.61 -9.34
C ALA B 293 -5.79 -10.50 -10.21
N LEU B 294 -7.11 -10.27 -10.18
CA LEU B 294 -7.76 -9.29 -11.04
C LEU B 294 -8.15 -8.07 -10.22
N LEU B 295 -7.94 -6.89 -10.80
CA LEU B 295 -8.18 -5.62 -10.13
C LEU B 295 -9.15 -4.78 -10.95
N THR B 296 -10.14 -4.21 -10.26
CA THR B 296 -11.11 -3.32 -10.91
C THR B 296 -11.32 -2.11 -10.03
N LYS B 297 -11.05 -0.92 -10.56
CA LYS B 297 -11.24 0.31 -9.83
C LYS B 297 -12.55 1.00 -10.21
N SER B 298 -13.05 1.80 -9.28
CA SER B 298 -14.24 2.61 -9.48
C SER B 298 -14.16 3.78 -8.51
N SER B 299 -14.94 4.82 -8.79
CA SER B 299 -14.99 5.98 -7.92
C SER B 299 -15.69 5.67 -6.59
N GLU B 300 -16.86 5.04 -6.64
CA GLU B 300 -17.61 4.67 -5.43
C GLU B 300 -17.91 3.16 -5.45
N TYR B 301 -18.18 2.61 -4.27
CA TYR B 301 -18.43 1.17 -4.12
C TYR B 301 -19.64 0.87 -3.24
N LYS B 302 -20.68 0.30 -3.83
CA LYS B 302 -21.80 -0.29 -3.10
C LYS B 302 -21.80 -1.80 -3.34
N GLY B 303 -21.66 -2.60 -2.26
CA GLY B 303 -21.58 -4.03 -2.41
C GLY B 303 -21.78 -4.83 -1.13
N PRO B 304 -21.73 -6.18 -1.24
CA PRO B 304 -21.99 -7.06 -0.09
C PRO B 304 -20.77 -7.20 0.81
N ILE B 305 -20.46 -6.13 1.52
CA ILE B 305 -19.25 -6.04 2.33
C ILE B 305 -19.51 -6.60 3.71
N THR B 306 -18.56 -7.42 4.19
CA THR B 306 -18.65 -8.09 5.47
C THR B 306 -17.63 -7.63 6.50
N ASP B 307 -16.42 -7.26 6.07
CA ASP B 307 -15.36 -6.84 6.98
C ASP B 307 -14.80 -5.51 6.53
N VAL B 308 -14.59 -4.60 7.48
CA VAL B 308 -13.99 -3.30 7.20
C VAL B 308 -12.92 -3.02 8.24
N PHE B 309 -11.76 -2.58 7.79
CA PHE B 309 -10.64 -2.22 8.65
C PHE B 309 -10.48 -0.71 8.59
N TYR B 310 -10.47 -0.08 9.76
CA TYR B 310 -10.28 1.36 9.86
C TYR B 310 -8.94 1.63 10.53
N LYS B 311 -8.25 2.66 10.08
CA LYS B 311 -6.97 3.02 10.68
C LYS B 311 -7.24 3.97 11.84
N GLU B 312 -6.69 3.64 13.00
CA GLU B 312 -6.81 4.46 14.20
C GLU B 312 -5.50 4.40 14.95
N ASN B 313 -5.23 5.44 15.75
CA ASN B 313 -4.10 5.41 16.66
C ASN B 313 -4.52 5.64 18.09
N SER B 314 -5.33 6.67 18.34
CA SER B 314 -5.74 7.02 19.68
C SER B 314 -7.00 7.87 19.60
N TYR B 315 -7.96 7.58 20.48
CA TYR B 315 -9.25 8.26 20.47
C TYR B 315 -9.82 8.35 21.88
N THR B 316 -10.41 9.50 22.18
CA THR B 316 -11.12 9.75 23.44
C THR B 316 -12.46 10.40 23.09
N THR B 317 -13.54 9.84 23.63
CA THR B 317 -14.90 10.18 23.20
C THR B 317 -15.27 11.63 23.51
N THR B 318 -16.20 12.15 22.72
CA THR B 318 -16.79 13.47 22.92
C THR B 318 -18.12 13.41 23.65
N ILE B 319 -18.45 12.27 24.24
CA ILE B 319 -19.77 12.05 24.84
C ILE B 319 -19.60 12.27 26.34
N LYS B 320 -19.88 13.51 26.77
CA LYS B 320 -19.77 13.87 28.18
C LYS B 320 -20.75 13.07 29.02
N THR C 9 -28.85 44.21 -12.65
CA THR C 9 -28.68 42.94 -11.95
C THR C 9 -27.20 42.81 -11.57
N ILE C 10 -26.53 41.76 -12.05
CA ILE C 10 -25.10 41.62 -11.79
C ILE C 10 -24.46 40.88 -12.95
N LYS C 11 -23.24 41.29 -13.29
CA LYS C 11 -22.44 40.62 -14.31
C LYS C 11 -21.29 39.90 -13.62
N VAL C 12 -21.24 38.58 -13.77
CA VAL C 12 -20.17 37.77 -13.22
C VAL C 12 -19.94 36.63 -14.20
N PHE C 13 -18.72 36.12 -14.20
CA PHE C 13 -18.31 35.13 -15.18
C PHE C 13 -18.29 33.79 -14.46
N THR C 14 -19.02 32.81 -14.98
CA THR C 14 -18.94 31.47 -14.42
C THR C 14 -17.99 30.67 -15.29
N THR C 15 -17.09 29.94 -14.65
CA THR C 15 -16.23 29.04 -15.38
C THR C 15 -15.99 27.83 -14.51
N VAL C 16 -15.39 26.81 -15.12
CA VAL C 16 -14.98 25.61 -14.40
C VAL C 16 -13.48 25.39 -14.46
N ASP C 17 -12.77 26.03 -15.39
CA ASP C 17 -11.34 25.88 -15.58
C ASP C 17 -10.54 27.18 -15.62
N ASN C 18 -11.19 28.34 -15.59
CA ASN C 18 -10.52 29.65 -15.72
C ASN C 18 -9.68 29.71 -16.99
N ILE C 19 -10.14 29.01 -18.03
CA ILE C 19 -9.62 29.16 -19.38
C ILE C 19 -10.73 29.52 -20.35
N ASN C 20 -11.86 28.84 -20.26
CA ASN C 20 -13.03 29.10 -21.08
C ASN C 20 -14.05 29.81 -20.18
N LEU C 21 -14.29 31.09 -20.46
CA LEU C 21 -15.15 31.93 -19.62
C LEU C 21 -16.56 32.05 -20.19
N HIS C 22 -17.54 32.00 -19.29
CA HIS C 22 -18.95 32.16 -19.66
C HIS C 22 -19.52 33.48 -19.17
N THR C 23 -20.21 34.19 -20.06
CA THR C 23 -20.90 35.41 -19.67
C THR C 23 -22.23 35.02 -19.03
N GLN C 24 -22.52 35.58 -17.86
CA GLN C 24 -23.78 35.31 -17.17
C GLN C 24 -24.25 36.53 -16.40
N VAL C 25 -25.56 36.75 -16.41
CA VAL C 25 -26.19 37.84 -15.66
C VAL C 25 -27.07 37.22 -14.58
N VAL C 26 -26.94 37.71 -13.35
CA VAL C 26 -27.59 37.13 -12.20
C VAL C 26 -28.35 38.23 -11.47
N ASP C 27 -29.57 37.94 -11.02
CA ASP C 27 -30.30 38.89 -10.20
C ASP C 27 -29.75 38.87 -8.78
N MET C 28 -29.62 40.03 -8.18
CA MET C 28 -29.00 40.13 -6.86
C MET C 28 -30.01 39.83 -5.75
N SER C 29 -30.83 38.78 -5.91
CA SER C 29 -31.78 38.43 -4.85
C SER C 29 -31.51 37.06 -4.23
N MET C 30 -31.52 35.99 -5.01
CA MET C 30 -31.32 34.63 -4.51
C MET C 30 -29.85 34.23 -4.47
N THR C 31 -29.52 33.39 -3.50
CA THR C 31 -28.14 32.98 -3.27
C THR C 31 -27.56 32.20 -4.45
N TYR C 32 -26.22 32.21 -4.53
CA TYR C 32 -25.53 31.46 -5.58
C TYR C 32 -25.89 29.98 -5.53
N GLY C 33 -25.96 29.40 -4.33
CA GLY C 33 -26.24 27.98 -4.19
C GLY C 33 -27.63 27.59 -4.65
N GLN C 34 -28.56 28.55 -4.62
CA GLN C 34 -29.88 28.35 -5.20
C GLN C 34 -29.83 28.47 -6.71
N GLN C 35 -28.98 29.35 -7.22
CA GLN C 35 -28.97 29.76 -8.62
C GLN C 35 -28.10 28.88 -9.51
N PHE C 36 -26.85 28.64 -9.11
CA PHE C 36 -25.93 27.83 -9.89
C PHE C 36 -25.63 26.48 -9.25
N GLY C 37 -26.11 26.22 -8.04
CA GLY C 37 -25.65 25.09 -7.28
C GLY C 37 -24.42 25.48 -6.48
N PRO C 38 -23.55 24.52 -6.18
CA PRO C 38 -22.30 24.89 -5.50
C PRO C 38 -21.49 25.84 -6.35
N THR C 39 -21.26 27.03 -5.79
CA THR C 39 -20.58 28.11 -6.49
C THR C 39 -19.40 28.56 -5.65
N TYR C 40 -18.21 28.50 -6.21
CA TYR C 40 -16.99 28.92 -5.53
C TYR C 40 -16.39 30.14 -6.24
N LEU C 41 -15.89 31.09 -5.45
CA LEU C 41 -15.16 32.24 -5.97
C LEU C 41 -13.70 32.10 -5.51
N ASP C 42 -12.84 31.69 -6.44
CA ASP C 42 -11.38 31.53 -6.30
C ASP C 42 -10.97 31.04 -4.90
N GLY C 43 -11.50 29.89 -4.50
CA GLY C 43 -11.20 29.26 -3.23
C GLY C 43 -12.31 29.39 -2.20
N ALA C 44 -12.97 30.54 -2.15
CA ALA C 44 -14.02 30.78 -1.18
C ALA C 44 -15.32 30.16 -1.68
N ASP C 45 -15.94 29.33 -0.86
CA ASP C 45 -17.23 28.76 -1.23
C ASP C 45 -18.26 29.85 -0.95
N VAL C 46 -18.80 30.41 -2.02
CA VAL C 46 -19.75 31.51 -1.92
C VAL C 46 -21.12 30.93 -2.20
N THR C 47 -21.30 29.66 -1.87
CA THR C 47 -22.54 28.98 -2.20
C THR C 47 -23.78 29.62 -1.56
N LYS C 48 -23.77 29.84 -0.24
CA LYS C 48 -24.98 30.32 0.43
C LYS C 48 -24.83 31.79 0.76
N ILE C 49 -24.72 32.58 -0.31
CA ILE C 49 -24.64 34.02 -0.21
C ILE C 49 -25.34 34.63 -1.41
N LYS C 50 -25.89 35.84 -1.22
CA LYS C 50 -26.56 36.53 -2.29
C LYS C 50 -25.55 37.32 -3.11
N PRO C 51 -25.81 37.54 -4.40
CA PRO C 51 -24.82 38.20 -5.25
C PRO C 51 -24.54 39.63 -4.84
N HIS C 52 -23.69 39.83 -3.83
CA HIS C 52 -23.43 41.18 -3.34
C HIS C 52 -22.86 42.07 -4.44
N ASN C 53 -22.88 43.37 -4.18
CA ASN C 53 -22.50 44.39 -5.15
C ASN C 53 -21.01 44.40 -5.49
N SER C 54 -20.16 43.90 -4.59
CA SER C 54 -18.73 44.06 -4.79
C SER C 54 -18.15 43.23 -5.93
N HIS C 55 -18.87 42.21 -6.41
CA HIS C 55 -18.24 41.31 -7.37
C HIS C 55 -18.18 41.95 -8.77
N GLU C 56 -19.35 42.16 -9.38
CA GLU C 56 -19.51 42.84 -10.67
C GLU C 56 -18.39 42.56 -11.67
N GLY C 57 -18.29 41.35 -12.19
CA GLY C 57 -17.30 41.05 -13.20
C GLY C 57 -16.19 40.09 -12.80
N LYS C 58 -16.17 39.59 -11.56
CA LYS C 58 -15.14 38.64 -11.15
C LYS C 58 -15.34 37.29 -11.83
N THR C 59 -14.34 36.42 -11.67
CA THR C 59 -14.34 35.10 -12.28
C THR C 59 -14.74 34.06 -11.25
N PHE C 60 -15.74 33.24 -11.59
CA PHE C 60 -16.34 32.30 -10.66
C PHE C 60 -16.08 30.85 -11.08
N TYR C 61 -15.97 29.98 -10.08
CA TYR C 61 -15.79 28.54 -10.27
C TYR C 61 -17.10 27.83 -9.94
N VAL C 62 -17.54 26.94 -10.83
CA VAL C 62 -18.78 26.22 -10.65
C VAL C 62 -18.55 24.75 -10.94
N LEU C 63 -19.18 23.87 -10.16
CA LEU C 63 -19.15 22.45 -10.47
C LEU C 63 -19.85 22.21 -11.80
N PRO C 64 -19.30 21.36 -12.68
CA PRO C 64 -19.87 21.23 -14.01
C PRO C 64 -21.27 20.62 -14.04
N ASN C 65 -22.28 21.42 -14.40
CA ASN C 65 -23.66 20.95 -14.42
C ASN C 65 -24.17 20.65 -15.81
N ASP C 66 -23.67 21.35 -16.83
CA ASP C 66 -24.16 21.14 -18.18
C ASP C 66 -23.03 20.48 -18.96
N ASP C 67 -23.40 19.52 -19.80
CA ASP C 67 -22.38 18.68 -20.44
C ASP C 67 -21.49 19.50 -21.35
N THR C 68 -22.00 20.62 -21.87
CA THR C 68 -21.14 21.53 -22.61
C THR C 68 -19.94 21.96 -21.77
N LEU C 69 -20.13 22.06 -20.45
CA LEU C 69 -19.05 22.40 -19.53
C LEU C 69 -18.36 21.17 -18.95
N ARG C 70 -19.07 20.05 -18.82
CA ARG C 70 -18.47 18.84 -18.25
C ARG C 70 -17.27 18.41 -19.07
N VAL C 71 -17.41 18.37 -20.40
CA VAL C 71 -16.29 18.05 -21.27
C VAL C 71 -15.26 19.17 -21.22
N GLU C 72 -15.70 20.41 -20.98
CA GLU C 72 -14.77 21.52 -20.85
C GLU C 72 -13.84 21.30 -19.67
N ALA C 73 -14.36 20.83 -18.55
CA ALA C 73 -13.57 20.52 -17.37
C ALA C 73 -12.99 19.11 -17.39
N PHE C 74 -13.33 18.29 -18.38
CA PHE C 74 -12.73 16.96 -18.49
C PHE C 74 -11.51 16.95 -19.41
N GLU C 75 -11.50 17.79 -20.44
CA GLU C 75 -10.38 17.90 -21.34
C GLU C 75 -9.35 18.91 -20.84
N TYR C 76 -9.43 19.26 -19.57
CA TYR C 76 -8.49 20.15 -18.90
C TYR C 76 -7.96 19.48 -17.64
N TYR C 77 -8.79 18.66 -17.00
CA TYR C 77 -8.39 17.95 -15.79
C TYR C 77 -8.12 16.46 -15.96
N HIS C 78 -8.54 15.86 -17.07
CA HIS C 78 -8.36 14.42 -17.31
C HIS C 78 -8.96 13.58 -16.18
N THR C 79 -10.14 13.98 -15.69
CA THR C 79 -10.75 13.26 -14.58
C THR C 79 -12.23 13.02 -14.82
N THR C 80 -12.72 11.92 -14.23
CA THR C 80 -14.15 11.58 -14.26
C THR C 80 -14.86 11.86 -12.95
N ASP C 81 -14.14 12.01 -11.84
CA ASP C 81 -14.76 12.15 -10.53
C ASP C 81 -15.66 13.38 -10.47
N PRO C 82 -16.96 13.23 -10.21
CA PRO C 82 -17.80 14.42 -10.02
C PRO C 82 -17.37 15.27 -8.83
N SER C 83 -16.89 14.64 -7.77
CA SER C 83 -16.40 15.36 -6.60
C SER C 83 -14.90 15.64 -6.71
N PHE C 84 -14.50 16.19 -7.86
CA PHE C 84 -13.13 16.61 -8.08
C PHE C 84 -12.99 18.13 -7.99
N LEU C 85 -13.82 18.86 -8.73
CA LEU C 85 -13.77 20.32 -8.64
C LEU C 85 -14.15 20.78 -7.23
N GLY C 86 -15.08 20.08 -6.59
CA GLY C 86 -15.38 20.38 -5.20
C GLY C 86 -14.19 20.10 -4.30
N ARG C 87 -13.47 19.01 -4.59
CA ARG C 87 -12.28 18.66 -3.82
C ARG C 87 -11.11 19.57 -4.18
N TYR C 88 -10.96 19.85 -5.47
CA TYR C 88 -9.96 20.81 -5.90
C TYR C 88 -10.19 22.15 -5.21
N MET C 89 -11.44 22.62 -5.21
CA MET C 89 -11.75 23.94 -4.69
C MET C 89 -11.80 24.00 -3.17
N SER C 90 -12.23 22.91 -2.51
CA SER C 90 -12.23 22.89 -1.05
C SER C 90 -10.80 22.90 -0.50
N ALA C 91 -9.87 22.27 -1.20
CA ALA C 91 -8.48 22.25 -0.78
C ALA C 91 -7.68 23.43 -1.29
N LEU C 92 -8.16 24.12 -2.34
CA LEU C 92 -7.47 25.32 -2.80
C LEU C 92 -7.67 26.50 -1.86
N ASN C 93 -8.72 26.48 -1.05
CA ASN C 93 -8.93 27.56 -0.09
C ASN C 93 -7.80 27.57 0.93
N HIS C 94 -7.25 26.41 1.26
CA HIS C 94 -6.16 26.33 2.23
C HIS C 94 -4.81 26.61 1.57
N THR C 95 -4.58 26.03 0.39
CA THR C 95 -3.28 26.12 -0.25
C THR C 95 -2.93 27.55 -0.65
N LYS C 96 -3.94 28.37 -0.96
CA LYS C 96 -3.68 29.78 -1.28
C LYS C 96 -3.23 30.57 -0.06
N LYS C 97 -3.52 30.09 1.15
CA LYS C 97 -3.11 30.76 2.37
C LYS C 97 -1.72 30.37 2.84
N TRP C 98 -1.09 29.38 2.23
CA TRP C 98 0.26 29.00 2.62
C TRP C 98 1.25 30.03 2.10
N LYS C 99 2.51 29.89 2.51
CA LYS C 99 3.58 30.76 2.06
C LYS C 99 4.62 29.93 1.30
N TYR C 100 5.09 30.48 0.18
CA TYR C 100 5.99 29.77 -0.72
C TYR C 100 7.27 30.57 -0.89
N PRO C 101 8.09 30.64 0.15
CA PRO C 101 9.37 31.33 0.01
C PRO C 101 10.25 30.57 -0.97
N GLN C 102 10.92 31.30 -1.85
CA GLN C 102 11.89 30.68 -2.73
C GLN C 102 13.15 30.46 -1.91
N VAL C 103 13.46 29.20 -1.63
CA VAL C 103 14.61 28.86 -0.80
C VAL C 103 15.61 28.16 -1.70
N ASN C 104 16.83 28.69 -1.71
CA ASN C 104 17.94 28.17 -2.51
C ASN C 104 17.52 27.99 -3.97
N GLY C 105 16.90 29.02 -4.52
CA GLY C 105 16.47 29.00 -5.91
C GLY C 105 15.44 27.96 -6.26
N LEU C 106 14.65 27.51 -5.28
CA LEU C 106 13.60 26.53 -5.51
C LEU C 106 12.36 26.99 -4.77
N THR C 107 11.20 26.66 -5.31
CA THR C 107 9.95 27.05 -4.69
C THR C 107 9.58 25.99 -3.66
N SER C 108 9.69 26.35 -2.39
CA SER C 108 9.36 25.48 -1.28
C SER C 108 8.06 25.98 -0.65
N ILE C 109 7.67 25.36 0.46
CA ILE C 109 6.40 25.69 1.10
C ILE C 109 6.66 25.90 2.59
N LYS C 110 6.18 27.02 3.12
CA LYS C 110 6.26 27.24 4.56
C LYS C 110 5.35 26.24 5.26
N TRP C 111 5.87 25.65 6.35
CA TRP C 111 5.16 24.59 7.04
C TRP C 111 3.78 25.06 7.50
N ALA C 112 2.74 24.31 7.14
CA ALA C 112 1.38 24.63 7.56
C ALA C 112 0.44 23.49 7.19
N ASP C 113 -0.51 23.20 8.09
CA ASP C 113 -1.57 22.21 7.85
C ASP C 113 -1.00 20.82 7.56
N ASN C 114 0.06 20.43 8.27
CA ASN C 114 0.65 19.11 8.17
C ASN C 114 1.04 18.77 6.73
N ASN C 115 1.62 19.76 6.05
CA ASN C 115 2.05 19.65 4.66
C ASN C 115 3.46 19.11 4.52
N CYS C 116 3.93 18.34 5.51
CA CYS C 116 5.32 17.91 5.54
C CYS C 116 5.71 17.19 4.25
N TYR C 117 4.85 16.30 3.76
CA TYR C 117 5.16 15.51 2.58
C TYR C 117 5.13 16.32 1.29
N LEU C 118 4.29 17.35 1.21
CA LEU C 118 4.18 18.12 -0.03
C LEU C 118 5.38 19.03 -0.27
N ALA C 119 6.14 19.39 0.76
CA ALA C 119 7.30 20.25 0.54
C ALA C 119 8.35 19.53 -0.28
N THR C 120 8.79 18.35 0.20
CA THR C 120 9.76 17.57 -0.55
C THR C 120 9.21 17.16 -1.91
N ALA C 121 7.90 16.87 -1.97
CA ALA C 121 7.28 16.51 -3.24
C ALA C 121 7.40 17.64 -4.25
N LEU C 122 7.07 18.87 -3.83
CA LEU C 122 7.17 20.01 -4.73
C LEU C 122 8.62 20.30 -5.09
N LEU C 123 9.53 20.16 -4.11
CA LEU C 123 10.94 20.37 -4.37
C LEU C 123 11.50 19.30 -5.31
N THR C 124 11.04 18.06 -5.17
CA THR C 124 11.50 17.00 -6.06
C THR C 124 11.00 17.19 -7.49
N LEU C 125 9.80 17.76 -7.66
CA LEU C 125 9.26 17.96 -9.00
C LEU C 125 10.06 19.00 -9.77
N GLN C 126 10.68 19.95 -9.06
CA GLN C 126 11.48 20.98 -9.71
C GLN C 126 12.87 20.49 -10.08
N GLN C 127 13.20 19.24 -9.76
CA GLN C 127 14.54 18.69 -9.95
C GLN C 127 14.62 17.63 -11.03
N ILE C 128 13.52 16.92 -11.30
CA ILE C 128 13.49 15.91 -12.31
C ILE C 128 12.86 16.48 -13.57
N GLU C 129 13.02 15.78 -14.69
CA GLU C 129 12.46 16.20 -15.96
C GLU C 129 11.08 15.56 -16.09
N LEU C 130 10.03 16.35 -15.90
CA LEU C 130 8.67 15.84 -15.97
C LEU C 130 7.78 16.77 -16.77
N LYS C 131 6.91 16.17 -17.58
CA LYS C 131 5.88 16.89 -18.32
C LYS C 131 4.55 16.24 -17.99
N PHE C 132 3.63 17.01 -17.43
CA PHE C 132 2.36 16.46 -16.96
C PHE C 132 1.34 16.36 -18.09
N ASN C 133 0.50 15.33 -18.01
CA ASN C 133 -0.46 15.08 -19.07
C ASN C 133 -1.68 15.99 -18.94
N PRO C 134 -2.32 16.12 -17.77
CA PRO C 134 -3.43 17.07 -17.65
C PRO C 134 -2.98 18.48 -17.96
N PRO C 135 -3.76 19.24 -18.73
CA PRO C 135 -3.44 20.66 -18.92
C PRO C 135 -3.47 21.48 -17.63
N ALA C 136 -4.25 21.05 -16.64
CA ALA C 136 -4.29 21.75 -15.36
C ALA C 136 -2.98 21.59 -14.60
N LEU C 137 -2.46 20.36 -14.55
CA LEU C 137 -1.20 20.11 -13.85
C LEU C 137 -0.04 20.76 -14.58
N GLN C 138 -0.06 20.71 -15.92
CA GLN C 138 1.01 21.29 -16.71
C GLN C 138 1.06 22.81 -16.54
N ASP C 139 -0.11 23.47 -16.56
CA ASP C 139 -0.20 24.92 -16.49
C ASP C 139 -0.11 25.47 -15.07
N ALA C 140 -0.16 24.61 -14.05
CA ALA C 140 0.03 25.03 -12.66
C ALA C 140 1.43 24.67 -12.16
N TYR C 141 2.08 23.67 -12.76
CA TYR C 141 3.46 23.36 -12.45
C TYR C 141 4.37 24.50 -12.92
N TYR C 142 4.07 25.07 -14.10
CA TYR C 142 4.82 26.24 -14.58
C TYR C 142 4.83 27.35 -13.56
N ARG C 143 3.63 27.71 -13.10
CA ARG C 143 3.48 28.76 -12.10
C ARG C 143 4.15 28.36 -10.81
N ALA C 144 4.16 27.05 -10.51
CA ALA C 144 4.82 26.59 -9.30
C ALA C 144 6.31 26.92 -9.31
N ARG C 145 6.96 26.79 -10.47
CA ARG C 145 8.38 27.14 -10.55
C ARG C 145 8.64 28.63 -10.66
N ALA C 146 7.60 29.45 -10.75
CA ALA C 146 7.77 30.89 -10.83
C ALA C 146 7.56 31.55 -9.47
N GLY C 147 7.56 30.75 -8.40
CA GLY C 147 7.46 31.23 -7.04
C GLY C 147 6.07 31.21 -6.45
N GLU C 148 5.05 30.88 -7.25
CA GLU C 148 3.67 30.83 -6.78
C GLU C 148 3.11 29.46 -7.16
N ALA C 149 3.07 28.54 -6.19
CA ALA C 149 2.62 27.18 -6.42
C ALA C 149 1.28 26.91 -5.78
N ALA C 150 0.43 27.93 -5.69
CA ALA C 150 -0.87 27.77 -5.04
C ALA C 150 -1.74 26.75 -5.77
N ASN C 151 -1.87 26.87 -7.08
CA ASN C 151 -2.73 25.90 -7.77
C ASN C 151 -2.09 24.51 -7.82
N PHE C 152 -0.76 24.44 -7.93
CA PHE C 152 -0.10 23.14 -8.05
C PHE C 152 -0.39 22.24 -6.87
N CYS C 153 -0.24 22.75 -5.64
CA CYS C 153 -0.44 21.91 -4.47
C CYS C 153 -1.91 21.55 -4.25
N ALA C 154 -2.83 22.36 -4.78
CA ALA C 154 -4.25 22.00 -4.70
C ALA C 154 -4.58 20.86 -5.67
N LEU C 155 -4.05 20.92 -6.89
CA LEU C 155 -4.25 19.83 -7.84
C LEU C 155 -3.72 18.52 -7.29
N ILE C 156 -2.54 18.55 -6.66
CA ILE C 156 -1.98 17.33 -6.10
C ILE C 156 -2.89 16.79 -5.01
N LEU C 157 -3.46 17.67 -4.18
CA LEU C 157 -4.35 17.24 -3.12
C LEU C 157 -5.68 16.71 -3.64
N ALA C 158 -6.06 17.03 -4.88
CA ALA C 158 -7.24 16.45 -5.49
C ALA C 158 -6.89 15.23 -6.33
N TYR C 159 -5.78 15.30 -7.06
CA TYR C 159 -5.33 14.17 -7.86
C TYR C 159 -4.91 13.01 -6.97
N CYS C 160 -4.43 13.30 -5.76
CA CYS C 160 -4.20 12.27 -4.77
C CYS C 160 -5.41 12.06 -3.89
N ASN C 161 -6.46 12.85 -4.08
CA ASN C 161 -7.73 12.65 -3.40
C ASN C 161 -7.59 12.70 -1.88
N LYS C 162 -6.57 13.43 -1.42
CA LYS C 162 -6.31 13.73 -0.01
C LYS C 162 -6.92 15.08 0.38
N THR C 163 -7.21 15.23 1.67
CA THR C 163 -7.73 16.48 2.21
C THR C 163 -6.60 17.25 2.89
N VAL C 164 -6.74 18.57 2.91
CA VAL C 164 -5.74 19.40 3.59
C VAL C 164 -5.68 19.00 5.05
N GLY C 165 -4.53 18.47 5.47
CA GLY C 165 -4.33 17.94 6.81
C GLY C 165 -4.07 16.45 6.82
N GLU C 166 -4.64 15.71 5.88
CA GLU C 166 -4.38 14.28 5.76
C GLU C 166 -2.89 14.03 5.54
N LEU C 167 -2.24 13.42 6.54
CA LEU C 167 -0.84 13.06 6.41
C LEU C 167 -0.63 12.05 5.30
N GLY C 168 0.52 12.14 4.63
CA GLY C 168 0.78 11.34 3.45
C GLY C 168 2.23 10.90 3.36
N ASP C 169 2.47 10.03 2.38
CA ASP C 169 3.78 9.48 2.07
C ASP C 169 4.26 10.08 0.76
N VAL C 170 5.55 10.44 0.71
CA VAL C 170 6.07 11.04 -0.51
C VAL C 170 6.11 9.99 -1.62
N ARG C 171 6.41 8.74 -1.25
CA ARG C 171 6.41 7.66 -2.24
C ARG C 171 5.02 7.50 -2.87
N GLU C 172 3.98 7.57 -2.05
CA GLU C 172 2.62 7.38 -2.55
C GLU C 172 2.15 8.62 -3.31
N THR C 173 2.51 9.81 -2.83
CA THR C 173 2.09 11.03 -3.51
C THR C 173 2.67 11.09 -4.92
N MET C 174 3.91 10.64 -5.09
CA MET C 174 4.50 10.57 -6.42
C MET C 174 4.03 9.37 -7.23
N SER C 175 3.52 8.33 -6.58
CA SER C 175 3.01 7.21 -7.37
C SER C 175 1.69 7.56 -8.06
N TYR C 176 0.87 8.42 -7.43
CA TYR C 176 -0.37 8.81 -8.07
C TYR C 176 -0.11 9.93 -9.07
N LEU C 177 0.82 10.83 -8.73
CA LEU C 177 1.19 11.95 -9.60
C LEU C 177 1.91 11.48 -10.86
N PHE C 178 2.72 10.43 -10.75
CA PHE C 178 3.53 9.99 -11.88
C PHE C 178 2.69 9.39 -13.00
N GLN C 179 1.55 8.76 -12.65
CA GLN C 179 0.67 8.20 -13.67
C GLN C 179 -0.02 9.29 -14.49
N HIS C 180 0.07 10.55 -14.08
CA HIS C 180 -0.45 11.69 -14.83
C HIS C 180 0.70 12.46 -15.47
N ALA C 181 1.70 11.72 -15.94
CA ALA C 181 2.86 12.31 -16.59
C ALA C 181 3.17 11.51 -17.84
N ASN C 182 3.83 12.15 -18.79
CA ASN C 182 4.14 11.50 -20.06
C ASN C 182 5.34 10.59 -19.83
N LEU C 183 5.07 9.40 -19.30
CA LEU C 183 6.07 8.35 -19.15
C LEU C 183 5.66 7.28 -20.14
N ASP C 184 6.06 7.51 -21.39
CA ASP C 184 5.82 6.66 -22.54
C ASP C 184 7.11 6.16 -23.12
N SER C 185 8.12 7.02 -23.20
CA SER C 185 9.47 6.65 -23.61
C SER C 185 10.30 6.17 -22.44
N CYS C 186 9.64 5.62 -21.43
CA CYS C 186 10.29 5.06 -20.26
C CYS C 186 10.25 3.54 -20.37
N LYS C 187 11.42 2.92 -20.26
CA LYS C 187 11.54 1.48 -20.40
C LYS C 187 12.59 1.01 -19.43
N ARG C 188 12.23 0.00 -18.63
CA ARG C 188 13.14 -0.64 -17.70
C ARG C 188 13.16 -2.12 -18.03
N VAL C 189 14.34 -2.67 -18.24
CA VAL C 189 14.48 -4.08 -18.51
C VAL C 189 15.35 -4.63 -17.40
N LEU C 190 14.76 -5.46 -16.55
CA LEU C 190 15.48 -6.14 -15.49
C LEU C 190 15.52 -7.64 -15.79
N ASN C 191 16.40 -8.33 -15.08
CA ASN C 191 16.57 -9.77 -15.25
C ASN C 191 16.68 -10.39 -13.86
N VAL C 192 16.12 -11.58 -13.72
CA VAL C 192 16.10 -12.31 -12.45
C VAL C 192 16.77 -13.65 -12.69
N VAL C 193 17.66 -14.05 -11.78
CA VAL C 193 18.42 -15.28 -11.92
C VAL C 193 18.37 -16.07 -10.62
N CYS C 194 17.82 -17.28 -10.69
CA CYS C 194 17.87 -18.25 -9.61
C CYS C 194 18.83 -19.37 -9.98
N LYS C 195 19.74 -19.71 -9.06
CA LYS C 195 20.75 -20.72 -9.33
C LYS C 195 20.10 -22.03 -9.79
N THR C 196 18.90 -22.33 -9.30
CA THR C 196 18.20 -23.57 -9.59
C THR C 196 17.08 -23.42 -10.64
N CYS C 197 16.35 -22.31 -10.62
CA CYS C 197 15.23 -22.14 -11.55
C CYS C 197 15.69 -21.72 -12.95
N GLY C 198 16.84 -21.09 -13.08
CA GLY C 198 17.22 -20.50 -14.35
C GLY C 198 17.09 -19.00 -14.30
N GLN C 199 16.34 -18.40 -15.23
CA GLN C 199 16.29 -16.96 -15.35
C GLN C 199 15.18 -16.57 -16.31
N GLN C 200 14.44 -15.52 -15.95
CA GLN C 200 13.45 -14.95 -16.84
C GLN C 200 13.61 -13.44 -16.84
N GLN C 201 13.55 -12.84 -18.01
CA GLN C 201 13.72 -11.39 -18.16
C GLN C 201 12.38 -10.71 -18.38
N THR C 202 12.11 -9.68 -17.58
CA THR C 202 10.90 -8.88 -17.67
C THR C 202 11.22 -7.45 -18.10
N THR C 203 10.29 -6.85 -18.84
CA THR C 203 10.43 -5.49 -19.37
C THR C 203 9.28 -4.65 -18.87
N LEU C 204 9.59 -3.51 -18.24
CA LEU C 204 8.61 -2.64 -17.61
C LEU C 204 8.62 -1.25 -18.27
N LYS C 205 7.42 -0.73 -18.53
CA LYS C 205 7.27 0.59 -19.13
C LYS C 205 6.33 1.43 -18.29
N GLY C 206 6.54 2.75 -18.32
CA GLY C 206 5.67 3.68 -17.64
C GLY C 206 6.13 4.06 -16.24
N VAL C 207 5.17 4.25 -15.35
CA VAL C 207 5.48 4.72 -13.99
C VAL C 207 6.37 3.70 -13.28
N GLU C 208 6.12 2.42 -13.53
CA GLU C 208 6.86 1.36 -12.85
C GLU C 208 8.22 1.11 -13.49
N ALA C 209 8.57 1.83 -14.55
CA ALA C 209 9.87 1.73 -15.18
C ALA C 209 10.83 2.79 -14.65
N VAL C 210 10.36 3.65 -13.74
CA VAL C 210 11.19 4.65 -13.09
C VAL C 210 11.18 4.52 -11.57
N MET C 211 10.29 3.69 -11.02
CA MET C 211 10.14 3.52 -9.59
C MET C 211 10.61 2.14 -9.18
N TYR C 212 11.31 2.06 -8.04
CA TYR C 212 11.66 0.79 -7.44
C TYR C 212 11.65 0.96 -5.93
N MET C 213 11.14 -0.06 -5.24
CA MET C 213 11.03 -0.06 -3.79
C MET C 213 11.78 -1.28 -3.25
N GLY C 214 12.84 -1.04 -2.48
CA GLY C 214 13.59 -2.13 -1.90
C GLY C 214 15.06 -1.86 -1.66
N THR C 215 15.58 -0.76 -2.21
CA THR C 215 16.94 -0.33 -1.93
C THR C 215 17.10 1.11 -2.40
N LEU C 216 17.95 1.87 -1.70
CA LEU C 216 18.20 3.25 -2.06
C LEU C 216 19.40 3.44 -2.98
N SER C 217 20.32 2.49 -3.01
CA SER C 217 21.54 2.60 -3.81
C SER C 217 21.23 2.23 -5.26
N TYR C 218 21.27 3.23 -6.16
CA TYR C 218 21.09 2.95 -7.58
C TYR C 218 22.18 2.02 -8.09
N GLU C 219 23.44 2.28 -7.71
CA GLU C 219 24.54 1.42 -8.14
C GLU C 219 24.29 -0.04 -7.79
N GLN C 220 23.62 -0.29 -6.67
CA GLN C 220 23.30 -1.66 -6.27
C GLN C 220 22.23 -2.29 -7.15
N PHE C 221 21.21 -1.51 -7.54
CA PHE C 221 20.20 -2.07 -8.43
C PHE C 221 20.85 -2.64 -9.68
N LYS C 222 21.92 -2.00 -10.12
CA LYS C 222 22.74 -2.50 -11.20
C LYS C 222 23.55 -3.72 -10.76
N LYS C 223 24.02 -3.70 -9.50
CA LYS C 223 24.85 -4.79 -8.97
C LYS C 223 24.02 -6.02 -8.60
N GLY C 224 22.75 -5.83 -8.23
CA GLY C 224 21.89 -6.94 -7.88
C GLY C 224 21.17 -6.83 -6.55
N VAL C 225 19.92 -7.29 -6.52
CA VAL C 225 19.12 -7.33 -5.30
C VAL C 225 18.46 -8.71 -5.22
N GLN C 226 18.37 -9.24 -4.00
CA GLN C 226 17.98 -10.62 -3.78
C GLN C 226 16.56 -10.74 -3.24
N ILE C 227 15.79 -11.66 -3.80
CA ILE C 227 14.37 -11.82 -3.48
C ILE C 227 14.07 -13.29 -3.25
N PRO C 228 12.97 -13.60 -2.54
CA PRO C 228 12.72 -14.99 -2.10
C PRO C 228 12.52 -16.04 -3.18
N CYS C 229 12.24 -15.67 -4.44
CA CYS C 229 12.09 -16.64 -5.53
C CYS C 229 10.89 -17.57 -5.34
N THR C 230 10.48 -18.26 -6.40
CA THR C 230 9.28 -19.08 -6.34
C THR C 230 9.48 -20.50 -5.80
N CYS C 231 10.71 -20.94 -5.60
CA CYS C 231 10.93 -22.28 -5.04
C CYS C 231 11.23 -22.28 -3.55
N GLY C 232 11.94 -21.26 -3.06
CA GLY C 232 12.34 -21.22 -1.68
C GLY C 232 13.80 -20.82 -1.59
N LYS C 233 14.44 -20.72 -2.76
CA LYS C 233 15.84 -20.37 -2.87
C LYS C 233 15.98 -18.87 -3.04
N GLN C 234 17.19 -18.39 -3.29
CA GLN C 234 17.45 -16.96 -3.40
C GLN C 234 17.64 -16.58 -4.85
N ALA C 235 16.92 -15.55 -5.29
CA ALA C 235 17.05 -15.03 -6.64
C ALA C 235 17.85 -13.74 -6.63
N THR C 236 18.22 -13.29 -7.82
CA THR C 236 18.96 -12.03 -7.97
C THR C 236 18.28 -11.17 -9.04
N LYS C 237 17.91 -9.96 -8.66
CA LYS C 237 17.35 -8.99 -9.59
C LYS C 237 18.39 -7.91 -9.85
N TYR C 238 18.58 -7.56 -11.11
CA TYR C 238 19.54 -6.53 -11.46
C TYR C 238 19.06 -5.80 -12.70
N LEU C 239 19.52 -4.57 -12.85
CA LEU C 239 19.10 -3.74 -13.98
C LEU C 239 19.85 -4.18 -15.23
N VAL C 240 19.10 -4.60 -16.25
CA VAL C 240 19.72 -4.93 -17.54
C VAL C 240 19.84 -3.68 -18.40
N GLN C 241 18.75 -2.94 -18.56
CA GLN C 241 18.75 -1.72 -19.35
C GLN C 241 17.63 -0.83 -18.85
N GLN C 242 17.88 0.48 -18.81
CA GLN C 242 16.89 1.44 -18.35
C GLN C 242 17.02 2.71 -19.17
N GLU C 243 15.93 3.12 -19.80
CA GLU C 243 15.88 4.34 -20.62
C GLU C 243 14.80 5.24 -20.04
N SER C 244 15.21 6.30 -19.33
CA SER C 244 14.27 7.20 -18.70
C SER C 244 14.97 8.45 -18.17
N PRO C 245 14.31 9.60 -18.19
CA PRO C 245 14.96 10.84 -17.75
C PRO C 245 15.42 10.81 -16.30
N PHE C 246 14.88 9.93 -15.47
CA PHE C 246 15.27 9.87 -14.06
C PHE C 246 14.90 8.49 -13.52
N VAL C 247 15.26 8.26 -12.26
CA VAL C 247 14.89 7.04 -11.55
C VAL C 247 14.61 7.41 -10.10
N MET C 248 13.54 6.83 -9.55
CA MET C 248 13.18 7.01 -8.14
C MET C 248 13.42 5.69 -7.42
N MET C 249 14.26 5.72 -6.40
CA MET C 249 14.51 4.57 -5.53
C MET C 249 13.92 4.83 -4.16
N SER C 250 13.22 3.84 -3.62
CA SER C 250 12.57 3.98 -2.33
C SER C 250 12.85 2.76 -1.47
N ALA C 251 12.81 2.97 -0.16
CA ALA C 251 13.10 1.92 0.81
C ALA C 251 12.60 2.39 2.17
N PRO C 252 12.40 1.47 3.11
CA PRO C 252 11.98 1.88 4.44
C PRO C 252 12.97 2.82 5.06
N PRO C 253 12.52 3.79 5.86
CA PRO C 253 13.45 4.79 6.40
C PRO C 253 14.55 4.14 7.23
N ALA C 254 15.78 4.62 7.03
CA ALA C 254 16.95 4.10 7.72
C ALA C 254 18.13 5.03 7.45
N GLN C 255 19.07 5.04 8.39
CA GLN C 255 20.24 5.90 8.25
C GLN C 255 21.12 5.44 7.08
N TYR C 256 21.25 6.32 6.09
CA TYR C 256 22.00 6.07 4.87
C TYR C 256 22.90 7.29 4.64
N GLU C 257 24.05 7.09 4.00
CA GLU C 257 25.04 8.15 3.84
C GLU C 257 25.04 8.69 2.42
N LEU C 258 25.04 10.02 2.31
CA LEU C 258 25.02 10.73 1.04
C LEU C 258 26.36 11.39 0.73
N LYS C 259 26.68 11.46 -0.57
CA LYS C 259 27.87 12.10 -1.11
C LYS C 259 27.45 13.21 -2.06
N HIS C 260 28.28 14.24 -2.16
CA HIS C 260 27.95 15.45 -2.91
C HIS C 260 27.60 15.20 -4.38
N GLY C 261 28.07 14.12 -4.98
CA GLY C 261 27.75 13.88 -6.37
C GLY C 261 27.10 12.57 -6.75
N THR C 262 26.58 11.82 -5.78
CA THR C 262 26.03 10.50 -6.05
C THR C 262 24.56 10.49 -6.48
N PHE C 263 23.80 11.55 -6.25
CA PHE C 263 22.37 11.54 -6.57
C PHE C 263 21.98 12.88 -7.16
N THR C 264 20.67 13.10 -7.27
CA THR C 264 20.09 14.37 -7.70
C THR C 264 19.36 15.08 -6.58
N CYS C 265 18.48 14.37 -5.87
CA CYS C 265 17.82 14.89 -4.68
C CYS C 265 17.29 13.70 -3.89
N ALA C 266 16.92 13.96 -2.64
CA ALA C 266 16.52 12.88 -1.73
C ALA C 266 15.37 13.34 -0.85
N SER C 267 14.86 12.40 -0.05
CA SER C 267 13.75 12.64 0.86
C SER C 267 14.03 11.94 2.18
N GLU C 268 13.63 12.57 3.29
CA GLU C 268 13.86 12.03 4.61
C GLU C 268 12.56 11.99 5.39
N TYR C 269 12.35 10.90 6.12
CA TYR C 269 11.17 10.71 6.96
C TYR C 269 11.72 10.51 8.37
N THR C 270 11.96 11.62 9.07
CA THR C 270 12.40 11.55 10.47
C THR C 270 11.18 11.52 11.38
N GLY C 271 10.85 10.35 11.87
CA GLY C 271 9.72 10.20 12.77
C GLY C 271 9.26 8.77 12.85
N ASN C 272 8.15 8.59 13.57
CA ASN C 272 7.58 7.28 13.79
C ASN C 272 6.60 6.95 12.67
N TYR C 273 6.49 5.66 12.33
CA TYR C 273 5.61 5.28 11.23
C TYR C 273 4.14 5.32 11.58
N GLN C 274 3.72 6.33 12.33
CA GLN C 274 2.30 6.67 12.46
C GLN C 274 2.12 8.16 12.65
N CYS C 275 3.19 8.94 12.67
CA CYS C 275 3.20 10.40 12.70
C CYS C 275 4.61 10.87 12.37
N GLY C 276 4.76 11.72 11.36
CA GLY C 276 6.11 12.08 10.97
C GLY C 276 6.32 13.46 10.38
N HIS C 277 7.50 13.67 9.80
CA HIS C 277 7.91 14.97 9.30
C HIS C 277 8.96 14.73 8.22
N TYR C 278 8.82 15.44 7.10
CA TYR C 278 9.67 15.22 5.93
C TYR C 278 10.66 16.36 5.75
N LYS C 279 11.87 16.01 5.32
CA LYS C 279 12.87 16.98 4.91
C LYS C 279 13.40 16.58 3.54
N HIS C 280 13.88 17.58 2.79
CA HIS C 280 14.33 17.39 1.42
C HIS C 280 15.81 17.67 1.31
N ILE C 281 16.54 16.78 0.63
CA ILE C 281 17.99 16.88 0.49
C ILE C 281 18.35 16.92 -0.98
N THR C 282 19.16 17.91 -1.37
CA THR C 282 19.61 18.05 -2.75
C THR C 282 21.10 18.41 -2.78
N SER C 283 21.81 17.82 -3.74
CA SER C 283 23.25 18.01 -3.91
C SER C 283 23.50 19.02 -5.03
N LYS C 284 23.56 20.30 -4.67
CA LYS C 284 23.96 21.33 -5.65
C LYS C 284 25.48 21.48 -5.73
N GLU C 285 26.09 21.97 -4.64
CA GLU C 285 27.54 22.11 -4.54
C GLU C 285 28.00 21.52 -3.21
N THR C 286 27.15 21.69 -2.20
CA THR C 286 27.33 21.06 -0.89
C THR C 286 25.92 20.71 -0.42
N LEU C 287 25.77 19.47 0.07
CA LEU C 287 24.48 18.87 0.35
C LEU C 287 23.60 19.86 1.10
N TYR C 288 22.46 20.22 0.52
CA TYR C 288 21.54 21.19 1.10
C TYR C 288 20.34 20.47 1.69
N CYS C 289 19.93 20.87 2.89
CA CYS C 289 18.77 20.30 3.55
C CYS C 289 17.69 21.36 3.70
N ILE C 290 16.60 21.21 2.95
CA ILE C 290 15.50 22.17 2.93
C ILE C 290 14.30 21.57 3.66
N ASP C 291 13.98 22.10 4.85
CA ASP C 291 12.80 21.66 5.60
C ASP C 291 11.73 22.74 5.47
N GLY C 292 11.07 22.76 4.31
CA GLY C 292 10.08 23.80 4.09
C GLY C 292 10.72 25.14 3.83
N ALA C 293 10.59 26.04 4.80
CA ALA C 293 11.16 27.38 4.71
C ALA C 293 12.51 27.52 5.40
N LEU C 294 13.08 26.44 5.93
CA LEU C 294 14.35 26.47 6.63
C LEU C 294 15.45 25.85 5.76
N LEU C 295 16.62 26.47 5.79
CA LEU C 295 17.75 26.06 4.98
C LEU C 295 18.95 25.72 5.85
N THR C 296 19.51 24.53 5.64
CA THR C 296 20.74 24.11 6.33
C THR C 296 21.59 23.29 5.36
N LYS C 297 22.85 23.70 5.19
CA LYS C 297 23.83 23.05 4.32
C LYS C 297 24.64 22.03 5.13
N SER C 298 25.38 21.17 4.43
CA SER C 298 26.22 20.17 5.07
C SER C 298 27.19 19.56 4.06
N SER C 299 28.26 18.96 4.58
CA SER C 299 29.18 18.27 3.69
C SER C 299 28.59 16.95 3.23
N GLU C 300 28.34 16.09 4.19
CA GLU C 300 27.71 14.80 3.99
C GLU C 300 26.48 14.73 4.86
N TYR C 301 25.55 13.86 4.51
CA TYR C 301 24.31 13.82 5.27
C TYR C 301 24.01 12.38 5.62
N LYS C 302 24.28 12.02 6.86
CA LYS C 302 23.90 10.73 7.40
C LYS C 302 22.61 10.96 8.17
N GLY C 303 21.53 10.35 7.69
CA GLY C 303 20.22 10.57 8.26
C GLY C 303 19.19 9.57 7.80
N PRO C 304 17.97 9.70 8.32
CA PRO C 304 16.88 8.74 8.06
C PRO C 304 16.22 8.93 6.70
N ILE C 305 16.96 8.62 5.65
CA ILE C 305 16.51 8.86 4.29
C ILE C 305 15.71 7.67 3.77
N THR C 306 14.59 7.99 3.11
CA THR C 306 13.67 6.99 2.55
C THR C 306 13.61 6.98 1.03
N ASP C 307 13.73 8.13 0.36
CA ASP C 307 13.67 8.20 -1.10
C ASP C 307 14.86 8.98 -1.64
N VAL C 308 15.46 8.47 -2.71
CA VAL C 308 16.56 9.15 -3.40
C VAL C 308 16.28 9.08 -4.90
N PHE C 309 16.46 10.22 -5.58
CA PHE C 309 16.23 10.32 -7.02
C PHE C 309 17.56 10.52 -7.73
N TYR C 310 17.81 9.69 -8.76
CA TYR C 310 19.01 9.77 -9.57
C TYR C 310 18.66 10.14 -11.02
N LYS C 311 19.55 10.89 -11.65
CA LYS C 311 19.38 11.31 -13.04
C LYS C 311 19.95 10.29 -14.01
N GLU C 312 19.18 9.99 -15.07
CA GLU C 312 19.63 9.06 -16.11
C GLU C 312 19.16 9.51 -17.49
N ASN C 313 19.87 9.03 -18.50
CA ASN C 313 19.53 9.15 -19.92
C ASN C 313 19.33 7.79 -20.57
N SER C 314 20.31 6.90 -20.43
CA SER C 314 20.27 5.59 -21.05
C SER C 314 21.33 4.71 -20.40
N TYR C 315 21.00 3.46 -20.16
CA TYR C 315 21.94 2.55 -19.52
C TYR C 315 21.76 1.13 -20.06
N THR C 316 22.90 0.46 -20.26
CA THR C 316 22.97 -0.93 -20.70
C THR C 316 23.96 -1.65 -19.80
N THR C 317 23.55 -2.78 -19.24
CA THR C 317 24.35 -3.43 -18.21
C THR C 317 25.66 -3.96 -18.79
N THR C 318 26.67 -4.04 -17.92
CA THR C 318 27.96 -4.62 -18.26
C THR C 318 28.04 -6.08 -17.82
N ILE C 319 26.89 -6.69 -17.56
CA ILE C 319 26.77 -8.03 -17.00
C ILE C 319 26.41 -9.01 -18.12
N LYS C 320 26.97 -10.22 -18.05
CA LYS C 320 26.57 -11.30 -18.95
C LYS C 320 26.32 -12.58 -18.16
N THR D 9 47.71 -6.53 -41.25
CA THR D 9 49.12 -6.33 -40.94
C THR D 9 49.51 -4.85 -41.15
N ILE D 10 49.27 -4.02 -40.13
CA ILE D 10 49.61 -2.60 -40.21
C ILE D 10 49.91 -2.06 -38.83
N LYS D 11 50.68 -0.97 -38.79
CA LYS D 11 51.10 -0.31 -37.56
C LYS D 11 50.22 0.93 -37.31
N VAL D 12 49.63 0.99 -36.12
CA VAL D 12 48.78 2.13 -35.76
C VAL D 12 48.93 2.38 -34.26
N PHE D 13 48.69 3.63 -33.84
CA PHE D 13 48.91 4.03 -32.46
C PHE D 13 47.58 4.16 -31.72
N THR D 14 47.48 3.49 -30.58
CA THR D 14 46.35 3.64 -29.67
C THR D 14 46.74 4.54 -28.51
N THR D 15 45.85 5.45 -28.14
CA THR D 15 46.08 6.32 -27.00
C THR D 15 44.77 6.54 -26.25
N VAL D 16 44.90 7.12 -25.06
CA VAL D 16 43.74 7.49 -24.25
C VAL D 16 43.66 8.99 -24.00
N ASP D 17 44.76 9.72 -24.17
CA ASP D 17 44.83 11.14 -23.89
C ASP D 17 45.38 11.98 -25.04
N ASN D 18 45.84 11.33 -26.12
CA ASN D 18 46.48 11.98 -27.26
C ASN D 18 47.70 12.81 -26.84
N ILE D 19 48.43 12.35 -25.83
CA ILE D 19 49.77 12.85 -25.53
C ILE D 19 50.80 11.72 -25.53
N ASN D 20 50.46 10.58 -24.94
CA ASN D 20 51.32 9.39 -24.90
C ASN D 20 50.76 8.35 -25.86
N LEU D 21 51.51 8.05 -26.91
CA LEU D 21 51.09 7.13 -27.94
C LEU D 21 51.78 5.79 -27.76
N HIS D 22 51.01 4.72 -27.75
CA HIS D 22 51.53 3.37 -27.71
C HIS D 22 51.29 2.70 -29.06
N THR D 23 52.34 2.15 -29.63
CA THR D 23 52.26 1.51 -30.94
C THR D 23 51.66 0.12 -30.83
N GLN D 24 50.78 -0.20 -31.77
CA GLN D 24 50.16 -1.50 -31.84
C GLN D 24 50.09 -1.90 -33.31
N VAL D 25 50.35 -3.17 -33.59
CA VAL D 25 50.31 -3.69 -34.96
C VAL D 25 49.11 -4.63 -35.04
N VAL D 26 48.31 -4.45 -36.09
CA VAL D 26 46.97 -5.02 -36.17
C VAL D 26 46.80 -5.85 -37.43
N ASP D 27 46.01 -6.91 -37.30
CA ASP D 27 45.61 -7.74 -38.44
C ASP D 27 44.59 -7.01 -39.30
N MET D 28 44.74 -7.15 -40.62
CA MET D 28 43.87 -6.48 -41.59
C MET D 28 42.58 -7.23 -41.83
N SER D 29 42.37 -8.33 -41.11
CA SER D 29 41.15 -9.12 -41.14
C SER D 29 40.38 -9.00 -39.84
N MET D 30 41.08 -9.07 -38.71
CA MET D 30 40.46 -8.91 -37.41
C MET D 30 40.21 -7.43 -37.18
N THR D 31 39.03 -7.07 -36.71
CA THR D 31 38.71 -5.68 -36.46
C THR D 31 39.46 -5.16 -35.25
N TYR D 32 39.57 -3.83 -35.18
CA TYR D 32 40.20 -3.20 -34.03
C TYR D 32 39.53 -3.61 -32.72
N GLY D 33 38.19 -3.64 -32.70
CA GLY D 33 37.47 -3.85 -31.46
C GLY D 33 37.61 -5.20 -30.81
N GLN D 34 37.94 -6.24 -31.57
CA GLN D 34 38.17 -7.53 -30.92
C GLN D 34 39.52 -7.54 -30.22
N GLN D 35 40.53 -6.93 -30.83
CA GLN D 35 41.88 -6.94 -30.30
C GLN D 35 42.17 -5.71 -29.42
N PHE D 36 41.50 -4.58 -29.66
CA PHE D 36 41.73 -3.38 -28.86
C PHE D 36 40.65 -3.09 -27.82
N GLY D 37 39.50 -3.76 -27.88
CA GLY D 37 38.37 -3.36 -27.08
C GLY D 37 37.61 -2.25 -27.78
N PRO D 38 36.86 -1.45 -27.03
CA PRO D 38 36.22 -0.27 -27.65
C PRO D 38 37.27 0.62 -28.29
N THR D 39 37.14 0.84 -29.60
CA THR D 39 38.13 1.57 -30.38
C THR D 39 37.43 2.73 -31.07
N TYR D 40 37.90 3.95 -30.80
CA TYR D 40 37.37 5.17 -31.39
C TYR D 40 38.45 5.86 -32.21
N LEU D 41 38.07 6.39 -33.37
CA LEU D 41 38.95 7.22 -34.17
C LEU D 41 38.36 8.63 -34.20
N ASP D 42 38.94 9.54 -33.44
CA ASP D 42 38.55 10.96 -33.34
C ASP D 42 37.04 11.15 -33.43
N GLY D 43 36.32 10.45 -32.55
CA GLY D 43 34.88 10.55 -32.49
C GLY D 43 34.16 9.36 -33.10
N ALA D 44 34.72 8.82 -34.17
CA ALA D 44 34.11 7.73 -34.90
C ALA D 44 34.34 6.40 -34.19
N ASP D 45 33.27 5.65 -33.97
CA ASP D 45 33.35 4.33 -33.36
C ASP D 45 33.84 3.35 -34.41
N VAL D 46 35.10 2.93 -34.31
CA VAL D 46 35.68 1.99 -35.25
C VAL D 46 35.88 0.63 -34.58
N THR D 47 35.04 0.32 -33.59
CA THR D 47 35.15 -0.94 -32.86
C THR D 47 34.93 -2.13 -33.77
N LYS D 48 33.94 -2.06 -34.66
CA LYS D 48 33.62 -3.19 -35.52
C LYS D 48 33.90 -2.91 -37.00
N ILE D 49 35.14 -2.55 -37.34
CA ILE D 49 35.50 -2.32 -38.74
C ILE D 49 36.90 -2.87 -39.00
N LYS D 50 37.13 -3.31 -40.26
CA LYS D 50 38.40 -3.90 -40.63
C LYS D 50 39.38 -2.83 -41.09
N PRO D 51 40.68 -3.05 -40.85
CA PRO D 51 41.68 -2.04 -41.24
C PRO D 51 41.70 -1.81 -42.73
N HIS D 52 42.40 -0.75 -43.12
CA HIS D 52 42.51 -0.38 -44.53
C HIS D 52 43.88 0.22 -44.77
N ASN D 53 44.23 0.33 -46.06
CA ASN D 53 45.56 0.82 -46.43
C ASN D 53 45.74 2.28 -46.06
N SER D 54 44.64 3.03 -45.99
CA SER D 54 44.71 4.47 -45.78
C SER D 54 45.16 4.85 -44.36
N HIS D 55 45.09 3.92 -43.40
CA HIS D 55 45.29 4.36 -42.02
C HIS D 55 46.77 4.55 -41.70
N GLU D 56 47.50 3.44 -41.51
CA GLU D 56 48.95 3.38 -41.27
C GLU D 56 49.52 4.60 -40.56
N GLY D 57 49.26 4.76 -39.27
CA GLY D 57 49.85 5.84 -38.52
C GLY D 57 48.89 6.88 -38.00
N LYS D 58 47.59 6.81 -38.31
CA LYS D 58 46.69 7.77 -37.70
C LYS D 58 46.51 7.41 -36.24
N THR D 59 46.23 8.41 -35.41
CA THR D 59 46.09 8.20 -33.98
C THR D 59 44.72 7.62 -33.64
N PHE D 60 44.71 6.57 -32.84
CA PHE D 60 43.48 5.91 -32.46
C PHE D 60 43.21 6.12 -30.98
N TYR D 61 41.92 6.20 -30.66
CA TYR D 61 41.45 6.39 -29.29
C TYR D 61 40.82 5.10 -28.82
N VAL D 62 41.23 4.65 -27.63
CA VAL D 62 40.72 3.41 -27.05
C VAL D 62 40.36 3.65 -25.60
N LEU D 63 39.32 2.95 -25.14
CA LEU D 63 39.04 2.95 -23.72
C LEU D 63 40.23 2.33 -22.99
N PRO D 64 40.67 2.89 -21.87
CA PRO D 64 41.87 2.34 -21.23
C PRO D 64 41.60 0.93 -20.75
N ASN D 65 42.24 -0.04 -21.41
CA ASN D 65 42.02 -1.46 -21.20
C ASN D 65 43.14 -2.13 -20.39
N ASP D 66 44.11 -1.37 -19.90
CA ASP D 66 45.24 -1.92 -19.18
C ASP D 66 45.83 -0.87 -18.27
N ASP D 67 46.50 -1.33 -17.20
CA ASP D 67 46.94 -0.43 -16.14
C ASP D 67 47.89 0.65 -16.64
N THR D 68 48.69 0.36 -17.65
CA THR D 68 49.56 1.39 -18.24
C THR D 68 48.74 2.57 -18.76
N LEU D 69 47.52 2.32 -19.21
CA LEU D 69 46.65 3.36 -19.74
C LEU D 69 45.83 4.09 -18.68
N ARG D 70 45.47 3.41 -17.59
CA ARG D 70 44.64 4.03 -16.56
C ARG D 70 45.30 5.25 -15.94
N VAL D 71 46.58 5.11 -15.57
CA VAL D 71 47.26 6.26 -15.00
C VAL D 71 47.43 7.34 -16.05
N GLU D 72 47.61 6.94 -17.31
CA GLU D 72 47.66 7.92 -18.38
C GLU D 72 46.32 8.63 -18.52
N ALA D 73 45.21 7.89 -18.43
CA ALA D 73 43.89 8.50 -18.52
C ALA D 73 43.39 9.04 -17.19
N PHE D 74 44.11 8.79 -16.10
CA PHE D 74 43.79 9.40 -14.81
C PHE D 74 44.58 10.67 -14.55
N GLU D 75 45.81 10.74 -15.05
CA GLU D 75 46.66 11.91 -14.89
C GLU D 75 46.46 12.93 -15.98
N TYR D 76 45.42 12.78 -16.79
CA TYR D 76 45.11 13.74 -17.84
C TYR D 76 43.65 14.20 -17.80
N TYR D 77 42.72 13.30 -17.44
CA TYR D 77 41.31 13.65 -17.30
C TYR D 77 40.87 13.83 -15.86
N HIS D 78 41.71 13.43 -14.89
CA HIS D 78 41.40 13.58 -13.47
C HIS D 78 40.10 12.88 -13.08
N THR D 79 39.87 11.69 -13.63
CA THR D 79 38.67 10.92 -13.32
C THR D 79 39.03 9.46 -13.16
N THR D 80 38.23 8.74 -12.37
CA THR D 80 38.36 7.30 -12.23
C THR D 80 37.32 6.53 -13.04
N ASP D 81 36.25 7.21 -13.45
CA ASP D 81 35.13 6.58 -14.13
C ASP D 81 35.60 5.96 -15.44
N PRO D 82 35.45 4.65 -15.63
CA PRO D 82 35.80 4.05 -16.94
C PRO D 82 34.96 4.59 -18.08
N SER D 83 33.71 4.97 -17.81
CA SER D 83 32.83 5.49 -18.84
C SER D 83 32.97 6.99 -19.00
N PHE D 84 34.21 7.45 -19.20
CA PHE D 84 34.47 8.84 -19.54
C PHE D 84 34.76 8.99 -21.03
N LEU D 85 35.72 8.23 -21.55
CA LEU D 85 35.99 8.24 -22.98
C LEU D 85 34.80 7.72 -23.77
N GLY D 86 34.00 6.81 -23.18
CA GLY D 86 32.84 6.30 -23.89
C GLY D 86 31.82 7.39 -24.23
N ARG D 87 31.57 8.32 -23.31
CA ARG D 87 30.73 9.47 -23.61
C ARG D 87 31.49 10.65 -24.19
N TYR D 88 32.69 10.94 -23.69
CA TYR D 88 33.51 12.02 -24.24
C TYR D 88 33.67 11.85 -25.74
N MET D 89 34.02 10.65 -26.17
CA MET D 89 34.21 10.47 -27.59
C MET D 89 32.87 10.31 -28.29
N SER D 90 31.85 9.78 -27.60
CA SER D 90 30.52 9.75 -28.20
C SER D 90 29.98 11.15 -28.40
N ALA D 91 30.32 12.06 -27.48
CA ALA D 91 29.94 13.47 -27.58
C ALA D 91 30.95 14.29 -28.37
N LEU D 92 32.18 13.81 -28.52
CA LEU D 92 33.16 14.52 -29.36
C LEU D 92 32.87 14.33 -30.84
N ASN D 93 32.13 13.27 -31.20
CA ASN D 93 31.75 13.08 -32.59
C ASN D 93 30.86 14.21 -33.07
N HIS D 94 30.02 14.75 -32.19
CA HIS D 94 29.14 15.85 -32.56
C HIS D 94 29.84 17.20 -32.45
N THR D 95 30.57 17.43 -31.35
CA THR D 95 31.25 18.71 -31.18
C THR D 95 32.33 18.90 -32.23
N LYS D 96 32.89 17.81 -32.75
CA LYS D 96 33.88 17.90 -33.82
C LYS D 96 33.25 18.37 -35.12
N LYS D 97 31.96 18.13 -35.29
CA LYS D 97 31.23 18.57 -36.48
C LYS D 97 30.61 19.95 -36.33
N TRP D 98 30.66 20.54 -35.14
CA TRP D 98 30.12 21.86 -34.93
C TRP D 98 31.03 22.92 -35.52
N LYS D 99 30.52 24.15 -35.56
CA LYS D 99 31.28 25.33 -35.95
C LYS D 99 31.29 26.30 -34.78
N TYR D 100 32.45 26.92 -34.54
CA TYR D 100 32.66 27.79 -33.40
C TYR D 100 33.02 29.18 -33.91
N PRO D 101 32.05 29.89 -34.50
CA PRO D 101 32.33 31.22 -35.04
C PRO D 101 32.70 32.21 -33.95
N GLN D 102 33.77 32.96 -34.20
CA GLN D 102 34.22 34.03 -33.31
C GLN D 102 33.49 35.34 -33.66
N VAL D 103 32.64 35.79 -32.76
CA VAL D 103 31.89 37.04 -32.94
C VAL D 103 32.29 38.00 -31.82
N ASN D 104 32.63 39.23 -32.19
CA ASN D 104 33.07 40.27 -31.26
C ASN D 104 34.23 39.76 -30.40
N GLY D 105 35.23 39.19 -31.08
CA GLY D 105 36.44 38.73 -30.44
C GLY D 105 36.28 37.65 -29.40
N LEU D 106 35.18 36.89 -29.46
CA LEU D 106 34.93 35.82 -28.50
C LEU D 106 34.43 34.59 -29.27
N THR D 107 34.80 33.40 -28.80
CA THR D 107 34.46 32.15 -29.48
C THR D 107 33.13 31.61 -28.98
N SER D 108 32.11 31.67 -29.83
CA SER D 108 30.76 31.18 -29.55
C SER D 108 30.50 29.92 -30.36
N ILE D 109 29.26 29.42 -30.31
CA ILE D 109 28.88 28.19 -30.99
C ILE D 109 27.61 28.43 -31.79
N LYS D 110 27.63 28.05 -33.07
CA LYS D 110 26.42 28.09 -33.90
C LYS D 110 25.43 27.03 -33.42
N TRP D 111 24.16 27.40 -33.35
CA TRP D 111 23.14 26.52 -32.78
C TRP D 111 23.06 25.18 -33.50
N ALA D 112 23.15 24.10 -32.71
CA ALA D 112 22.93 22.71 -33.13
C ALA D 112 22.91 21.84 -31.89
N ASP D 113 21.93 20.93 -31.82
CA ASP D 113 21.80 20.02 -30.69
C ASP D 113 21.65 20.77 -29.37
N ASN D 114 20.90 21.88 -29.40
CA ASN D 114 20.60 22.66 -28.19
C ASN D 114 21.87 23.09 -27.45
N ASN D 115 22.81 23.69 -28.20
CA ASN D 115 24.07 24.09 -27.59
C ASN D 115 23.97 25.42 -26.88
N CYS D 116 22.75 25.86 -26.55
CA CYS D 116 22.57 27.17 -25.94
C CYS D 116 23.32 27.27 -24.61
N TYR D 117 23.19 26.23 -23.78
CA TYR D 117 23.79 26.27 -22.45
C TYR D 117 25.31 26.16 -22.51
N LEU D 118 25.86 25.41 -23.48
CA LEU D 118 27.31 25.37 -23.62
C LEU D 118 27.86 26.63 -24.26
N ALA D 119 27.05 27.34 -25.05
CA ALA D 119 27.52 28.55 -25.72
C ALA D 119 27.76 29.68 -24.73
N THR D 120 26.71 30.07 -23.99
CA THR D 120 26.87 31.13 -23.01
C THR D 120 27.86 30.75 -21.91
N ALA D 121 27.91 29.47 -21.53
CA ALA D 121 28.88 29.01 -20.55
C ALA D 121 30.31 29.21 -21.06
N LEU D 122 30.58 28.82 -22.31
CA LEU D 122 31.93 28.97 -22.86
C LEU D 122 32.27 30.45 -23.04
N LEU D 123 31.31 31.25 -23.51
CA LEU D 123 31.56 32.68 -23.65
C LEU D 123 31.79 33.34 -22.30
N THR D 124 31.11 32.87 -21.26
CA THR D 124 31.36 33.37 -19.92
C THR D 124 32.75 32.96 -19.44
N LEU D 125 33.22 31.78 -19.88
CA LEU D 125 34.52 31.29 -19.44
C LEU D 125 35.67 32.11 -20.00
N GLN D 126 35.52 32.68 -21.19
CA GLN D 126 36.60 33.46 -21.79
C GLN D 126 36.67 34.88 -21.24
N GLN D 127 35.79 35.22 -20.30
CA GLN D 127 35.69 36.58 -19.77
C GLN D 127 36.14 36.70 -18.32
N ILE D 128 36.08 35.62 -17.55
CA ILE D 128 36.55 35.61 -16.17
C ILE D 128 37.91 34.94 -16.10
N GLU D 129 38.56 35.05 -14.93
CA GLU D 129 39.86 34.42 -14.69
C GLU D 129 39.62 33.04 -14.08
N LEU D 130 39.81 32.00 -14.89
CA LEU D 130 39.69 30.63 -14.44
C LEU D 130 40.84 29.80 -14.99
N LYS D 131 41.38 28.92 -14.15
CA LYS D 131 42.42 27.98 -14.54
C LYS D 131 41.98 26.58 -14.13
N PHE D 132 41.88 25.68 -15.08
CA PHE D 132 41.36 24.34 -14.82
C PHE D 132 42.46 23.43 -14.29
N ASN D 133 42.06 22.52 -13.40
CA ASN D 133 43.01 21.61 -12.74
C ASN D 133 43.35 20.41 -13.61
N PRO D 134 42.39 19.69 -14.20
CA PRO D 134 42.75 18.56 -15.07
C PRO D 134 43.58 19.02 -16.26
N PRO D 135 44.60 18.24 -16.64
CA PRO D 135 45.32 18.55 -17.88
C PRO D 135 44.43 18.53 -19.11
N ALA D 136 43.31 17.81 -19.09
CA ALA D 136 42.43 17.78 -20.24
C ALA D 136 41.74 19.12 -20.45
N LEU D 137 41.19 19.70 -19.38
CA LEU D 137 40.52 20.99 -19.53
C LEU D 137 41.51 22.12 -19.74
N GLN D 138 42.65 22.08 -19.04
CA GLN D 138 43.65 23.12 -19.20
C GLN D 138 44.26 23.09 -20.61
N ASP D 139 44.47 21.89 -21.16
CA ASP D 139 45.01 21.76 -22.51
C ASP D 139 43.95 21.89 -23.59
N ALA D 140 42.67 21.93 -23.21
CA ALA D 140 41.59 22.19 -24.16
C ALA D 140 41.05 23.60 -24.07
N TYR D 141 41.15 24.25 -22.91
CA TYR D 141 40.79 25.65 -22.80
C TYR D 141 41.72 26.52 -23.64
N TYR D 142 43.03 26.27 -23.53
CA TYR D 142 43.98 26.96 -24.41
C TYR D 142 43.56 26.75 -25.86
N ARG D 143 43.19 25.52 -26.19
CA ARG D 143 42.70 25.21 -27.52
C ARG D 143 41.38 25.92 -27.82
N ALA D 144 40.50 26.01 -26.81
CA ALA D 144 39.19 26.63 -26.99
C ALA D 144 39.28 28.10 -27.33
N ARG D 145 40.29 28.79 -26.77
CA ARG D 145 40.43 30.23 -26.94
C ARG D 145 40.94 30.66 -28.31
N ALA D 146 41.34 29.73 -29.17
CA ALA D 146 41.86 30.08 -30.49
C ALA D 146 40.85 29.88 -31.62
N GLY D 147 39.57 29.73 -31.28
CA GLY D 147 38.56 29.55 -32.30
C GLY D 147 38.17 28.12 -32.55
N GLU D 148 38.85 27.18 -31.90
CA GLU D 148 38.59 25.75 -32.04
C GLU D 148 38.31 25.20 -30.65
N ALA D 149 37.03 25.07 -30.31
CA ALA D 149 36.62 24.57 -29.00
C ALA D 149 35.89 23.23 -29.09
N ALA D 150 36.17 22.44 -30.13
CA ALA D 150 35.52 21.15 -30.28
C ALA D 150 35.87 20.22 -29.13
N ASN D 151 37.15 20.14 -28.79
CA ASN D 151 37.58 19.23 -27.73
C ASN D 151 37.09 19.72 -26.37
N PHE D 152 37.07 21.03 -26.15
CA PHE D 152 36.63 21.57 -24.88
C PHE D 152 35.18 21.20 -24.60
N CYS D 153 34.30 21.43 -25.57
CA CYS D 153 32.88 21.17 -25.37
C CYS D 153 32.56 19.69 -25.26
N ALA D 154 33.43 18.82 -25.78
CA ALA D 154 33.21 17.38 -25.59
C ALA D 154 33.50 16.97 -24.15
N LEU D 155 34.61 17.46 -23.58
CA LEU D 155 34.90 17.22 -22.17
C LEU D 155 33.82 17.81 -21.27
N ILE D 156 33.36 19.03 -21.58
CA ILE D 156 32.33 19.65 -20.73
C ILE D 156 31.06 18.80 -20.75
N LEU D 157 30.71 18.26 -21.91
CA LEU D 157 29.61 17.32 -21.99
C LEU D 157 29.95 16.01 -21.30
N ALA D 158 31.23 15.77 -21.03
CA ALA D 158 31.62 14.60 -20.28
C ALA D 158 31.78 14.88 -18.79
N TYR D 159 32.40 15.98 -18.39
CA TYR D 159 32.53 16.17 -16.95
C TYR D 159 31.19 16.38 -16.28
N CYS D 160 30.19 16.90 -17.01
CA CYS D 160 28.84 17.13 -16.52
C CYS D 160 27.87 15.98 -16.77
N ASN D 161 28.30 14.88 -17.38
CA ASN D 161 27.47 13.71 -17.66
C ASN D 161 26.29 14.02 -18.57
N LYS D 162 26.38 15.07 -19.39
CA LYS D 162 25.36 15.38 -20.36
C LYS D 162 25.67 14.77 -21.73
N THR D 163 24.63 14.52 -22.50
CA THR D 163 24.74 14.00 -23.86
C THR D 163 24.52 15.15 -24.84
N VAL D 164 25.15 15.05 -26.02
CA VAL D 164 24.97 16.07 -27.04
C VAL D 164 23.49 16.13 -27.41
N GLY D 165 22.85 17.27 -27.14
CA GLY D 165 21.43 17.45 -27.35
C GLY D 165 20.65 17.62 -26.08
N GLU D 166 21.10 17.00 -24.98
CA GLU D 166 20.46 17.14 -23.69
C GLU D 166 20.37 18.61 -23.29
N LEU D 167 19.15 19.13 -23.17
CA LEU D 167 19.00 20.50 -22.70
C LEU D 167 19.60 20.62 -21.30
N GLY D 168 20.19 21.79 -21.01
CA GLY D 168 20.93 21.96 -19.79
C GLY D 168 20.77 23.34 -19.17
N ASP D 169 21.28 23.43 -17.95
CA ASP D 169 21.26 24.62 -17.11
C ASP D 169 22.70 25.09 -16.93
N VAL D 170 22.93 26.40 -17.00
CA VAL D 170 24.30 26.91 -16.95
C VAL D 170 24.89 26.76 -15.56
N ARG D 171 24.11 27.05 -14.51
CA ARG D 171 24.64 26.98 -13.16
C ARG D 171 25.16 25.60 -12.83
N GLU D 172 24.42 24.58 -13.26
CA GLU D 172 24.84 23.22 -12.94
C GLU D 172 26.04 22.82 -13.79
N THR D 173 26.05 23.24 -15.06
CA THR D 173 27.23 22.98 -15.89
C THR D 173 28.42 23.80 -15.39
N MET D 174 28.18 25.05 -14.98
CA MET D 174 29.26 25.84 -14.41
C MET D 174 29.56 25.46 -12.96
N SER D 175 28.63 24.80 -12.27
CA SER D 175 28.96 24.27 -10.95
C SER D 175 29.86 23.06 -11.07
N TYR D 176 29.73 22.30 -12.16
CA TYR D 176 30.58 21.14 -12.40
C TYR D 176 31.95 21.55 -12.91
N LEU D 177 32.01 22.63 -13.69
CA LEU D 177 33.29 23.14 -14.16
C LEU D 177 34.14 23.63 -12.99
N PHE D 178 33.49 24.22 -11.98
CA PHE D 178 34.22 24.76 -10.84
C PHE D 178 34.79 23.67 -9.95
N GLN D 179 34.16 22.48 -9.92
CA GLN D 179 34.72 21.39 -9.13
C GLN D 179 36.06 20.92 -9.70
N HIS D 180 36.36 21.30 -10.94
CA HIS D 180 37.62 20.99 -11.60
C HIS D 180 38.46 22.24 -11.85
N ALA D 181 38.47 23.17 -10.90
CA ALA D 181 39.22 24.40 -11.06
C ALA D 181 40.00 24.72 -9.79
N ASN D 182 41.05 25.53 -9.96
CA ASN D 182 41.94 25.92 -8.86
C ASN D 182 41.22 26.96 -8.03
N LEU D 183 40.40 26.51 -7.09
CA LEU D 183 39.71 27.44 -6.21
C LEU D 183 40.23 27.24 -4.80
N ASP D 184 41.37 27.87 -4.53
CA ASP D 184 42.03 27.89 -3.22
C ASP D 184 42.19 29.29 -2.67
N SER D 185 42.55 30.27 -3.52
CA SER D 185 42.68 31.66 -3.11
C SER D 185 41.36 32.42 -3.19
N CYS D 186 40.23 31.72 -3.13
CA CYS D 186 38.90 32.33 -3.09
C CYS D 186 38.23 32.08 -1.75
N LYS D 187 37.78 33.15 -1.10
CA LYS D 187 37.16 33.02 0.21
C LYS D 187 36.06 34.07 0.37
N ARG D 188 34.90 33.64 0.85
CA ARG D 188 33.76 34.52 1.11
C ARG D 188 33.31 34.39 2.55
N VAL D 189 33.07 35.52 3.20
CA VAL D 189 32.60 35.58 4.58
C VAL D 189 31.24 36.28 4.60
N LEU D 190 30.21 35.57 5.06
CA LEU D 190 28.85 36.08 5.16
C LEU D 190 28.47 36.33 6.62
N ASN D 191 27.42 37.13 6.81
CA ASN D 191 26.87 37.41 8.14
C ASN D 191 25.35 37.50 8.09
N VAL D 192 24.71 36.98 9.12
CA VAL D 192 23.25 36.97 9.26
C VAL D 192 22.88 37.56 10.61
N VAL D 193 21.80 38.34 10.66
CA VAL D 193 21.31 38.86 11.92
C VAL D 193 19.79 38.70 11.98
N CYS D 194 19.32 37.87 12.90
CA CYS D 194 17.91 37.77 13.25
C CYS D 194 17.78 38.40 14.64
N LYS D 195 16.78 39.28 14.81
CA LYS D 195 16.86 40.30 15.85
C LYS D 195 17.18 39.74 17.24
N THR D 196 16.49 38.69 17.67
CA THR D 196 16.73 38.11 18.99
C THR D 196 17.36 36.71 18.92
N CYS D 197 18.21 36.50 17.93
CA CYS D 197 18.83 35.19 17.71
C CYS D 197 20.28 35.35 17.22
N GLN D 199 22.25 35.97 14.58
CA GLN D 199 23.47 36.77 14.51
C GLN D 199 24.72 35.89 14.51
N GLN D 200 24.98 35.22 13.39
CA GLN D 200 26.17 34.39 13.25
C GLN D 200 26.84 34.61 11.91
N GLN D 201 28.18 34.66 11.94
CA GLN D 201 28.99 34.82 10.73
C GLN D 201 29.63 33.48 10.36
N THR D 202 29.49 33.10 9.09
CA THR D 202 30.10 31.89 8.55
C THR D 202 31.14 32.27 7.50
N THR D 203 32.21 31.46 7.41
CA THR D 203 33.28 31.70 6.47
C THR D 203 33.43 30.49 5.55
N LEU D 204 33.26 30.72 4.26
CA LEU D 204 33.31 29.68 3.24
C LEU D 204 34.37 30.03 2.19
N LYS D 205 35.18 29.04 1.83
CA LYS D 205 36.22 29.21 0.82
C LYS D 205 36.08 28.13 -0.23
N GLY D 206 36.49 28.45 -1.45
CA GLY D 206 36.49 27.48 -2.53
C GLY D 206 35.27 27.55 -3.45
N VAL D 207 34.82 26.39 -3.91
CA VAL D 207 33.78 26.34 -4.95
C VAL D 207 32.50 27.02 -4.47
N GLU D 208 32.17 26.86 -3.20
CA GLU D 208 30.91 27.41 -2.69
C GLU D 208 31.01 28.89 -2.36
N ALA D 209 32.20 29.50 -2.50
CA ALA D 209 32.43 30.89 -2.16
C ALA D 209 32.36 31.84 -3.35
N VAL D 210 32.06 31.35 -4.55
CA VAL D 210 31.96 32.23 -5.72
C VAL D 210 30.58 32.18 -6.37
N MET D 211 29.73 31.22 -6.03
CA MET D 211 28.39 31.12 -6.57
C MET D 211 27.39 31.39 -5.48
N TYR D 212 26.30 32.07 -5.83
CA TYR D 212 25.20 32.29 -4.90
C TYR D 212 23.89 32.23 -5.68
N MET D 213 22.88 31.62 -5.04
CA MET D 213 21.55 31.45 -5.60
C MET D 213 20.55 32.17 -4.71
N GLY D 214 19.91 33.20 -5.24
CA GLY D 214 18.91 33.93 -4.47
C GLY D 214 18.82 35.41 -4.79
N THR D 215 19.81 35.94 -5.49
CA THR D 215 19.72 37.32 -5.97
C THR D 215 20.80 37.52 -7.02
N LEU D 216 20.48 38.35 -8.01
CA LEU D 216 21.41 38.66 -9.08
C LEU D 216 22.21 39.92 -8.82
N SER D 217 21.70 40.83 -8.00
CA SER D 217 22.35 42.09 -7.71
C SER D 217 23.43 41.86 -6.67
N TYR D 218 24.69 41.93 -7.10
CA TYR D 218 25.82 41.85 -6.17
C TYR D 218 25.73 42.97 -5.14
N GLU D 219 25.43 44.19 -5.62
CA GLU D 219 25.30 45.34 -4.75
C GLU D 219 24.29 45.07 -3.63
N GLN D 220 23.25 44.30 -3.93
CA GLN D 220 22.29 43.93 -2.91
C GLN D 220 22.90 42.96 -1.90
N PHE D 221 23.72 42.02 -2.37
CA PHE D 221 24.37 41.08 -1.46
C PHE D 221 25.16 41.82 -0.38
N LYS D 222 25.80 42.93 -0.75
CA LYS D 222 26.52 43.73 0.23
C LYS D 222 25.56 44.48 1.15
N LYS D 223 24.43 44.94 0.61
CA LYS D 223 23.47 45.71 1.39
C LYS D 223 22.64 44.82 2.32
N GLY D 224 22.41 43.57 1.93
CA GLY D 224 21.62 42.66 2.73
C GLY D 224 20.51 41.98 1.98
N VAL D 225 20.29 40.70 2.27
CA VAL D 225 19.23 39.90 1.69
C VAL D 225 18.53 39.16 2.81
N GLN D 226 17.20 39.02 2.71
CA GLN D 226 16.41 38.50 3.82
C GLN D 226 16.08 37.03 3.61
N ILE D 227 16.36 36.23 4.65
CA ILE D 227 16.14 34.79 4.63
C ILE D 227 15.53 34.37 5.96
N PRO D 228 14.85 33.23 5.99
CA PRO D 228 14.14 32.83 7.22
C PRO D 228 15.07 32.57 8.40
N CYS D 229 14.54 32.82 9.60
CA CYS D 229 15.21 32.51 10.85
C CYS D 229 14.91 31.08 11.27
N THR D 230 15.74 30.58 12.20
CA THR D 230 15.60 29.21 12.67
C THR D 230 14.59 29.06 13.80
N CYS D 231 14.12 30.16 14.39
CA CYS D 231 13.08 30.12 15.41
C CYS D 231 11.69 30.49 14.88
N GLY D 232 11.60 31.29 13.82
CA GLY D 232 10.31 31.70 13.29
C GLY D 232 10.19 33.11 12.77
N LYS D 233 11.24 33.93 12.92
CA LYS D 233 11.24 35.27 12.38
C LYS D 233 11.95 35.28 11.03
N GLN D 234 12.14 36.47 10.47
CA GLN D 234 12.84 36.63 9.20
C GLN D 234 14.18 37.31 9.47
N ALA D 235 15.27 36.74 8.95
CA ALA D 235 16.62 37.27 9.12
C ALA D 235 17.12 37.98 7.86
N THR D 236 18.27 38.66 8.00
CA THR D 236 18.93 39.38 6.91
C THR D 236 20.41 39.02 6.83
N LYS D 237 20.85 38.58 5.66
CA LYS D 237 22.24 38.26 5.37
C LYS D 237 22.86 39.26 4.40
N TYR D 238 24.14 39.60 4.64
CA TYR D 238 24.85 40.52 3.77
C TYR D 238 26.31 40.05 3.68
N LEU D 239 26.98 40.48 2.61
CA LEU D 239 28.36 40.10 2.36
C LEU D 239 29.27 40.87 3.30
N VAL D 240 30.10 40.16 4.06
CA VAL D 240 31.05 40.83 4.96
C VAL D 240 32.34 41.12 4.20
N GLN D 241 32.95 40.09 3.65
CA GLN D 241 34.20 40.21 2.93
C GLN D 241 34.33 39.07 1.95
N GLN D 242 34.80 39.38 0.74
CA GLN D 242 35.02 38.35 -0.27
C GLN D 242 36.17 38.80 -1.15
N GLU D 243 37.22 37.98 -1.22
CA GLU D 243 38.40 38.25 -2.03
C GLU D 243 38.57 37.08 -2.99
N SER D 244 38.25 37.31 -4.26
CA SER D 244 38.25 36.27 -5.29
C SER D 244 38.18 36.95 -6.65
N PRO D 245 38.81 36.37 -7.69
CA PRO D 245 38.91 37.10 -8.98
C PRO D 245 37.57 37.40 -9.64
N PHE D 246 36.51 36.69 -9.30
CA PHE D 246 35.21 36.97 -9.87
C PHE D 246 34.16 36.41 -8.93
N VAL D 247 32.90 36.69 -9.26
CA VAL D 247 31.77 36.17 -8.49
C VAL D 247 30.63 35.89 -9.45
N MET D 248 29.91 34.81 -9.19
CA MET D 248 28.74 34.44 -9.96
C MET D 248 27.51 34.71 -9.11
N MET D 249 26.60 35.53 -9.63
CA MET D 249 25.33 35.79 -8.98
C MET D 249 24.24 35.11 -9.79
N SER D 250 23.40 34.33 -9.11
CA SER D 250 22.36 33.60 -9.80
C SER D 250 21.07 33.63 -8.99
N ALA D 251 19.97 33.49 -9.70
CA ALA D 251 18.62 33.51 -9.15
C ALA D 251 17.70 32.93 -10.21
N PRO D 252 16.51 32.45 -9.83
CA PRO D 252 15.61 31.93 -10.86
C PRO D 252 15.23 33.01 -11.84
N PRO D 253 15.01 32.65 -13.10
CA PRO D 253 14.82 33.67 -14.15
C PRO D 253 13.67 34.63 -13.86
N ALA D 254 13.89 35.89 -14.18
CA ALA D 254 12.95 36.98 -13.94
C ALA D 254 13.37 38.18 -14.76
N GLN D 255 12.40 39.06 -15.04
CA GLN D 255 12.65 40.23 -15.87
C GLN D 255 13.62 41.18 -15.17
N TYR D 256 14.77 41.42 -15.80
CA TYR D 256 15.83 42.24 -15.24
C TYR D 256 16.34 43.26 -16.25
N GLU D 257 16.75 44.42 -15.74
CA GLU D 257 17.33 45.50 -16.54
C GLU D 257 18.80 45.64 -16.20
N LEU D 258 19.66 45.63 -17.22
CA LEU D 258 21.10 45.80 -17.06
C LEU D 258 21.56 47.14 -17.63
N LYS D 259 22.57 47.73 -17.00
CA LYS D 259 23.12 49.01 -17.45
C LYS D 259 24.61 48.87 -17.78
N HIS D 260 25.04 49.62 -18.80
CA HIS D 260 26.42 49.57 -19.29
C HIS D 260 27.46 50.01 -18.27
N GLY D 261 28.13 49.04 -17.66
CA GLY D 261 29.23 49.28 -16.76
C GLY D 261 28.94 48.88 -15.34
N THR D 262 27.80 48.24 -15.10
CA THR D 262 27.42 47.75 -13.78
C THR D 262 27.83 46.31 -13.55
N PHE D 263 28.07 45.55 -14.63
CA PHE D 263 28.42 44.14 -14.54
C PHE D 263 29.52 43.85 -15.57
N THR D 264 29.84 42.58 -15.75
CA THR D 264 30.82 42.15 -16.75
C THR D 264 30.20 41.35 -17.88
N CYS D 265 29.40 40.34 -17.55
CA CYS D 265 28.66 39.59 -18.56
C CYS D 265 27.51 38.86 -17.88
N ALA D 266 26.52 38.49 -18.68
CA ALA D 266 25.32 37.86 -18.13
C ALA D 266 24.78 36.82 -19.11
N SER D 267 23.79 36.07 -18.64
CA SER D 267 23.13 35.05 -19.43
C SER D 267 21.65 35.07 -19.10
N GLU D 268 20.81 34.88 -20.11
CA GLU D 268 19.37 34.92 -19.92
C GLU D 268 18.69 33.71 -20.53
N TYR D 269 17.49 33.44 -20.02
CA TYR D 269 16.66 32.31 -20.44
C TYR D 269 15.37 32.86 -21.05
N THR D 270 15.36 33.08 -22.36
CA THR D 270 14.13 33.49 -23.04
C THR D 270 13.37 32.20 -23.38
N GLY D 271 12.40 31.86 -22.57
CA GLY D 271 11.68 30.63 -22.76
C GLY D 271 11.04 30.19 -21.46
N ASN D 272 10.61 28.94 -21.46
CA ASN D 272 10.06 28.28 -20.28
C ASN D 272 10.88 26.99 -20.13
N TYR D 273 10.52 26.16 -19.16
CA TYR D 273 11.15 24.86 -19.03
C TYR D 273 10.66 24.00 -20.19
N GLN D 274 11.57 23.20 -20.75
CA GLN D 274 11.31 22.30 -21.88
C GLN D 274 10.96 23.07 -23.14
N CYS D 275 11.06 24.40 -23.11
CA CYS D 275 11.03 25.23 -24.30
C CYS D 275 11.70 26.55 -23.91
N GLY D 276 12.96 26.71 -24.30
CA GLY D 276 13.68 27.90 -23.90
C GLY D 276 14.88 28.17 -24.77
N HIS D 277 15.66 29.15 -24.36
CA HIS D 277 16.82 29.60 -25.12
C HIS D 277 17.74 30.44 -24.25
N TYR D 278 19.04 30.27 -24.43
CA TYR D 278 20.04 31.02 -23.67
C TYR D 278 20.66 32.10 -24.54
N LYS D 279 20.87 33.28 -23.94
CA LYS D 279 21.59 34.36 -24.59
C LYS D 279 22.68 34.88 -23.66
N HIS D 280 23.68 35.52 -24.26
CA HIS D 280 24.80 36.09 -23.53
C HIS D 280 24.78 37.60 -23.72
N ILE D 281 24.88 38.33 -22.60
CA ILE D 281 24.93 39.78 -22.62
C ILE D 281 26.23 40.21 -21.97
N THR D 282 26.99 41.05 -22.66
CA THR D 282 28.29 41.50 -22.18
C THR D 282 28.45 43.00 -22.41
N SER D 283 29.09 43.67 -21.45
CA SER D 283 29.30 45.11 -21.50
C SER D 283 30.69 45.36 -22.08
N LYS D 284 30.78 45.40 -23.41
CA LYS D 284 32.05 45.77 -24.07
C LYS D 284 32.10 47.28 -24.33
N GLU D 285 31.23 47.77 -25.21
CA GLU D 285 31.10 49.20 -25.47
C GLU D 285 29.67 49.68 -25.31
N THR D 286 28.71 48.86 -25.72
CA THR D 286 27.30 48.97 -25.38
C THR D 286 26.81 47.53 -25.37
N LEU D 287 25.83 47.23 -24.53
CA LEU D 287 25.41 45.85 -24.27
C LEU D 287 25.19 45.05 -25.55
N TYR D 288 25.96 43.98 -25.67
CA TYR D 288 25.92 43.07 -26.80
C TYR D 288 25.12 41.82 -26.44
N CYS D 289 24.26 41.39 -27.36
CA CYS D 289 23.47 40.18 -27.17
C CYS D 289 23.99 39.15 -28.17
N ILE D 290 24.68 38.14 -27.65
CA ILE D 290 25.29 37.12 -28.49
C ILE D 290 24.45 35.86 -28.30
N ASP D 291 23.61 35.57 -29.29
CA ASP D 291 22.72 34.41 -29.28
C ASP D 291 23.29 33.40 -30.26
N GLY D 292 24.30 32.66 -29.81
CA GLY D 292 24.97 31.71 -30.67
C GLY D 292 25.88 32.38 -31.67
N ALA D 293 25.51 32.33 -32.96
CA ALA D 293 26.29 32.95 -34.02
C ALA D 293 25.71 34.29 -34.46
N LEU D 294 24.65 34.78 -33.80
CA LEU D 294 24.02 36.04 -34.18
C LEU D 294 24.39 37.13 -33.20
N LEU D 295 24.67 38.31 -33.73
CA LEU D 295 25.14 39.44 -32.94
C LEU D 295 24.22 40.63 -33.17
N THR D 296 23.78 41.26 -32.08
CA THR D 296 22.94 42.45 -32.15
C THR D 296 23.42 43.45 -31.11
N LYS D 297 23.65 44.69 -31.53
CA LYS D 297 24.08 45.68 -30.56
C LYS D 297 22.86 46.21 -29.85
N SER D 298 23.06 46.64 -28.61
CA SER D 298 21.95 47.12 -27.83
C SER D 298 22.47 48.18 -26.85
N SER D 299 21.64 49.21 -26.64
CA SER D 299 22.00 50.27 -25.71
C SER D 299 21.83 49.82 -24.26
N GLU D 300 20.61 49.46 -23.91
CA GLU D 300 20.26 48.91 -22.61
C GLU D 300 19.54 47.60 -22.89
N TYR D 301 19.52 46.72 -21.90
CA TYR D 301 18.91 45.41 -22.10
C TYR D 301 18.03 45.07 -20.92
N LYS D 302 16.72 45.06 -21.14
CA LYS D 302 15.75 44.59 -20.16
C LYS D 302 15.19 43.27 -20.66
N GLY D 303 15.43 42.19 -19.91
CA GLY D 303 15.01 40.87 -20.32
C GLY D 303 15.09 39.84 -19.20
N PRO D 304 14.66 38.61 -19.49
CA PRO D 304 14.62 37.56 -18.45
C PRO D 304 15.97 36.91 -18.17
N ILE D 305 16.88 37.65 -17.55
CA ILE D 305 18.22 37.14 -17.32
C ILE D 305 18.25 36.36 -16.02
N THR D 306 18.95 35.23 -16.03
CA THR D 306 19.03 34.33 -14.89
C THR D 306 20.41 34.28 -14.26
N ASP D 307 21.48 34.50 -15.02
CA ASP D 307 22.84 34.45 -14.50
C ASP D 307 23.58 35.74 -14.87
N VAL D 308 24.27 36.32 -13.90
CA VAL D 308 25.10 37.51 -14.10
C VAL D 308 26.44 37.30 -13.39
N PHE D 309 27.52 37.64 -14.10
CA PHE D 309 28.87 37.51 -13.56
C PHE D 309 29.47 38.89 -13.34
N TYR D 310 29.98 39.14 -12.13
CA TYR D 310 30.64 40.39 -11.80
C TYR D 310 32.09 40.11 -11.47
N LYS D 311 32.97 41.02 -11.89
CA LYS D 311 34.38 40.87 -11.57
C LYS D 311 34.66 41.50 -10.22
N GLU D 312 35.46 40.81 -9.41
CA GLU D 312 35.80 41.26 -8.07
C GLU D 312 37.30 41.09 -7.87
N ASN D 313 37.85 41.89 -6.94
CA ASN D 313 39.27 41.79 -6.61
C ASN D 313 39.49 41.35 -5.17
N SER D 314 39.04 42.15 -4.21
CA SER D 314 39.04 41.86 -2.79
C SER D 314 38.22 42.99 -2.19
N TYR D 315 37.24 42.70 -1.33
CA TYR D 315 36.46 43.82 -0.86
C TYR D 315 35.87 43.50 0.52
N THR D 316 35.83 44.50 1.39
CA THR D 316 35.26 44.36 2.72
C THR D 316 34.26 45.49 2.94
N THR D 317 33.02 45.13 3.26
CA THR D 317 31.98 46.13 3.37
C THR D 317 32.14 46.98 4.62
N THR D 318 31.66 48.22 4.53
CA THR D 318 31.57 49.13 5.66
C THR D 318 30.17 49.17 6.25
N ILE D 319 29.32 48.20 5.90
CA ILE D 319 27.92 48.25 6.24
C ILE D 319 27.65 47.38 7.47
N MET E 26 21.93 -38.04 43.61
CA MET E 26 21.60 -38.39 42.23
C MET E 26 22.11 -37.36 41.22
N GLN E 27 23.04 -37.81 40.37
CA GLN E 27 23.58 -36.93 39.34
C GLN E 27 22.55 -36.70 38.25
N ILE E 28 22.26 -35.44 37.96
CA ILE E 28 21.33 -35.08 36.90
C ILE E 28 22.01 -34.08 35.99
N SER E 29 21.64 -34.10 34.70
CA SER E 29 22.23 -33.22 33.72
C SER E 29 21.10 -32.47 33.02
N VAL E 30 21.24 -31.15 32.91
CA VAL E 30 20.21 -30.31 32.32
C VAL E 30 20.78 -29.70 31.04
N LYS E 31 20.04 -29.87 29.94
CA LYS E 31 20.41 -29.23 28.68
C LYS E 31 19.70 -27.88 28.62
N THR E 32 20.44 -26.84 28.26
CA THR E 32 19.91 -25.48 28.22
C THR E 32 20.07 -24.90 26.82
N LEU E 33 18.94 -24.65 26.16
CA LEU E 33 18.90 -23.98 24.87
C LEU E 33 17.83 -22.90 24.99
N MET E 34 18.26 -21.65 24.98
CA MET E 34 17.35 -20.52 25.14
C MET E 34 17.68 -19.45 24.11
N ARG E 35 16.98 -18.33 24.19
CA ARG E 35 17.18 -17.24 23.25
C ARG E 35 17.94 -16.10 23.90
N LYS E 36 18.80 -15.47 23.11
CA LYS E 36 19.59 -14.32 23.54
C LYS E 36 19.60 -13.33 22.39
N ARG E 37 20.18 -12.16 22.65
CA ARG E 37 20.22 -11.12 21.62
C ARG E 37 21.53 -10.38 21.73
N ILE E 38 22.32 -10.43 20.67
CA ILE E 38 23.60 -9.75 20.61
C ILE E 38 23.51 -8.69 19.53
N THR E 39 24.39 -7.70 19.63
CA THR E 39 24.38 -6.52 18.77
C THR E 39 25.74 -6.41 18.11
N LEU E 40 25.78 -6.73 16.82
CA LEU E 40 27.04 -6.67 16.11
C LEU E 40 27.20 -5.28 15.50
N GLU E 41 28.44 -4.94 15.19
CA GLU E 41 28.77 -3.62 14.65
C GLU E 41 29.34 -3.84 13.26
N VAL E 42 28.64 -3.33 12.25
CA VAL E 42 28.97 -3.62 10.86
C VAL E 42 28.77 -2.37 10.02
N GLU E 43 29.36 -2.41 8.85
CA GLU E 43 29.22 -1.39 7.83
C GLU E 43 28.44 -1.96 6.64
N PRO E 44 27.73 -1.13 5.87
CA PRO E 44 26.83 -1.70 4.84
C PRO E 44 27.57 -2.34 3.68
N SER E 45 28.88 -2.47 3.80
CA SER E 45 29.71 -3.14 2.81
C SER E 45 30.35 -4.40 3.36
N ASP E 46 29.98 -4.81 4.57
CA ASP E 46 30.54 -6.02 5.14
C ASP E 46 29.93 -7.23 4.45
N THR E 47 30.64 -8.34 4.50
CA THR E 47 30.20 -9.56 3.84
C THR E 47 29.56 -10.47 4.88
N ILE E 48 28.80 -11.46 4.39
CA ILE E 48 28.11 -12.35 5.31
C ILE E 48 29.13 -13.15 6.11
N GLU E 49 30.26 -13.49 5.51
CA GLU E 49 31.38 -14.04 6.27
C GLU E 49 31.96 -13.03 7.25
N ASN E 50 31.98 -11.74 6.88
CA ASN E 50 32.53 -10.74 7.79
C ASN E 50 31.65 -10.62 9.03
N VAL E 51 30.34 -10.68 8.85
CA VAL E 51 29.43 -10.70 9.99
C VAL E 51 29.51 -12.06 10.68
N LYS E 52 29.62 -13.13 9.88
CA LYS E 52 29.75 -14.48 10.44
C LYS E 52 30.97 -14.59 11.33
N ALA E 53 32.07 -13.95 10.94
CA ALA E 53 33.28 -13.95 11.75
C ALA E 53 33.17 -13.02 12.95
N LYS E 54 32.37 -11.95 12.84
CA LYS E 54 32.20 -11.07 14.00
C LYS E 54 31.44 -11.76 15.12
N ILE E 55 30.54 -12.69 14.79
CA ILE E 55 29.90 -13.50 15.83
C ILE E 55 30.95 -14.35 16.52
N GLN E 56 31.93 -14.85 15.75
CA GLN E 56 32.98 -15.69 16.31
C GLN E 56 33.70 -14.98 17.45
N ASP E 57 34.11 -13.73 17.22
CA ASP E 57 34.78 -12.97 18.27
C ASP E 57 33.83 -12.66 19.42
N LYS E 58 32.53 -12.53 19.14
CA LYS E 58 31.57 -12.14 20.15
C LYS E 58 31.00 -13.31 20.96
N GLU E 59 30.83 -14.50 20.35
CA GLU E 59 30.28 -15.62 21.10
C GLU E 59 31.12 -16.89 21.00
N GLY E 60 31.76 -17.10 19.86
CA GLY E 60 32.63 -18.25 19.67
C GLY E 60 32.14 -19.31 18.71
N ILE E 61 30.98 -19.13 18.07
CA ILE E 61 30.46 -20.09 17.11
C ILE E 61 31.24 -19.97 15.81
N PRO E 62 31.88 -21.04 15.33
CA PRO E 62 32.67 -20.93 14.11
C PRO E 62 31.79 -20.73 12.88
N PRO E 63 32.30 -20.07 11.84
CA PRO E 63 31.46 -19.78 10.66
C PRO E 63 30.97 -21.00 9.90
N ASP E 64 31.69 -22.14 9.94
CA ASP E 64 31.21 -23.30 9.20
C ASP E 64 29.95 -23.86 9.84
N GLN E 65 29.82 -23.75 11.17
CA GLN E 65 28.61 -24.14 11.87
C GLN E 65 27.66 -22.97 12.06
N GLN E 66 27.61 -22.04 11.11
CA GLN E 66 26.85 -20.81 11.27
C GLN E 66 25.90 -20.59 10.10
N ARG E 67 24.63 -20.41 10.43
CA ARG E 67 23.58 -20.10 9.48
C ARG E 67 22.83 -18.89 9.99
N LEU E 68 22.71 -17.86 9.15
CA LEU E 68 22.04 -16.64 9.54
C LEU E 68 20.90 -16.37 8.57
N ILE E 69 19.82 -15.83 9.10
CA ILE E 69 18.61 -15.59 8.33
C ILE E 69 18.14 -14.17 8.59
N PHE E 70 17.63 -13.54 7.54
CA PHE E 70 17.12 -12.19 7.59
C PHE E 70 15.93 -12.14 6.65
N SER E 71 14.75 -11.83 7.20
CA SER E 71 13.52 -11.74 6.43
C SER E 71 13.26 -13.01 5.61
N GLY E 72 13.32 -14.15 6.30
CA GLY E 72 12.97 -15.43 5.73
C GLY E 72 13.97 -16.06 4.77
N MET E 73 14.94 -15.30 4.28
CA MET E 73 15.87 -15.75 3.25
C MET E 73 17.29 -15.95 3.78
N LEU E 74 17.87 -17.10 3.48
CA LEU E 74 19.21 -17.45 3.94
C LEU E 74 20.28 -16.53 3.37
N LEU E 75 21.10 -15.95 4.26
CA LEU E 75 22.15 -15.02 3.87
C LEU E 75 23.27 -15.81 3.21
N GLU E 76 23.45 -15.62 1.90
CA GLU E 76 24.42 -16.42 1.18
C GLU E 76 25.86 -16.07 1.59
N ASP E 77 26.76 -17.05 1.45
CA ASP E 77 28.15 -16.85 1.83
C ASP E 77 28.89 -16.20 0.66
N GLY E 78 29.15 -14.91 0.77
CA GLY E 78 29.94 -14.20 -0.22
C GLY E 78 29.15 -13.11 -0.91
N ARG E 79 28.22 -12.54 -0.15
CA ARG E 79 27.38 -11.44 -0.59
C ARG E 79 27.45 -10.34 0.47
N THR E 80 27.16 -9.12 0.06
CA THR E 80 27.27 -8.02 1.00
C THR E 80 25.97 -7.82 1.76
N LEU E 81 26.09 -7.15 2.92
CA LEU E 81 24.92 -6.72 3.68
C LEU E 81 24.00 -5.84 2.84
N SER E 82 24.55 -5.09 1.90
CA SER E 82 23.74 -4.23 1.06
C SER E 82 22.82 -5.02 0.12
N ASP E 83 23.20 -6.24 -0.28
CA ASP E 83 22.40 -6.98 -1.27
C ASP E 83 21.02 -7.37 -0.74
N TYR E 84 20.79 -7.31 0.56
CA TYR E 84 19.48 -7.56 1.14
C TYR E 84 18.95 -6.33 1.83
N ASN E 85 19.70 -5.22 1.79
CA ASN E 85 19.35 -3.98 2.47
C ASN E 85 19.12 -4.25 3.96
N ILE E 86 20.20 -4.65 4.62
CA ILE E 86 20.20 -4.79 6.08
C ILE E 86 20.62 -3.43 6.63
N GLN E 87 19.71 -2.80 7.35
CA GLN E 87 19.85 -1.42 7.78
C GLN E 87 20.19 -1.37 9.27
N LYS E 88 20.59 -0.18 9.73
CA LYS E 88 20.97 -0.01 11.12
C LYS E 88 19.75 -0.25 12.01
N GLY E 89 19.72 -1.40 12.68
CA GLY E 89 18.61 -1.74 13.55
C GLY E 89 17.89 -3.02 13.17
N SER E 90 18.27 -3.69 12.08
CA SER E 90 17.51 -4.84 11.63
C SER E 90 17.91 -6.05 12.45
N THR E 91 16.97 -6.98 12.58
CA THR E 91 17.17 -8.14 13.43
C THR E 91 17.25 -9.37 12.53
N LEU E 92 18.35 -10.08 12.65
CA LEU E 92 18.60 -11.30 11.89
C LEU E 92 18.41 -12.49 12.81
N THR E 93 18.31 -13.67 12.21
CA THR E 93 18.15 -14.89 12.97
C THR E 93 19.33 -15.79 12.65
N LEU E 94 19.97 -16.31 13.68
CA LEU E 94 21.12 -17.19 13.53
C LEU E 94 20.70 -18.61 13.80
N GLY E 95 21.06 -19.52 12.90
CA GLY E 95 20.92 -20.94 13.12
C GLY E 95 22.28 -21.60 13.07
N LEU E 96 22.32 -22.84 13.54
CA LEU E 96 23.56 -23.58 13.64
C LEU E 96 23.44 -24.92 12.95
N ILE E 97 24.49 -25.29 12.21
CA ILE E 97 24.52 -26.61 11.59
C ILE E 97 24.96 -27.57 12.68
N LEU E 98 24.00 -28.01 13.49
CA LEU E 98 24.32 -28.91 14.59
C LEU E 98 24.74 -30.27 14.08
N ARG E 99 25.77 -30.84 14.72
CA ARG E 99 26.28 -32.14 14.32
C ARG E 99 26.48 -33.08 15.51
N LYS F 25 27.48 3.32 15.06
CA LYS F 25 27.34 2.97 13.66
C LYS F 25 26.10 2.14 13.37
N MET F 26 26.25 1.16 12.49
CA MET F 26 25.16 0.25 12.15
C MET F 26 25.12 -0.86 13.19
N GLN F 27 24.12 -0.82 14.07
CA GLN F 27 23.97 -1.79 15.15
C GLN F 27 22.86 -2.78 14.80
N ILE F 28 23.22 -3.82 14.07
CA ILE F 28 22.25 -4.87 13.74
C ILE F 28 22.33 -5.91 14.85
N SER F 29 21.20 -6.54 15.13
CA SER F 29 21.08 -7.49 16.23
C SER F 29 20.56 -8.81 15.71
N VAL F 30 21.18 -9.91 16.11
CA VAL F 30 20.82 -11.24 15.65
C VAL F 30 20.25 -12.02 16.82
N LYS F 31 19.14 -12.71 16.57
CA LYS F 31 18.56 -13.56 17.60
C LYS F 31 19.29 -14.89 17.56
N THR F 32 19.68 -15.39 18.72
CA THR F 32 20.45 -16.61 18.81
C THR F 32 19.72 -17.63 19.65
N LEU F 33 20.25 -18.84 19.64
CA LEU F 33 19.72 -19.92 20.47
C LEU F 33 20.79 -20.61 21.30
N MET F 34 22.02 -20.75 20.81
CA MET F 34 23.11 -21.39 21.53
C MET F 34 22.75 -22.81 21.97
N ARG F 35 23.60 -23.42 22.79
CA ARG F 35 23.33 -24.72 23.37
C ARG F 35 24.35 -24.93 24.48
N LYS F 36 23.88 -25.41 25.61
CA LYS F 36 24.76 -25.69 26.74
C LYS F 36 24.20 -26.90 27.48
N ARG F 37 25.00 -27.44 28.42
CA ARG F 37 24.58 -28.59 29.22
C ARG F 37 25.22 -28.52 30.60
N ILE F 38 24.39 -28.56 31.63
CA ILE F 38 24.80 -28.46 33.03
C ILE F 38 24.47 -29.78 33.72
N THR F 39 25.11 -30.01 34.87
CA THR F 39 24.90 -31.23 35.65
C THR F 39 24.58 -30.84 37.08
N LEU F 40 23.31 -30.93 37.47
CA LEU F 40 22.89 -30.65 38.83
C LEU F 40 22.79 -31.93 39.65
N GLU F 41 22.76 -31.78 40.97
CA GLU F 41 22.65 -32.91 41.88
C GLU F 41 21.38 -32.74 42.71
N VAL F 42 20.46 -33.70 42.59
CA VAL F 42 19.15 -33.63 43.22
C VAL F 42 18.76 -35.01 43.72
N GLU F 43 17.78 -35.03 44.62
CA GLU F 43 17.20 -36.26 45.15
C GLU F 43 15.76 -36.42 44.67
N PRO F 44 15.24 -37.65 44.63
CA PRO F 44 13.92 -37.86 44.04
C PRO F 44 12.82 -37.17 44.83
N SER F 45 13.17 -36.34 45.80
CA SER F 45 12.20 -35.59 46.57
C SER F 45 12.27 -34.09 46.30
N ASP F 46 13.15 -33.66 45.39
CA ASP F 46 13.11 -32.26 45.00
C ASP F 46 11.95 -32.09 44.04
N THR F 47 11.29 -30.95 44.13
CA THR F 47 10.13 -30.64 43.32
C THR F 47 10.59 -29.74 42.20
N ILE F 48 9.72 -29.57 41.20
CA ILE F 48 10.12 -28.70 40.10
C ILE F 48 10.37 -27.29 40.63
N GLU F 49 9.73 -26.89 41.73
CA GLU F 49 10.16 -25.65 42.39
C GLU F 49 11.58 -25.75 42.88
N ASN F 50 11.94 -26.89 43.49
CA ASN F 50 13.29 -27.04 44.00
C ASN F 50 14.29 -27.26 42.88
N VAL F 51 13.89 -27.95 41.81
CA VAL F 51 14.77 -28.11 40.67
C VAL F 51 14.91 -26.80 39.91
N LYS F 52 13.80 -26.07 39.74
CA LYS F 52 13.86 -24.75 39.09
C LYS F 52 14.70 -23.76 39.88
N ALA F 53 14.63 -23.81 41.22
CA ALA F 53 15.38 -22.85 42.02
C ALA F 53 16.87 -23.18 42.02
N LYS F 54 17.23 -24.46 41.91
CA LYS F 54 18.64 -24.82 41.80
C LYS F 54 19.22 -24.41 40.44
N ILE F 55 18.39 -24.39 39.39
CA ILE F 55 18.84 -23.92 38.10
C ILE F 55 19.22 -22.44 38.18
N GLN F 56 18.42 -21.65 38.90
CA GLN F 56 18.73 -20.24 39.05
C GLN F 56 20.09 -20.05 39.73
N ASP F 57 20.33 -20.79 40.81
CA ASP F 57 21.57 -20.75 41.56
C ASP F 57 22.68 -21.56 40.90
N LYS F 58 22.56 -21.88 39.60
CA LYS F 58 23.61 -22.62 38.91
C LYS F 58 23.97 -21.86 37.64
N GLU F 59 22.99 -21.20 37.02
CA GLU F 59 23.26 -20.40 35.82
C GLU F 59 22.76 -18.97 35.95
N GLY F 60 21.60 -18.81 36.57
CA GLY F 60 20.97 -17.51 36.68
C GLY F 60 19.65 -17.32 35.92
N ILE F 61 19.07 -18.31 35.24
CA ILE F 61 17.75 -18.11 34.62
C ILE F 61 16.74 -18.05 35.77
N PRO F 62 15.93 -17.01 35.85
CA PRO F 62 15.04 -16.88 37.00
C PRO F 62 14.01 -17.99 37.02
N PRO F 63 13.51 -18.36 38.21
CA PRO F 63 12.55 -19.46 38.28
C PRO F 63 11.26 -19.20 37.52
N ASP F 64 10.85 -17.94 37.36
CA ASP F 64 9.60 -17.66 36.65
C ASP F 64 9.72 -17.81 35.14
N GLN F 65 10.72 -17.17 34.55
CA GLN F 65 10.92 -17.23 33.11
C GLN F 65 11.70 -18.51 32.79
N GLN F 66 11.05 -19.64 33.06
CA GLN F 66 11.73 -20.92 33.02
C GLN F 66 10.77 -22.01 32.55
N ARG F 67 11.16 -22.72 31.50
CA ARG F 67 10.38 -23.81 30.94
C ARG F 67 11.24 -25.07 30.82
N LEU F 68 10.74 -26.19 31.35
CA LEU F 68 11.45 -27.46 31.31
C LEU F 68 10.57 -28.52 30.68
N ILE F 69 11.19 -29.42 29.92
CA ILE F 69 10.48 -30.50 29.25
C ILE F 69 11.31 -31.77 29.43
N PHE F 70 10.63 -32.90 29.57
CA PHE F 70 11.29 -34.20 29.67
C PHE F 70 10.41 -35.20 28.92
N SER F 71 10.88 -35.60 27.73
CA SER F 71 10.20 -36.59 26.89
C SER F 71 8.71 -36.27 26.76
N GLY F 72 8.45 -35.05 26.31
CA GLY F 72 7.10 -34.58 26.07
C GLY F 72 6.34 -34.14 27.31
N MET F 73 6.53 -34.81 28.44
CA MET F 73 5.76 -34.45 29.62
C MET F 73 6.31 -33.13 30.14
N LEU F 74 5.51 -32.08 30.02
CA LEU F 74 5.94 -30.77 30.50
C LEU F 74 5.95 -30.80 32.01
N LEU F 75 7.10 -30.53 32.61
CA LEU F 75 7.19 -30.62 34.06
C LEU F 75 6.48 -29.44 34.70
N GLU F 76 5.34 -29.73 35.34
CA GLU F 76 4.54 -28.74 36.02
C GLU F 76 5.28 -28.26 37.26
N ASP F 77 4.90 -27.07 37.73
CA ASP F 77 5.65 -26.48 38.84
C ASP F 77 5.21 -27.10 40.16
N GLY F 78 4.74 -28.34 40.13
CA GLY F 78 4.61 -29.09 41.35
C GLY F 78 4.37 -30.55 41.03
N ARG F 79 5.32 -31.39 41.44
CA ARG F 79 5.29 -32.83 41.24
C ARG F 79 6.60 -33.38 41.78
N THR F 80 6.63 -34.64 42.15
CA THR F 80 7.89 -35.13 42.69
C THR F 80 8.79 -35.46 41.51
N LEU F 81 10.11 -35.38 41.74
CA LEU F 81 11.05 -35.69 40.68
C LEU F 81 10.87 -37.12 40.19
N SER F 82 10.53 -38.06 41.08
CA SER F 82 10.21 -39.42 40.70
C SER F 82 8.88 -39.55 39.96
N ASP F 83 7.95 -38.59 40.15
CA ASP F 83 6.61 -38.64 39.56
C ASP F 83 6.61 -38.56 38.04
N TYR F 84 7.72 -38.15 37.43
CA TYR F 84 7.89 -38.17 35.99
C TYR F 84 8.86 -39.27 35.62
N ASN F 85 9.26 -40.07 36.62
CA ASN F 85 10.26 -41.11 36.49
C ASN F 85 11.53 -40.49 35.92
N ILE F 86 12.09 -39.57 36.69
CA ILE F 86 13.34 -38.91 36.33
C ILE F 86 14.43 -39.76 36.95
N GLN F 87 15.22 -40.41 36.10
CA GLN F 87 16.16 -41.42 36.54
C GLN F 87 17.57 -40.87 36.61
N LYS F 88 18.34 -41.37 37.58
CA LYS F 88 19.75 -41.05 37.75
C LYS F 88 20.53 -41.22 36.46
N GLY F 89 21.05 -40.10 35.94
CA GLY F 89 21.90 -40.12 34.76
C GLY F 89 21.22 -39.64 33.51
N SER F 90 19.92 -39.40 33.55
CA SER F 90 19.19 -38.96 32.39
C SER F 90 19.27 -37.44 32.30
N THR F 91 19.18 -36.92 31.08
CA THR F 91 19.33 -35.50 30.85
C THR F 91 18.01 -34.94 30.31
N LEU F 92 17.50 -33.91 30.97
CA LEU F 92 16.25 -33.26 30.60
C LEU F 92 16.56 -31.95 29.88
N THR F 93 15.54 -31.36 29.28
CA THR F 93 15.71 -30.18 28.46
C THR F 93 15.01 -28.97 29.04
N LEU F 94 15.73 -27.85 29.13
CA LEU F 94 15.22 -26.58 29.60
C LEU F 94 15.14 -25.59 28.44
N GLY F 95 14.00 -24.91 28.29
CA GLY F 95 13.89 -23.81 27.37
C GLY F 95 13.43 -22.53 28.05
N LEU F 96 13.54 -21.42 27.32
CA LEU F 96 13.08 -20.14 27.84
C LEU F 96 11.56 -20.09 27.81
N ILE F 97 11.00 -19.41 28.82
CA ILE F 97 9.55 -19.27 28.89
C ILE F 97 9.00 -18.60 27.63
N LEU F 98 7.71 -18.79 27.41
CA LEU F 98 7.03 -18.27 26.23
C LEU F 98 7.05 -16.75 26.18
N ARG F 99 7.21 -16.10 27.34
CA ARG F 99 7.16 -14.64 27.49
C ARG F 99 5.77 -14.13 27.20
N MET G 26 -78.68 -13.34 11.73
CA MET G 26 -78.75 -12.25 10.77
C MET G 26 -77.78 -11.12 11.15
N GLN G 27 -77.44 -10.28 10.18
CA GLN G 27 -76.53 -9.14 10.35
C GLN G 27 -75.39 -9.48 11.32
N ILE G 28 -74.59 -10.42 10.90
CA ILE G 28 -73.44 -10.88 11.67
C ILE G 28 -72.19 -10.19 11.16
N SER G 29 -71.24 -9.96 12.07
CA SER G 29 -70.02 -9.27 11.71
C SER G 29 -68.82 -10.10 12.15
N VAL G 30 -67.87 -10.30 11.26
CA VAL G 30 -66.65 -11.02 11.57
C VAL G 30 -65.50 -10.01 11.46
N LYS G 31 -64.64 -10.01 12.47
CA LYS G 31 -63.47 -9.14 12.45
C LYS G 31 -62.34 -9.86 11.76
N THR G 32 -61.62 -9.13 10.90
CA THR G 32 -60.56 -9.71 10.10
C THR G 32 -59.24 -9.06 10.52
N LEU G 33 -58.28 -9.92 10.84
CA LEU G 33 -56.92 -9.52 11.22
C LEU G 33 -55.99 -10.41 10.38
N MET G 34 -55.72 -9.94 9.17
CA MET G 34 -54.93 -10.63 8.18
C MET G 34 -53.48 -10.14 8.23
N ARG G 35 -52.57 -10.97 7.75
CA ARG G 35 -51.17 -10.63 7.74
C ARG G 35 -50.81 -10.17 6.34
N LYS G 36 -49.97 -9.16 6.29
CA LYS G 36 -49.48 -8.60 5.05
C LYS G 36 -47.99 -8.37 5.21
N ARG G 37 -47.36 -8.00 4.12
CA ARG G 37 -45.94 -7.70 4.14
C ARG G 37 -45.73 -6.61 3.11
N ILE G 38 -45.35 -5.43 3.57
CA ILE G 38 -45.19 -4.29 2.72
C ILE G 38 -43.71 -3.96 2.68
N THR G 39 -43.33 -3.25 1.63
CA THR G 39 -41.92 -2.98 1.32
C THR G 39 -41.73 -1.48 1.22
N LEU G 40 -41.06 -0.91 2.21
CA LEU G 40 -40.80 0.51 2.22
C LEU G 40 -39.47 0.81 1.55
N GLU G 41 -39.30 2.05 1.14
CA GLU G 41 -38.07 2.51 0.52
C GLU G 41 -37.53 3.57 1.46
N VAL G 42 -36.36 3.30 2.04
CA VAL G 42 -35.81 4.12 3.11
C VAL G 42 -34.32 4.24 2.89
N GLU G 43 -33.72 5.23 3.54
CA GLU G 43 -32.28 5.34 3.47
C GLU G 43 -31.68 4.96 4.81
N PRO G 44 -30.47 4.41 4.84
CA PRO G 44 -29.96 3.88 6.10
C PRO G 44 -29.51 4.98 7.05
N SER G 45 -30.22 6.09 7.03
CA SER G 45 -30.00 7.17 7.97
C SER G 45 -31.31 7.84 8.35
N ASP G 46 -32.45 7.34 7.88
CA ASP G 46 -33.74 7.92 8.22
C ASP G 46 -34.13 7.48 9.63
N THR G 47 -35.05 8.24 10.21
CA THR G 47 -35.41 8.03 11.61
C THR G 47 -36.68 7.21 11.71
N ILE G 48 -36.90 6.65 12.91
CA ILE G 48 -38.09 5.85 13.13
C ILE G 48 -39.33 6.71 12.98
N GLU G 49 -39.22 8.01 13.25
CA GLU G 49 -40.29 8.93 12.91
C GLU G 49 -40.50 8.97 11.40
N ASN G 50 -39.41 8.92 10.63
CA ASN G 50 -39.53 8.93 9.17
C ASN G 50 -40.04 7.60 8.65
N VAL G 51 -39.60 6.50 9.25
CA VAL G 51 -40.07 5.18 8.83
C VAL G 51 -41.52 4.98 9.22
N LYS G 52 -41.89 5.42 10.42
CA LYS G 52 -43.28 5.31 10.86
C LYS G 52 -44.22 6.07 9.92
N ALA G 53 -43.76 7.21 9.41
CA ALA G 53 -44.58 7.98 8.49
C ALA G 53 -44.65 7.32 7.12
N LYS G 54 -43.64 6.53 6.75
CA LYS G 54 -43.68 5.83 5.49
C LYS G 54 -44.79 4.78 5.49
N ILE G 55 -45.09 4.21 6.67
CA ILE G 55 -46.25 3.34 6.80
C ILE G 55 -47.54 4.13 6.61
N GLN G 56 -47.58 5.36 7.14
CA GLN G 56 -48.80 6.17 7.13
C GLN G 56 -49.31 6.42 5.72
N ASP G 57 -48.43 6.89 4.83
CA ASP G 57 -48.86 7.19 3.47
C ASP G 57 -49.21 5.94 2.69
N LYS G 58 -48.59 4.82 3.04
CA LYS G 58 -48.75 3.58 2.31
C LYS G 58 -49.92 2.76 2.82
N GLU G 59 -50.26 2.87 4.12
CA GLU G 59 -51.32 2.03 4.65
C GLU G 59 -52.39 2.78 5.41
N GLY G 60 -52.01 3.86 6.09
CA GLY G 60 -52.96 4.69 6.80
C GLY G 60 -52.93 4.59 8.31
N ILE G 61 -52.07 3.74 8.88
CA ILE G 61 -51.96 3.64 10.33
C ILE G 61 -51.18 4.85 10.80
N PRO G 62 -51.74 5.68 11.69
CA PRO G 62 -51.03 6.88 12.10
C PRO G 62 -49.79 6.56 12.92
N PRO G 63 -48.77 7.43 12.90
CA PRO G 63 -47.55 7.14 13.65
C PRO G 63 -47.76 7.00 15.14
N ASP G 64 -48.77 7.67 15.72
CA ASP G 64 -49.01 7.56 17.15
C ASP G 64 -49.52 6.17 17.52
N GLN G 65 -50.29 5.55 16.63
CA GLN G 65 -50.77 4.18 16.83
C GLN G 65 -49.84 3.15 16.20
N GLN G 66 -48.54 3.43 16.19
CA GLN G 66 -47.59 2.59 15.48
C GLN G 66 -46.47 2.17 16.41
N ARG G 67 -46.27 0.86 16.50
CA ARG G 67 -45.18 0.29 17.28
C ARG G 67 -44.43 -0.66 16.36
N LEU G 68 -43.12 -0.46 16.24
CA LEU G 68 -42.30 -1.25 15.33
C LEU G 68 -41.21 -1.93 16.13
N ILE G 69 -40.89 -3.16 15.75
CA ILE G 69 -39.92 -3.97 16.46
C ILE G 69 -39.00 -4.60 15.43
N PHE G 70 -37.72 -4.69 15.78
CA PHE G 70 -36.71 -5.28 14.90
C PHE G 70 -35.73 -6.04 15.78
N SER G 71 -35.62 -7.35 15.51
CA SER G 71 -34.71 -8.22 16.25
C SER G 71 -34.94 -8.12 17.75
N GLY G 72 -36.20 -8.24 18.15
CA GLY G 72 -36.52 -8.27 19.56
C GLY G 72 -36.37 -6.95 20.26
N MET G 73 -36.44 -5.84 19.53
CA MET G 73 -36.10 -4.54 20.09
C MET G 73 -37.09 -3.49 19.60
N LEU G 74 -37.71 -2.79 20.54
CA LEU G 74 -38.65 -1.73 20.19
C LEU G 74 -37.88 -0.56 19.61
N LEU G 75 -38.26 -0.14 18.39
CA LEU G 75 -37.55 0.95 17.73
C LEU G 75 -37.96 2.28 18.36
N GLU G 76 -37.02 2.90 19.08
CA GLU G 76 -37.30 4.15 19.77
C GLU G 76 -37.47 5.28 18.76
N ASP G 77 -38.26 6.27 19.15
CA ASP G 77 -38.64 7.35 18.23
C ASP G 77 -37.59 8.44 18.17
N GLY G 78 -36.33 8.08 18.44
CA GLY G 78 -35.26 9.05 18.27
C GLY G 78 -33.97 8.39 17.86
N ARG G 79 -34.07 7.27 17.15
CA ARG G 79 -32.90 6.57 16.66
C ARG G 79 -33.05 6.39 15.16
N THR G 80 -31.92 6.34 14.46
CA THR G 80 -31.88 6.13 13.03
C THR G 80 -31.74 4.63 12.78
N LEU G 81 -32.07 4.21 11.56
CA LEU G 81 -32.00 2.80 11.20
C LEU G 81 -30.67 2.17 11.54
N SER G 82 -29.59 2.88 11.23
CA SER G 82 -28.23 2.42 11.44
C SER G 82 -27.99 2.09 12.90
N ASP G 83 -28.68 2.79 13.80
CA ASP G 83 -28.56 2.55 15.23
C ASP G 83 -29.13 1.19 15.57
N TYR G 84 -29.65 0.52 14.57
CA TYR G 84 -30.13 -0.84 14.75
C TYR G 84 -29.47 -1.80 13.77
N ASN G 85 -28.55 -1.31 12.93
CA ASN G 85 -28.02 -2.07 11.79
C ASN G 85 -29.19 -2.64 11.00
N ILE G 86 -29.99 -1.72 10.48
CA ILE G 86 -31.13 -2.07 9.62
C ILE G 86 -30.57 -2.05 8.20
N GLN G 87 -29.96 -3.16 7.81
CA GLN G 87 -29.35 -3.23 6.50
C GLN G 87 -30.41 -3.51 5.43
N LYS G 88 -30.01 -3.31 4.18
CA LYS G 88 -30.91 -3.49 3.04
C LYS G 88 -31.35 -4.94 2.93
N GLY G 89 -32.62 -5.22 3.24
CA GLY G 89 -33.14 -6.56 3.14
C GLY G 89 -33.72 -7.09 4.43
N SER G 90 -33.66 -6.35 5.52
CA SER G 90 -34.09 -6.83 6.82
C SER G 90 -35.60 -6.72 6.97
N THR G 91 -36.14 -7.54 7.86
CA THR G 91 -37.57 -7.65 8.07
C THR G 91 -37.92 -7.05 9.42
N LEU G 92 -38.82 -6.08 9.41
CA LEU G 92 -39.29 -5.45 10.63
C LEU G 92 -40.66 -6.01 10.96
N THR G 93 -41.07 -5.80 12.21
CA THR G 93 -42.38 -6.23 12.66
C THR G 93 -43.11 -4.99 13.15
N LEU G 94 -44.34 -4.82 12.67
CA LEU G 94 -45.17 -3.69 13.06
C LEU G 94 -46.25 -4.20 14.00
N GLY G 95 -46.40 -3.53 15.14
CA GLY G 95 -47.50 -3.79 16.04
C GLY G 95 -48.34 -2.54 16.20
N LEU G 96 -49.53 -2.73 16.76
CA LEU G 96 -50.49 -1.66 16.90
C LEU G 96 -50.91 -1.49 18.35
N ILE G 97 -50.96 -0.23 18.79
CA ILE G 97 -51.46 0.11 20.11
C ILE G 97 -52.99 0.19 19.98
N LEU G 98 -53.65 -0.94 20.20
CA LEU G 98 -55.11 -0.95 20.11
C LEU G 98 -55.73 -0.17 21.27
N ARG G 99 -56.99 0.20 21.12
CA ARG G 99 -57.66 1.03 22.12
C ARG G 99 -58.79 0.30 22.86
N ALA G 100 -59.81 -0.17 22.14
CA ALA G 100 -60.98 -0.76 22.78
C ALA G 100 -61.93 -1.31 21.73
N LYS H 25 -32.91 1.20 -4.78
CA LYS H 25 -32.32 1.55 -3.49
C LYS H 25 -32.51 0.47 -2.44
N MET H 26 -32.79 0.88 -1.21
CA MET H 26 -32.95 -0.05 -0.12
C MET H 26 -34.31 -0.75 -0.25
N GLN H 27 -34.44 -1.90 0.40
CA GLN H 27 -35.63 -2.74 0.24
C GLN H 27 -36.11 -3.28 1.58
N ILE H 28 -36.32 -2.40 2.55
CA ILE H 28 -36.83 -2.84 3.84
C ILE H 28 -38.28 -3.28 3.71
N SER H 29 -38.64 -4.33 4.45
CA SER H 29 -39.98 -4.92 4.42
C SER H 29 -40.52 -5.07 5.84
N VAL H 30 -41.78 -4.70 6.04
CA VAL H 30 -42.42 -4.72 7.35
C VAL H 30 -43.52 -5.78 7.37
N LYS H 31 -43.51 -6.61 8.41
CA LYS H 31 -44.54 -7.63 8.61
C LYS H 31 -45.68 -7.00 9.41
N THR H 32 -46.92 -7.18 8.93
CA THR H 32 -48.10 -6.54 9.51
C THR H 32 -49.18 -7.57 9.85
N LEU H 33 -50.11 -7.12 10.68
CA LEU H 33 -51.31 -7.86 11.07
C LEU H 33 -52.55 -6.96 10.97
N MET H 34 -52.75 -6.32 9.81
CA MET H 34 -53.86 -5.38 9.60
C MET H 34 -55.18 -5.86 10.19
N ARG H 35 -55.93 -4.92 10.77
CA ARG H 35 -57.23 -5.18 11.39
C ARG H 35 -58.37 -4.52 10.61
N LYS H 36 -59.51 -5.21 10.53
CA LYS H 36 -60.68 -4.67 9.86
C LYS H 36 -61.95 -5.19 10.54
N ARG H 37 -63.10 -4.72 10.05
CA ARG H 37 -64.41 -5.14 10.53
C ARG H 37 -65.40 -5.16 9.38
N ILE H 38 -65.94 -6.34 9.06
CA ILE H 38 -66.92 -6.50 7.99
C ILE H 38 -68.23 -7.00 8.59
N THR H 39 -69.31 -6.86 7.80
CA THR H 39 -70.67 -7.15 8.24
C THR H 39 -71.29 -8.16 7.28
N LEU H 40 -71.45 -9.39 7.75
CA LEU H 40 -72.03 -10.44 6.93
C LEU H 40 -73.54 -10.51 7.18
N GLU H 41 -74.27 -10.97 6.18
CA GLU H 41 -75.72 -11.13 6.28
C GLU H 41 -76.00 -12.60 5.97
N VAL H 42 -76.53 -13.31 6.97
CA VAL H 42 -76.68 -14.75 6.90
C VAL H 42 -77.97 -15.14 7.61
N GLU H 43 -78.37 -16.40 7.41
CA GLU H 43 -79.51 -16.94 8.12
C GLU H 43 -79.00 -17.90 9.18
N PRO H 44 -79.46 -17.80 10.43
CA PRO H 44 -78.81 -18.57 11.49
C PRO H 44 -79.01 -20.07 11.36
N SER H 45 -78.82 -20.58 10.16
CA SER H 45 -78.83 -22.01 9.92
C SER H 45 -77.80 -22.43 8.88
N ASP H 46 -76.94 -21.51 8.40
CA ASP H 46 -75.91 -21.80 7.42
C ASP H 46 -74.74 -22.54 8.08
N THR H 47 -73.87 -23.08 7.24
CA THR H 47 -72.70 -23.81 7.70
C THR H 47 -71.48 -22.90 7.65
N ILE H 48 -70.44 -23.28 8.39
CA ILE H 48 -69.22 -22.48 8.37
C ILE H 48 -68.58 -22.53 6.99
N GLU H 49 -68.77 -23.64 6.27
CA GLU H 49 -68.38 -23.67 4.86
C GLU H 49 -69.18 -22.64 4.06
N ASN H 50 -70.45 -22.47 4.40
CA ASN H 50 -71.26 -21.45 3.75
C ASN H 50 -70.86 -20.07 4.24
N VAL H 51 -70.53 -19.95 5.53
CA VAL H 51 -70.08 -18.68 6.08
C VAL H 51 -68.69 -18.34 5.54
N LYS H 52 -67.81 -19.34 5.45
CA LYS H 52 -66.49 -19.11 4.88
C LYS H 52 -66.57 -18.63 3.44
N ALA H 53 -67.57 -19.11 2.69
CA ALA H 53 -67.72 -18.68 1.31
C ALA H 53 -68.25 -17.25 1.21
N LYS H 54 -69.03 -16.81 2.20
CA LYS H 54 -69.47 -15.41 2.20
C LYS H 54 -68.29 -14.48 2.43
N ILE H 55 -67.30 -14.92 3.20
CA ILE H 55 -66.09 -14.12 3.38
C ILE H 55 -65.34 -13.99 2.06
N GLN H 56 -65.28 -15.09 1.30
CA GLN H 56 -64.56 -15.06 0.02
C GLN H 56 -65.19 -14.06 -0.93
N ASP H 57 -66.52 -14.09 -1.05
CA ASP H 57 -67.18 -13.16 -1.96
C ASP H 57 -67.05 -11.73 -1.46
N LYS H 58 -67.02 -11.55 -0.15
CA LYS H 58 -67.03 -10.19 0.38
C LYS H 58 -65.64 -9.59 0.48
N GLU H 59 -64.61 -10.42 0.65
CA GLU H 59 -63.27 -9.87 0.78
C GLU H 59 -62.28 -10.50 -0.18
N GLY H 60 -62.46 -11.78 -0.52
CA GLY H 60 -61.57 -12.46 -1.45
C GLY H 60 -60.69 -13.51 -0.83
N ILE H 61 -60.79 -13.74 0.47
CA ILE H 61 -59.99 -14.74 1.17
C ILE H 61 -60.56 -16.13 0.89
N PRO H 62 -59.76 -17.07 0.40
CA PRO H 62 -60.30 -18.39 0.07
C PRO H 62 -60.74 -19.15 1.29
N PRO H 63 -61.73 -20.03 1.16
CA PRO H 63 -62.18 -20.82 2.33
C PRO H 63 -61.13 -21.77 2.85
N ASP H 64 -60.22 -22.25 2.00
CA ASP H 64 -59.19 -23.19 2.44
C ASP H 64 -58.16 -22.51 3.35
N GLN H 65 -57.88 -21.23 3.10
CA GLN H 65 -56.99 -20.43 3.92
C GLN H 65 -57.76 -19.63 4.96
N GLN H 66 -58.82 -20.21 5.53
CA GLN H 66 -59.69 -19.48 6.44
C GLN H 66 -59.81 -20.24 7.74
N ARG H 67 -59.50 -19.57 8.84
CA ARG H 67 -59.60 -20.12 10.18
C ARG H 67 -60.50 -19.20 10.98
N LEU H 68 -61.53 -19.77 11.59
CA LEU H 68 -62.52 -18.99 12.30
C LEU H 68 -62.51 -19.40 13.76
N ILE H 69 -62.69 -18.41 14.62
CA ILE H 69 -62.61 -18.60 16.05
C ILE H 69 -63.80 -17.90 16.68
N PHE H 70 -64.46 -18.58 17.59
CA PHE H 70 -65.60 -18.01 18.32
C PHE H 70 -65.55 -18.54 19.74
N SER H 71 -65.28 -17.65 20.70
CA SER H 71 -65.26 -18.02 22.11
C SER H 71 -64.41 -19.26 22.34
N GLY H 72 -63.17 -19.22 21.85
CA GLY H 72 -62.26 -20.33 22.03
C GLY H 72 -62.47 -21.51 21.11
N MET H 73 -63.55 -21.55 20.35
CA MET H 73 -63.90 -22.73 19.56
C MET H 73 -63.48 -22.50 18.12
N LEU H 74 -62.63 -23.39 17.60
CA LEU H 74 -62.27 -23.33 16.20
C LEU H 74 -63.49 -23.74 15.40
N LEU H 75 -63.94 -22.88 14.50
CA LEU H 75 -65.19 -23.15 13.80
C LEU H 75 -64.99 -24.27 12.80
N GLU H 76 -65.65 -25.40 13.04
CA GLU H 76 -65.49 -26.55 12.15
C GLU H 76 -66.04 -26.20 10.78
N ASP H 77 -65.46 -26.82 9.75
CA ASP H 77 -65.76 -26.44 8.38
C ASP H 77 -67.07 -27.04 7.88
N GLY H 78 -67.73 -27.89 8.66
CA GLY H 78 -69.02 -28.41 8.27
C GLY H 78 -70.17 -28.12 9.22
N ARG H 79 -69.87 -27.68 10.44
CA ARG H 79 -70.94 -27.39 11.39
C ARG H 79 -71.71 -26.14 10.96
N THR H 80 -73.00 -26.11 11.33
CA THR H 80 -73.90 -25.00 11.03
C THR H 80 -73.87 -24.03 12.20
N LEU H 81 -74.24 -22.78 11.92
CA LEU H 81 -74.23 -21.70 12.90
C LEU H 81 -74.91 -22.10 14.20
N SER H 82 -76.05 -22.77 14.08
CA SER H 82 -76.79 -23.15 15.28
C SER H 82 -76.05 -24.19 16.13
N ASP H 83 -75.29 -25.10 15.49
CA ASP H 83 -74.65 -26.14 16.28
C ASP H 83 -73.59 -25.52 17.18
N TYR H 84 -73.30 -24.25 16.93
CA TYR H 84 -72.38 -23.51 17.78
C TYR H 84 -73.09 -22.40 18.55
N ASN H 85 -74.42 -22.30 18.44
CA ASN H 85 -75.22 -21.28 19.11
C ASN H 85 -74.70 -19.87 18.81
N ILE H 86 -74.86 -19.50 17.54
CA ILE H 86 -74.51 -18.16 17.08
C ILE H 86 -75.74 -17.27 17.21
N GLN H 87 -75.55 -16.07 17.74
CA GLN H 87 -76.64 -15.13 17.91
C GLN H 87 -76.81 -14.21 16.72
N LYS H 88 -77.60 -13.15 16.94
CA LYS H 88 -77.73 -12.05 16.00
C LYS H 88 -76.91 -10.90 16.56
N GLY H 89 -75.84 -10.55 15.87
CA GLY H 89 -74.98 -9.49 16.31
C GLY H 89 -73.73 -9.98 17.01
N SER H 90 -73.61 -11.28 17.22
CA SER H 90 -72.44 -11.79 17.88
C SER H 90 -71.35 -11.84 16.81
N THR H 91 -70.14 -11.49 17.20
CA THR H 91 -69.10 -11.24 16.22
C THR H 91 -68.00 -12.29 16.34
N LEU H 92 -67.65 -12.86 15.19
CA LEU H 92 -66.64 -13.91 15.12
C LEU H 92 -65.33 -13.28 14.71
N THR H 93 -64.24 -14.01 14.92
CA THR H 93 -62.92 -13.53 14.58
C THR H 93 -62.34 -14.47 13.54
N LEU H 94 -61.87 -13.91 12.43
CA LEU H 94 -61.34 -14.70 11.35
C LEU H 94 -59.83 -14.54 11.25
N GLY H 95 -59.12 -15.67 11.25
CA GLY H 95 -57.71 -15.71 10.95
C GLY H 95 -57.50 -16.67 9.80
N LEU H 96 -56.27 -16.72 9.31
CA LEU H 96 -55.93 -17.61 8.22
C LEU H 96 -54.80 -18.52 8.69
N ILE H 97 -54.88 -19.80 8.32
CA ILE H 97 -53.85 -20.72 8.74
C ILE H 97 -52.55 -20.34 8.01
N LEU H 98 -51.43 -20.75 8.58
CA LEU H 98 -50.12 -20.27 8.15
C LEU H 98 -49.82 -20.76 6.75
N ARG H 99 -50.11 -19.92 5.77
CA ARG H 99 -49.84 -20.19 4.36
C ARG H 99 -49.88 -18.90 3.55
N MET I 26 -36.59 11.97 -33.91
CA MET I 26 -35.95 12.02 -35.24
C MET I 26 -34.85 13.07 -35.29
N GLN I 27 -35.21 14.33 -35.51
CA GLN I 27 -34.23 15.40 -35.65
C GLN I 27 -33.57 15.72 -34.30
N ILE I 28 -32.24 15.70 -34.29
CA ILE I 28 -31.46 16.03 -33.11
C ILE I 28 -30.22 16.81 -33.55
N SER I 29 -29.79 17.76 -32.73
CA SER I 29 -28.68 18.65 -33.09
C SER I 29 -27.62 18.70 -32.00
N VAL I 30 -26.60 17.85 -32.15
CA VAL I 30 -25.50 17.76 -31.19
C VAL I 30 -24.43 18.78 -31.55
N LYS I 31 -23.99 19.55 -30.56
CA LYS I 31 -22.91 20.50 -30.77
C LYS I 31 -21.55 19.84 -30.54
N THR I 32 -20.50 20.58 -30.87
CA THR I 32 -19.15 20.06 -30.80
C THR I 32 -18.27 20.87 -29.86
N LEU I 33 -17.29 20.19 -29.26
CA LEU I 33 -16.22 20.76 -28.46
C LEU I 33 -14.90 20.11 -28.89
N MET I 34 -14.65 20.11 -30.20
CA MET I 34 -13.50 19.40 -30.74
C MET I 34 -12.18 20.09 -30.38
N ARG I 35 -11.13 19.30 -30.27
CA ARG I 35 -9.79 19.81 -30.00
C ARG I 35 -9.19 20.40 -31.27
N LYS I 36 -8.44 21.49 -31.13
CA LYS I 36 -7.77 22.07 -32.30
C LYS I 36 -6.37 22.53 -31.94
N ARG I 37 -5.58 22.77 -32.99
CA ARG I 37 -4.22 23.30 -32.86
C ARG I 37 -3.88 23.95 -34.19
N ILE I 38 -3.67 25.27 -34.20
CA ILE I 38 -3.35 25.98 -35.43
C ILE I 38 -2.01 26.70 -35.32
N THR I 39 -1.44 27.03 -36.48
CA THR I 39 -0.07 27.58 -36.58
C THR I 39 -0.02 28.88 -37.37
N LEU I 40 0.09 30.02 -36.68
CA LEU I 40 0.24 31.33 -37.32
C LEU I 40 1.70 31.78 -37.28
N GLU I 41 1.99 32.80 -38.10
CA GLU I 41 3.33 33.36 -38.25
C GLU I 41 3.39 34.75 -37.62
N VAL I 42 4.36 34.95 -36.73
CA VAL I 42 4.52 36.17 -35.96
C VAL I 42 6.01 36.52 -35.97
N GLU I 43 6.32 37.79 -35.72
CA GLU I 43 7.71 38.20 -35.63
C GLU I 43 8.02 38.60 -34.18
N PRO I 44 9.28 38.52 -33.73
CA PRO I 44 9.54 38.66 -32.29
C PRO I 44 9.09 39.97 -31.66
N SER I 45 8.87 41.03 -32.44
CA SER I 45 8.35 42.29 -31.89
C SER I 45 6.98 42.53 -32.52
N ASP I 46 5.97 41.91 -31.91
CA ASP I 46 4.56 42.00 -32.29
C ASP I 46 3.78 42.47 -31.06
N THR I 47 2.46 42.44 -31.11
CA THR I 47 1.68 42.84 -29.96
C THR I 47 0.67 41.74 -29.63
N ILE I 48 0.26 41.70 -28.35
CA ILE I 48 -0.76 40.73 -27.95
C ILE I 48 -2.11 41.13 -28.52
N GLU I 49 -2.35 42.43 -28.68
CA GLU I 49 -3.57 42.88 -29.36
C GLU I 49 -3.58 42.44 -30.82
N ASN I 50 -2.43 42.51 -31.49
CA ASN I 50 -2.35 42.06 -32.87
C ASN I 50 -2.35 40.54 -32.96
N VAL I 51 -1.73 39.87 -32.00
CA VAL I 51 -1.72 38.41 -32.01
C VAL I 51 -3.11 37.87 -31.71
N LYS I 52 -3.82 38.48 -30.78
CA LYS I 52 -5.19 38.06 -30.53
C LYS I 52 -6.07 38.26 -31.77
N ALA I 53 -5.85 39.37 -32.48
CA ALA I 53 -6.60 39.65 -33.70
C ALA I 53 -6.09 38.85 -34.89
N LYS I 54 -4.81 38.45 -34.89
CA LYS I 54 -4.27 37.68 -36.01
C LYS I 54 -4.88 36.28 -36.08
N ILE I 55 -5.28 35.73 -34.94
CA ILE I 55 -5.98 34.44 -34.93
C ILE I 55 -7.32 34.56 -35.64
N GLN I 56 -7.97 35.72 -35.50
CA GLN I 56 -9.29 35.93 -36.09
C GLN I 56 -9.28 35.73 -37.61
N ASP I 57 -8.26 36.25 -38.30
CA ASP I 57 -8.28 36.21 -39.76
C ASP I 57 -8.30 34.79 -40.30
N LYS I 58 -7.55 33.89 -39.68
CA LYS I 58 -7.48 32.51 -40.17
C LYS I 58 -8.53 31.61 -39.54
N GLU I 59 -9.10 31.98 -38.41
CA GLU I 59 -10.06 31.11 -37.75
C GLU I 59 -11.43 31.74 -37.52
N GLY I 60 -11.51 33.05 -37.27
CA GLY I 60 -12.79 33.70 -37.14
C GLY I 60 -13.19 34.11 -35.73
N ILE I 61 -12.34 33.87 -34.73
CA ILE I 61 -12.65 34.23 -33.35
C ILE I 61 -12.53 35.73 -33.18
N PRO I 62 -13.59 36.43 -32.74
CA PRO I 62 -13.47 37.89 -32.61
C PRO I 62 -12.51 38.24 -31.47
N PRO I 63 -11.75 39.34 -31.60
CA PRO I 63 -10.77 39.68 -30.57
C PRO I 63 -11.35 39.99 -29.20
N ASP I 64 -12.57 40.52 -29.13
CA ASP I 64 -13.15 40.80 -27.81
C ASP I 64 -13.49 39.50 -27.10
N GLN I 65 -13.77 38.43 -27.87
CA GLN I 65 -13.98 37.10 -27.32
C GLN I 65 -12.71 36.27 -27.28
N GLN I 66 -11.55 36.87 -27.09
CA GLN I 66 -10.27 36.15 -27.14
C GLN I 66 -9.46 36.44 -25.89
N ARG I 67 -9.09 35.38 -25.17
CA ARG I 67 -8.27 35.45 -23.98
C ARG I 67 -7.12 34.48 -24.14
N LEU I 68 -5.90 34.94 -23.87
CA LEU I 68 -4.69 34.16 -24.11
C LEU I 68 -3.90 34.00 -22.82
N ILE I 69 -3.30 32.81 -22.67
CA ILE I 69 -2.48 32.46 -21.52
C ILE I 69 -1.25 31.73 -22.03
N PHE I 70 -0.12 31.96 -21.37
CA PHE I 70 1.14 31.33 -21.74
C PHE I 70 1.87 30.97 -20.46
N SER I 71 2.18 29.68 -20.30
CA SER I 71 2.88 29.19 -19.12
C SER I 71 2.16 29.60 -17.85
N GLY I 72 0.87 29.28 -17.79
CA GLY I 72 0.06 29.54 -16.63
C GLY I 72 -0.38 30.97 -16.43
N MET I 73 0.18 31.90 -17.20
CA MET I 73 0.00 33.33 -16.98
C MET I 73 -1.01 33.92 -17.95
N LEU I 74 -2.01 34.64 -17.43
CA LEU I 74 -2.95 35.32 -18.30
C LEU I 74 -2.20 36.41 -19.05
N LEU I 75 -2.19 36.30 -20.37
CA LEU I 75 -1.39 37.18 -21.22
C LEU I 75 -2.08 38.52 -21.40
N GLU I 76 -1.43 39.60 -20.93
CA GLU I 76 -2.02 40.93 -21.05
C GLU I 76 -2.13 41.33 -22.51
N ASP I 77 -3.14 42.15 -22.80
CA ASP I 77 -3.52 42.51 -24.16
C ASP I 77 -2.66 43.61 -24.79
N GLY I 78 -1.74 44.21 -24.05
CA GLY I 78 -0.86 45.21 -24.64
C GLY I 78 0.62 44.88 -24.56
N ARG I 79 0.97 43.62 -24.72
CA ARG I 79 2.35 43.20 -24.63
C ARG I 79 2.78 42.43 -25.87
N THR I 80 4.09 42.38 -26.08
CA THR I 80 4.71 41.69 -27.19
C THR I 80 4.95 40.23 -26.80
N LEU I 81 5.10 39.37 -27.82
CA LEU I 81 5.54 38.01 -27.54
C LEU I 81 6.87 38.04 -26.79
N SER I 82 7.72 39.03 -27.10
CA SER I 82 9.01 39.22 -26.42
C SER I 82 8.86 39.70 -24.98
N ASP I 83 7.82 40.50 -24.66
CA ASP I 83 7.65 40.95 -23.28
C ASP I 83 7.24 39.81 -22.36
N TYR I 84 6.76 38.71 -22.93
CA TYR I 84 6.35 37.53 -22.20
C TYR I 84 7.20 36.33 -22.59
N ASN I 85 8.23 36.55 -23.43
CA ASN I 85 9.20 35.56 -23.87
C ASN I 85 8.54 34.28 -24.39
N ILE I 86 7.79 34.45 -25.49
CA ILE I 86 7.24 33.32 -26.22
C ILE I 86 8.25 33.03 -27.33
N GLN I 87 9.16 32.10 -27.06
CA GLN I 87 10.27 31.82 -27.96
C GLN I 87 9.76 31.19 -29.25
N LYS I 88 10.67 31.09 -30.23
CA LYS I 88 10.33 30.48 -31.52
C LYS I 88 10.06 29.00 -31.29
N GLY I 89 8.80 28.61 -31.34
CA GLY I 89 8.42 27.23 -31.15
C GLY I 89 7.52 27.02 -29.94
N SER I 90 7.22 28.07 -29.18
CA SER I 90 6.49 27.90 -27.94
C SER I 90 5.00 27.73 -28.22
N THR I 91 4.33 27.04 -27.31
CA THR I 91 2.94 26.65 -27.50
C THR I 91 2.06 27.42 -26.53
N LEU I 92 1.05 28.07 -27.08
CA LEU I 92 0.12 28.91 -26.35
C LEU I 92 -1.20 28.17 -26.17
N THR I 93 -2.02 28.68 -25.25
CA THR I 93 -3.35 28.16 -25.00
C THR I 93 -4.34 29.29 -25.23
N LEU I 94 -5.41 29.00 -25.96
CA LEU I 94 -6.41 29.98 -26.29
C LEU I 94 -7.66 29.75 -25.45
N GLY I 95 -8.17 30.82 -24.86
CA GLY I 95 -9.46 30.77 -24.19
C GLY I 95 -10.40 31.77 -24.84
N LEU I 96 -11.69 31.48 -24.71
CA LEU I 96 -12.73 32.28 -25.32
C LEU I 96 -13.71 32.77 -24.27
N ILE I 97 -14.09 34.03 -24.37
CA ILE I 97 -15.09 34.56 -23.47
C ILE I 97 -16.45 34.18 -24.04
N LEU I 98 -16.89 32.95 -23.75
CA LEU I 98 -18.13 32.41 -24.31
C LEU I 98 -19.35 33.13 -23.76
N MET J 26 8.94 33.17 -37.39
CA MET J 26 8.42 32.32 -36.31
C MET J 26 7.22 31.52 -36.80
N GLN J 27 6.91 30.43 -36.10
CA GLN J 27 5.78 29.58 -36.43
C GLN J 27 5.08 29.16 -35.14
N ILE J 28 4.78 30.15 -34.30
CA ILE J 28 4.12 29.90 -33.01
C ILE J 28 2.73 29.30 -33.24
N SER J 29 2.31 28.43 -32.32
CA SER J 29 1.05 27.71 -32.42
C SER J 29 0.23 27.84 -31.14
N VAL J 30 -1.06 27.53 -31.25
CA VAL J 30 -2.00 27.61 -30.14
C VAL J 30 -3.09 26.57 -30.30
N LYS J 31 -3.36 25.82 -29.22
CA LYS J 31 -4.44 24.85 -29.16
C LYS J 31 -5.69 25.44 -28.50
N THR J 32 -6.85 25.20 -29.10
CA THR J 32 -8.12 25.70 -28.58
C THR J 32 -9.13 24.56 -28.52
N LEU J 33 -10.43 24.89 -28.39
CA LEU J 33 -11.48 23.88 -28.34
C LEU J 33 -12.64 24.09 -29.31
N MET J 34 -12.69 25.19 -30.07
CA MET J 34 -13.50 25.29 -31.29
C MET J 34 -14.93 24.73 -31.21
N ARG J 35 -15.81 25.35 -30.44
CA ARG J 35 -17.18 24.85 -30.34
C ARG J 35 -18.02 25.22 -31.56
N LYS J 36 -18.81 24.25 -32.04
CA LYS J 36 -19.74 24.40 -33.16
C LYS J 36 -20.97 23.56 -32.87
N ARG J 37 -21.98 23.63 -33.75
CA ARG J 37 -23.21 22.85 -33.56
C ARG J 37 -23.80 22.42 -34.90
N ILE J 38 -23.96 21.09 -35.08
CA ILE J 38 -24.52 20.50 -36.29
C ILE J 38 -25.81 19.76 -35.93
N THR J 39 -26.63 19.49 -36.95
CA THR J 39 -27.98 18.93 -36.81
C THR J 39 -28.15 17.69 -37.67
N LEU J 40 -28.29 16.52 -37.03
CA LEU J 40 -28.53 15.23 -37.68
C LEU J 40 -29.90 14.66 -37.27
N GLU J 41 -30.19 13.41 -37.65
CA GLU J 41 -31.50 12.83 -37.33
C GLU J 41 -31.52 11.30 -37.42
N VAL J 42 -31.85 10.65 -36.30
CA VAL J 42 -32.00 9.20 -36.19
C VAL J 42 -33.16 8.94 -35.23
N GLU J 43 -33.71 7.71 -35.28
CA GLU J 43 -34.83 7.38 -34.41
C GLU J 43 -34.48 6.33 -33.34
N PRO J 44 -35.40 5.97 -32.43
CA PRO J 44 -34.99 5.21 -31.23
C PRO J 44 -34.33 3.86 -31.48
N SER J 45 -34.55 3.18 -32.59
CA SER J 45 -33.87 1.92 -32.76
C SER J 45 -32.49 2.08 -33.38
N ASP J 46 -32.05 3.30 -33.67
CA ASP J 46 -30.70 3.49 -34.16
C ASP J 46 -29.75 3.43 -32.98
N THR J 47 -28.56 2.91 -33.21
CA THR J 47 -27.60 2.77 -32.14
C THR J 47 -26.49 3.81 -32.27
N ILE J 48 -25.83 4.07 -31.15
CA ILE J 48 -24.71 5.01 -31.14
C ILE J 48 -23.58 4.47 -32.01
N GLU J 49 -23.53 3.14 -32.19
CA GLU J 49 -22.58 2.59 -33.16
C GLU J 49 -22.84 3.15 -34.55
N ASN J 50 -24.12 3.20 -34.94
CA ASN J 50 -24.53 3.78 -36.22
C ASN J 50 -24.63 5.30 -36.15
N VAL J 51 -25.08 5.85 -35.01
CA VAL J 51 -25.26 7.29 -34.88
C VAL J 51 -23.91 8.00 -34.90
N LYS J 52 -22.90 7.43 -34.23
CA LYS J 52 -21.57 8.03 -34.29
C LYS J 52 -21.07 8.13 -35.73
N ALA J 53 -21.44 7.16 -36.56
CA ALA J 53 -21.04 7.22 -37.96
C ALA J 53 -21.85 8.28 -38.71
N LYS J 54 -23.09 8.55 -38.28
CA LYS J 54 -23.84 9.64 -38.91
C LYS J 54 -23.22 10.99 -38.56
N ILE J 55 -22.68 11.13 -37.35
CA ILE J 55 -21.90 12.31 -37.00
C ILE J 55 -20.58 12.29 -37.77
N GLN J 56 -19.99 11.10 -37.90
CA GLN J 56 -18.74 10.93 -38.63
C GLN J 56 -18.89 11.38 -40.08
N ASP J 57 -20.03 11.05 -40.69
CA ASP J 57 -20.26 11.37 -42.09
C ASP J 57 -20.29 12.88 -42.35
N LYS J 58 -20.73 13.68 -41.38
CA LYS J 58 -20.89 15.11 -41.62
C LYS J 58 -19.66 15.95 -41.31
N GLU J 59 -18.84 15.57 -40.33
CA GLU J 59 -17.69 16.40 -39.99
C GLU J 59 -16.36 15.65 -39.95
N GLY J 60 -16.35 14.34 -40.09
CA GLY J 60 -15.10 13.64 -40.28
C GLY J 60 -14.50 13.00 -39.06
N ILE J 61 -15.11 13.13 -37.90
CA ILE J 61 -14.53 12.54 -36.70
C ILE J 61 -14.77 11.03 -36.76
N PRO J 62 -13.71 10.22 -36.77
CA PRO J 62 -13.92 8.78 -36.91
C PRO J 62 -14.56 8.17 -35.68
N PRO J 63 -15.28 7.06 -35.84
CA PRO J 63 -15.93 6.42 -34.69
C PRO J 63 -14.98 5.93 -33.61
N ASP J 64 -13.70 5.70 -33.94
CA ASP J 64 -12.78 5.21 -32.92
C ASP J 64 -12.52 6.25 -31.84
N GLN J 65 -12.54 7.53 -32.20
CA GLN J 65 -12.42 8.61 -31.24
C GLN J 65 -13.79 9.13 -30.82
N GLN J 66 -14.79 8.25 -30.69
CA GLN J 66 -16.16 8.68 -30.42
C GLN J 66 -16.39 8.72 -28.92
N ARG J 67 -16.47 9.93 -28.39
CA ARG J 67 -16.75 10.22 -26.99
C ARG J 67 -17.78 11.34 -27.00
N LEU J 68 -18.89 11.16 -26.31
CA LEU J 68 -19.87 12.24 -26.22
C LEU J 68 -21.02 11.77 -25.36
N ILE J 69 -21.51 12.66 -24.50
CA ILE J 69 -22.50 12.33 -23.49
C ILE J 69 -23.52 13.45 -23.32
N PHE J 70 -24.55 13.12 -22.54
CA PHE J 70 -25.63 14.04 -22.19
C PHE J 70 -26.05 13.77 -20.74
N SER J 71 -26.00 14.79 -19.90
CA SER J 71 -26.43 14.69 -18.50
C SER J 71 -25.70 13.58 -17.75
N GLY J 72 -24.37 13.67 -17.77
CA GLY J 72 -23.53 12.75 -17.00
C GLY J 72 -23.32 11.34 -17.48
N MET J 73 -24.41 10.61 -17.75
CA MET J 73 -24.29 9.19 -18.07
C MET J 73 -23.50 8.97 -19.35
N LEU J 74 -22.48 8.12 -19.26
CA LEU J 74 -21.60 7.82 -20.38
C LEU J 74 -22.32 7.08 -21.48
N LEU J 75 -22.19 7.57 -22.71
CA LEU J 75 -22.83 6.91 -23.84
C LEU J 75 -22.04 5.64 -24.10
N GLU J 76 -22.56 4.50 -23.63
CA GLU J 76 -21.87 3.24 -23.87
C GLU J 76 -21.99 2.91 -25.35
N ASP J 77 -21.03 2.16 -25.87
CA ASP J 77 -20.94 2.03 -27.32
C ASP J 77 -21.97 1.09 -27.91
N GLY J 78 -22.67 0.28 -27.13
CA GLY J 78 -23.67 -0.61 -27.68
C GLY J 78 -25.09 -0.52 -27.15
N ARG J 79 -25.61 0.67 -26.90
CA ARG J 79 -26.93 0.83 -26.33
C ARG J 79 -27.84 1.67 -27.23
N THR J 80 -29.15 1.52 -27.03
CA THR J 80 -30.15 2.20 -27.82
C THR J 80 -30.49 3.58 -27.23
N LEU J 81 -31.04 4.44 -28.10
CA LEU J 81 -31.50 5.77 -27.69
C LEU J 81 -32.57 5.71 -26.62
N SER J 82 -33.45 4.71 -26.67
CA SER J 82 -34.51 4.58 -25.67
C SER J 82 -33.95 4.25 -24.28
N ASP J 83 -32.79 3.60 -24.20
CA ASP J 83 -32.22 3.31 -22.90
C ASP J 83 -31.77 4.56 -22.17
N TYR J 84 -31.61 5.68 -22.90
CA TYR J 84 -31.22 6.95 -22.29
C TYR J 84 -32.25 8.07 -22.49
N ASN J 85 -33.34 7.79 -23.22
CA ASN J 85 -34.52 8.67 -23.36
C ASN J 85 -34.17 10.11 -23.77
N ILE J 86 -33.68 10.27 -24.99
CA ILE J 86 -33.57 11.60 -25.61
C ILE J 86 -34.69 11.71 -26.65
N GLN J 87 -35.85 12.21 -26.22
CA GLN J 87 -36.88 12.59 -27.18
C GLN J 87 -36.33 13.73 -28.03
N LYS J 88 -36.31 13.52 -29.34
CA LYS J 88 -35.40 14.26 -30.23
C LYS J 88 -35.78 15.74 -30.30
N GLY J 89 -35.47 16.44 -29.20
CA GLY J 89 -35.69 17.87 -29.07
C GLY J 89 -34.57 18.51 -28.29
N SER J 90 -33.62 17.68 -27.83
CA SER J 90 -32.53 18.07 -26.97
C SER J 90 -31.19 17.99 -27.71
N THR J 91 -30.23 18.76 -27.20
CA THR J 91 -28.91 18.92 -27.81
C THR J 91 -27.85 18.31 -26.91
N LEU J 92 -27.02 17.44 -27.49
CA LEU J 92 -25.94 16.77 -26.78
C LEU J 92 -24.61 17.41 -27.15
N THR J 93 -23.54 17.04 -26.43
CA THR J 93 -22.21 17.60 -26.63
C THR J 93 -21.16 16.56 -27.00
N LEU J 94 -20.31 16.91 -27.95
CA LEU J 94 -19.20 16.07 -28.44
C LEU J 94 -18.03 16.03 -27.46
N GLY J 95 -17.48 14.83 -27.26
CA GLY J 95 -16.20 14.65 -26.61
C GLY J 95 -15.26 13.92 -27.56
N LEU J 96 -13.99 13.83 -27.17
CA LEU J 96 -13.04 13.06 -27.96
C LEU J 96 -11.81 12.75 -27.10
N ILE J 97 -11.70 11.50 -26.66
CA ILE J 97 -10.58 11.07 -25.80
C ILE J 97 -9.41 10.70 -26.72
N LEU J 98 -8.66 11.70 -27.15
CA LEU J 98 -7.45 11.42 -27.92
C LEU J 98 -6.41 10.82 -26.99
N ARG J 99 -5.67 9.84 -27.50
CA ARG J 99 -4.65 9.18 -26.69
C ARG J 99 -3.35 9.96 -26.72
N MET K 26 57.87 -12.84 -3.58
CA MET K 26 59.14 -12.37 -4.10
C MET K 26 59.12 -12.32 -5.63
N GLN K 27 60.08 -11.58 -6.21
CA GLN K 27 60.26 -11.46 -7.67
C GLN K 27 59.17 -10.63 -8.34
N ILE K 28 58.77 -9.51 -7.73
CA ILE K 28 57.82 -8.61 -8.34
C ILE K 28 58.55 -7.41 -8.94
N SER K 29 58.06 -6.93 -10.09
CA SER K 29 58.62 -5.76 -10.76
C SER K 29 57.47 -4.82 -11.06
N VAL K 30 57.61 -3.56 -10.66
CA VAL K 30 56.56 -2.56 -10.81
C VAL K 30 57.02 -1.45 -11.73
N LYS K 31 56.13 -1.03 -12.63
CA LYS K 31 56.43 0.09 -13.52
C LYS K 31 56.12 1.39 -12.79
N THR K 32 57.14 2.23 -12.63
CA THR K 32 56.96 3.50 -11.95
C THR K 32 56.99 4.56 -13.05
N LEU K 33 55.88 5.27 -13.18
CA LEU K 33 55.72 6.33 -14.18
C LEU K 33 55.20 7.55 -13.45
N MET K 34 56.12 8.45 -13.11
CA MET K 34 55.83 9.66 -12.38
C MET K 34 55.66 10.85 -13.31
N ARG K 35 55.36 11.99 -12.70
CA ARG K 35 55.28 13.27 -13.38
C ARG K 35 56.52 14.05 -12.97
N LYS K 36 57.08 14.81 -13.90
CA LYS K 36 58.25 15.60 -13.57
C LYS K 36 58.12 16.96 -14.22
N ARG K 37 59.04 17.85 -13.83
CA ARG K 37 59.10 19.20 -14.36
C ARG K 37 60.57 19.56 -14.40
N ILE K 38 61.09 19.74 -15.61
CA ILE K 38 62.49 20.08 -15.81
C ILE K 38 62.55 21.45 -16.45
N THR K 39 63.71 22.09 -16.30
CA THR K 39 63.81 23.48 -16.72
C THR K 39 64.95 23.69 -17.71
N LEU K 40 64.98 22.88 -18.77
CA LEU K 40 65.99 23.10 -19.79
C LEU K 40 65.91 24.55 -20.24
N GLU K 41 67.03 25.10 -20.67
CA GLU K 41 67.10 26.53 -20.93
C GLU K 41 67.44 26.76 -22.39
N VAL K 42 66.60 27.56 -23.05
CA VAL K 42 66.62 27.74 -24.49
C VAL K 42 66.39 29.22 -24.79
N GLU K 43 66.73 29.64 -26.03
CA GLU K 43 66.40 31.00 -26.40
C GLU K 43 65.28 30.99 -27.43
N PRO K 44 64.41 32.03 -27.46
CA PRO K 44 63.18 31.93 -28.27
C PRO K 44 63.39 32.03 -29.77
N SER K 45 64.47 31.48 -30.31
CA SER K 45 64.68 31.48 -31.75
C SER K 45 64.90 30.11 -32.37
N ASP K 46 65.39 29.13 -31.63
CA ASP K 46 65.68 27.79 -32.14
C ASP K 46 64.40 26.98 -32.35
N THR K 47 64.54 25.92 -33.13
CA THR K 47 63.43 25.11 -33.61
C THR K 47 63.14 23.95 -32.67
N ILE K 48 61.98 23.32 -32.90
CA ILE K 48 61.53 22.20 -32.08
C ILE K 48 62.51 21.04 -32.17
N GLU K 49 63.21 20.91 -33.29
CA GLU K 49 64.30 19.93 -33.37
C GLU K 49 65.39 20.26 -32.34
N ASN K 50 65.64 21.55 -32.11
CA ASN K 50 66.66 21.92 -31.13
C ASN K 50 66.18 21.63 -29.71
N VAL K 51 64.90 21.89 -29.42
CA VAL K 51 64.35 21.56 -28.11
C VAL K 51 64.18 20.06 -27.95
N LYS K 52 63.69 19.38 -29.00
CA LYS K 52 63.57 17.93 -28.96
C LYS K 52 64.93 17.27 -28.77
N ALA K 53 65.98 17.86 -29.33
CA ALA K 53 67.33 17.34 -29.08
C ALA K 53 67.90 17.81 -27.75
N LYS K 54 67.53 19.00 -27.27
CA LYS K 54 68.05 19.51 -26.00
C LYS K 54 67.54 18.71 -24.81
N ILE K 55 66.31 18.23 -24.88
CA ILE K 55 65.74 17.40 -23.82
C ILE K 55 66.52 16.10 -23.66
N GLN K 56 67.03 15.53 -24.76
CA GLN K 56 67.80 14.30 -24.68
C GLN K 56 69.05 14.46 -23.82
N ASP K 57 69.80 15.54 -24.03
CA ASP K 57 71.04 15.71 -23.27
C ASP K 57 70.75 15.85 -21.78
N LYS K 58 69.58 16.41 -21.44
CA LYS K 58 69.23 16.63 -20.04
C LYS K 58 68.60 15.39 -19.41
N GLU K 59 67.92 14.56 -20.19
CA GLU K 59 67.27 13.39 -19.61
C GLU K 59 67.62 12.09 -20.31
N GLY K 60 67.86 12.11 -21.63
CA GLY K 60 68.22 10.90 -22.36
C GLY K 60 67.17 10.38 -23.33
N ILE K 61 66.04 11.08 -23.49
CA ILE K 61 64.97 10.62 -24.39
C ILE K 61 65.35 10.85 -25.85
N PRO K 62 65.34 9.83 -26.70
CA PRO K 62 65.72 10.03 -28.11
C PRO K 62 64.70 10.89 -28.83
N PRO K 63 65.12 11.63 -29.86
CA PRO K 63 64.18 12.51 -30.57
C PRO K 63 63.03 11.79 -31.26
N ASP K 64 63.22 10.53 -31.68
CA ASP K 64 62.17 9.81 -32.41
C ASP K 64 61.00 9.42 -31.51
N GLN K 65 61.27 9.13 -30.24
CA GLN K 65 60.24 8.78 -29.27
C GLN K 65 59.74 9.99 -28.52
N GLN K 66 59.65 11.13 -29.19
CA GLN K 66 59.41 12.39 -28.49
C GLN K 66 58.28 13.19 -29.13
N ARG K 67 57.27 13.51 -28.33
CA ARG K 67 56.15 14.33 -28.76
C ARG K 67 55.97 15.45 -27.75
N LEU K 68 55.92 16.68 -28.24
CA LEU K 68 55.78 17.87 -27.40
C LEU K 68 54.51 18.60 -27.80
N ILE K 69 53.81 19.15 -26.83
CA ILE K 69 52.56 19.85 -27.10
C ILE K 69 52.54 21.14 -26.29
N PHE K 70 51.95 22.18 -26.87
CA PHE K 70 51.79 23.48 -26.23
C PHE K 70 50.48 24.07 -26.67
N SER K 71 49.62 24.38 -25.71
CA SER K 71 48.33 25.01 -25.98
C SER K 71 47.53 24.20 -26.99
N GLY K 72 47.37 22.91 -26.68
CA GLY K 72 46.54 22.02 -27.48
C GLY K 72 47.14 21.51 -28.77
N MET K 73 48.25 22.09 -29.24
CA MET K 73 48.79 21.76 -30.55
C MET K 73 50.24 21.28 -30.46
N LEU K 74 50.50 20.13 -31.09
CA LEU K 74 51.83 19.55 -31.13
C LEU K 74 52.79 20.41 -31.95
N LEU K 75 53.96 20.69 -31.38
CA LEU K 75 54.95 21.56 -32.00
C LEU K 75 55.56 20.89 -33.24
N GLU K 76 55.31 21.47 -34.41
CA GLU K 76 55.79 20.89 -35.66
C GLU K 76 57.31 20.91 -35.71
N ASP K 77 57.88 19.92 -36.41
CA ASP K 77 59.32 19.69 -36.37
C ASP K 77 60.11 20.55 -37.35
N GLY K 78 59.59 21.71 -37.70
CA GLY K 78 60.35 22.64 -38.52
C GLY K 78 59.97 24.08 -38.30
N ARG K 79 59.52 24.42 -37.10
CA ARG K 79 59.12 25.77 -36.74
C ARG K 79 59.89 26.24 -35.51
N THR K 80 59.98 27.55 -35.36
CA THR K 80 60.71 28.13 -34.25
C THR K 80 59.77 28.28 -33.06
N LEU K 81 60.37 28.39 -31.87
CA LEU K 81 59.58 28.66 -30.68
C LEU K 81 58.75 29.93 -30.85
N SER K 82 59.26 30.89 -31.64
CA SER K 82 58.53 32.13 -31.88
C SER K 82 57.24 31.88 -32.68
N ASP K 83 57.23 30.87 -33.56
CA ASP K 83 56.02 30.55 -34.34
C ASP K 83 54.89 30.02 -33.47
N TYR K 84 55.19 29.67 -32.23
CA TYR K 84 54.20 29.21 -31.28
C TYR K 84 53.99 30.21 -30.16
N ASN K 85 54.67 31.36 -30.24
CA ASN K 85 54.64 32.39 -29.22
C ASN K 85 54.92 31.76 -27.86
N ILE K 86 56.10 31.16 -27.77
CA ILE K 86 56.62 30.57 -26.54
C ILE K 86 57.52 31.60 -25.89
N GLN K 87 57.21 31.92 -24.64
CA GLN K 87 57.84 33.03 -23.93
C GLN K 87 58.38 32.54 -22.59
N LYS K 88 59.28 33.35 -22.02
CA LYS K 88 60.03 32.95 -20.83
C LYS K 88 59.11 32.67 -19.65
N GLY K 89 59.00 31.41 -19.28
CA GLY K 89 58.18 31.00 -18.15
C GLY K 89 57.10 30.01 -18.53
N SER K 90 56.97 29.70 -19.81
CA SER K 90 55.87 28.88 -20.28
C SER K 90 56.20 27.41 -20.10
N THR K 91 55.15 26.61 -19.93
CA THR K 91 55.28 25.20 -19.62
C THR K 91 54.74 24.37 -20.78
N LEU K 92 55.56 23.46 -21.28
CA LEU K 92 55.22 22.56 -22.37
C LEU K 92 54.88 21.19 -21.78
N THR K 93 54.28 20.34 -22.60
CA THR K 93 53.91 19.00 -22.19
C THR K 93 54.64 17.99 -23.06
N LEU K 94 55.24 17.00 -22.43
CA LEU K 94 55.96 15.96 -23.13
C LEU K 94 55.17 14.66 -23.12
N GLY K 95 55.02 14.08 -24.31
CA GLY K 95 54.51 12.74 -24.46
C GLY K 95 55.54 11.91 -25.21
N LEU K 96 55.36 10.60 -25.18
CA LEU K 96 56.30 9.70 -25.81
C LEU K 96 55.60 8.76 -26.77
N ILE K 97 56.19 8.56 -27.95
CA ILE K 97 55.67 7.58 -28.88
C ILE K 97 56.15 6.22 -28.41
N LEU K 98 55.40 5.57 -27.52
CA LEU K 98 55.80 4.31 -26.94
C LEU K 98 55.81 3.18 -27.97
N ARG K 99 56.34 2.04 -27.55
CA ARG K 99 56.41 0.86 -28.39
C ARG K 99 55.47 -0.22 -27.87
N MET L 26 66.38 32.88 -21.28
CA MET L 26 65.03 32.32 -21.20
C MET L 26 65.09 30.99 -20.48
N GLN L 27 63.96 30.55 -19.94
CA GLN L 27 63.91 29.29 -19.17
C GLN L 27 62.51 28.70 -19.30
N ILE L 28 62.31 27.86 -20.30
CA ILE L 28 61.04 27.19 -20.46
C ILE L 28 61.15 25.84 -19.78
N SER L 29 60.02 25.36 -19.27
CA SER L 29 59.98 24.12 -18.50
C SER L 29 58.97 23.19 -19.16
N VAL L 30 59.35 21.94 -19.33
CA VAL L 30 58.54 20.95 -20.03
C VAL L 30 58.03 19.95 -19.00
N LYS L 31 56.74 19.67 -19.05
CA LYS L 31 56.13 18.68 -18.17
C LYS L 31 56.26 17.30 -18.81
N THR L 32 56.72 16.34 -18.03
CA THR L 32 57.02 15.00 -18.48
C THR L 32 56.25 13.97 -17.65
N LEU L 33 56.05 12.80 -18.26
CA LEU L 33 55.45 11.64 -17.60
C LEU L 33 56.32 10.41 -17.81
N MET L 34 57.62 10.55 -17.49
CA MET L 34 58.60 9.49 -17.72
C MET L 34 58.17 8.15 -17.11
N ARG L 35 58.60 7.07 -17.75
CA ARG L 35 58.37 5.70 -17.31
C ARG L 35 59.68 5.06 -16.85
N LYS L 36 59.60 4.26 -15.78
CA LYS L 36 60.75 3.52 -15.25
C LYS L 36 60.27 2.15 -14.78
N ARG L 37 61.21 1.32 -14.32
CA ARG L 37 60.90 -0.04 -13.87
C ARG L 37 61.80 -0.44 -12.70
N ILE L 38 61.19 -0.73 -11.55
CA ILE L 38 61.93 -1.16 -10.38
C ILE L 38 61.46 -2.58 -10.00
N THR L 39 62.32 -3.29 -9.26
CA THR L 39 62.09 -4.69 -8.91
C THR L 39 62.20 -4.91 -7.40
N LEU L 40 61.07 -5.03 -6.72
CA LEU L 40 61.02 -5.27 -5.29
C LEU L 40 60.77 -6.75 -4.99
N GLU L 41 61.13 -7.16 -3.76
CA GLU L 41 60.95 -8.54 -3.32
C GLU L 41 60.13 -8.57 -2.03
N VAL L 42 58.95 -9.20 -2.10
CA VAL L 42 58.03 -9.30 -0.96
C VAL L 42 57.33 -10.65 -1.03
N GLU L 43 56.76 -11.08 0.10
CA GLU L 43 56.03 -12.33 0.19
C GLU L 43 54.52 -12.07 0.33
N PRO L 44 53.67 -13.03 -0.09
CA PRO L 44 52.24 -12.73 -0.20
C PRO L 44 51.54 -12.47 1.12
N SER L 45 52.25 -12.53 2.24
CA SER L 45 51.65 -12.19 3.52
C SER L 45 51.90 -10.74 3.84
N ASP L 46 53.03 -10.20 3.37
CA ASP L 46 53.35 -8.81 3.57
C ASP L 46 52.21 -7.93 3.09
N THR L 47 51.99 -6.82 3.78
CA THR L 47 50.92 -5.94 3.37
C THR L 47 51.51 -4.73 2.67
N ILE L 48 50.66 -4.11 1.87
CA ILE L 48 50.96 -2.95 1.05
C ILE L 48 51.33 -1.72 1.85
N GLU L 49 50.84 -1.62 3.10
CA GLU L 49 51.31 -0.52 3.94
C GLU L 49 52.82 -0.63 4.15
N ASN L 50 53.31 -1.85 4.38
CA ASN L 50 54.75 -2.08 4.45
C ASN L 50 55.37 -2.17 3.05
N VAL L 51 54.63 -2.71 2.08
CA VAL L 51 55.14 -2.84 0.71
C VAL L 51 55.34 -1.46 0.07
N LYS L 52 54.42 -0.52 0.33
CA LYS L 52 54.58 0.83 -0.20
C LYS L 52 55.89 1.45 0.28
N ALA L 53 56.34 1.09 1.48
CA ALA L 53 57.61 1.60 1.98
C ALA L 53 58.78 0.97 1.23
N LYS L 54 58.60 -0.25 0.70
CA LYS L 54 59.66 -0.83 -0.12
C LYS L 54 59.82 -0.07 -1.42
N ILE L 55 58.72 0.44 -1.98
CA ILE L 55 58.83 1.31 -3.15
C ILE L 55 59.54 2.60 -2.77
N GLN L 56 59.23 3.14 -1.60
CA GLN L 56 59.91 4.35 -1.14
C GLN L 56 61.39 4.10 -0.94
N ASP L 57 61.74 3.02 -0.24
CA ASP L 57 63.15 2.75 0.05
C ASP L 57 63.94 2.51 -1.22
N LYS L 58 63.29 1.98 -2.25
CA LYS L 58 64.01 1.68 -3.49
C LYS L 58 64.06 2.90 -4.41
N GLU L 59 63.09 3.81 -4.31
CA GLU L 59 63.08 4.97 -5.19
C GLU L 59 62.99 6.31 -4.45
N GLY L 60 62.28 6.35 -3.32
CA GLY L 60 62.20 7.56 -2.51
C GLY L 60 60.85 8.26 -2.43
N ILE L 61 59.82 7.78 -3.12
CA ILE L 61 58.49 8.37 -2.99
C ILE L 61 57.81 7.82 -1.74
N PRO L 62 57.38 8.66 -0.81
CA PRO L 62 56.77 8.15 0.41
C PRO L 62 55.46 7.45 0.11
N PRO L 63 55.03 6.50 0.97
CA PRO L 63 53.77 5.79 0.72
C PRO L 63 52.57 6.70 0.71
N ASP L 64 52.63 7.85 1.39
CA ASP L 64 51.51 8.78 1.40
C ASP L 64 51.33 9.43 0.03
N GLN L 65 52.44 9.69 -0.68
CA GLN L 65 52.41 10.21 -2.04
C GLN L 65 52.51 9.09 -3.06
N GLN L 66 51.92 7.93 -2.79
CA GLN L 66 52.05 6.76 -3.66
C GLN L 66 50.66 6.22 -3.96
N ARG L 67 50.30 6.17 -5.23
CA ARG L 67 49.03 5.59 -5.65
C ARG L 67 49.33 4.54 -6.70
N LEU L 68 49.01 3.29 -6.39
CA LEU L 68 49.33 2.16 -7.25
C LEU L 68 48.14 1.23 -7.42
N ILE L 69 48.08 0.58 -8.59
CA ILE L 69 46.94 -0.24 -8.99
C ILE L 69 47.45 -1.58 -9.54
N PHE L 70 46.54 -2.55 -9.57
CA PHE L 70 46.81 -3.89 -10.08
C PHE L 70 45.63 -4.31 -10.94
N SER L 71 45.85 -4.41 -12.25
CA SER L 71 44.87 -4.92 -13.20
C SER L 71 43.49 -4.30 -12.96
N GLY L 72 43.45 -2.97 -12.97
CA GLY L 72 42.22 -2.24 -12.77
C GLY L 72 41.81 -2.02 -11.33
N MET L 73 42.43 -2.67 -10.37
CA MET L 73 42.00 -2.62 -8.98
C MET L 73 42.93 -1.70 -8.19
N LEU L 74 42.35 -0.66 -7.58
CA LEU L 74 43.13 0.24 -6.74
C LEU L 74 43.51 -0.44 -5.44
N LEU L 75 44.81 -0.49 -5.14
CA LEU L 75 45.30 -1.10 -3.93
C LEU L 75 45.04 -0.15 -2.75
N GLU L 76 44.09 -0.51 -1.89
CA GLU L 76 43.75 0.28 -0.71
C GLU L 76 44.92 0.24 0.25
N ASP L 77 45.05 1.23 1.13
CA ASP L 77 46.21 1.28 2.04
C ASP L 77 45.92 0.49 3.32
N GLY L 78 46.51 -0.70 3.43
CA GLY L 78 46.45 -1.49 4.64
C GLY L 78 45.72 -2.82 4.52
N ARG L 79 45.85 -3.46 3.36
CA ARG L 79 45.23 -4.73 3.04
C ARG L 79 46.30 -5.70 2.56
N THR L 80 46.02 -7.00 2.62
CA THR L 80 47.06 -7.93 2.23
C THR L 80 47.04 -8.20 0.73
N LEU L 81 48.19 -8.64 0.22
CA LEU L 81 48.27 -9.16 -1.15
C LEU L 81 47.32 -10.34 -1.33
N SER L 82 47.04 -11.09 -0.26
CA SER L 82 46.11 -12.21 -0.37
C SER L 82 44.71 -11.73 -0.71
N ASP L 83 44.34 -10.53 -0.24
CA ASP L 83 43.04 -9.95 -0.56
C ASP L 83 42.96 -9.44 -2.00
N TYR L 84 44.11 -9.26 -2.67
CA TYR L 84 44.14 -8.83 -4.06
C TYR L 84 44.82 -9.84 -4.99
N ASN L 85 45.29 -10.97 -4.46
CA ASN L 85 45.85 -12.10 -5.21
C ASN L 85 46.92 -11.70 -6.22
N ILE L 86 48.04 -11.21 -5.69
CA ILE L 86 49.24 -10.95 -6.50
C ILE L 86 50.19 -12.14 -6.32
N GLN L 87 50.45 -12.88 -7.40
CA GLN L 87 51.45 -13.94 -7.34
C GLN L 87 52.82 -13.42 -7.72
N LYS L 88 53.83 -14.28 -7.58
CA LYS L 88 55.20 -13.91 -7.93
C LYS L 88 55.34 -13.84 -9.44
N GLY L 89 55.96 -12.77 -9.93
CA GLY L 89 56.15 -12.59 -11.36
C GLY L 89 55.25 -11.54 -11.94
N SER L 90 54.38 -10.96 -11.13
CA SER L 90 53.34 -10.03 -11.54
C SER L 90 53.85 -8.61 -11.65
N THR L 91 53.17 -7.82 -12.49
CA THR L 91 53.51 -6.44 -12.75
C THR L 91 52.34 -5.55 -12.33
N LEU L 92 52.58 -4.62 -11.41
CA LEU L 92 51.58 -3.63 -11.05
C LEU L 92 52.21 -2.25 -11.27
N THR L 93 51.37 -1.22 -11.38
CA THR L 93 51.86 0.11 -11.71
C THR L 93 51.51 1.12 -10.62
N LEU L 94 52.50 1.91 -10.23
CA LEU L 94 52.38 2.95 -9.22
C LEU L 94 52.42 4.32 -9.87
N GLY L 95 51.51 5.21 -9.45
CA GLY L 95 51.56 6.60 -9.87
C GLY L 95 51.73 7.57 -8.72
N LEU L 96 51.27 8.81 -8.90
CA LEU L 96 51.37 9.86 -7.90
C LEU L 96 49.99 10.39 -7.58
N ILE L 97 49.71 10.61 -6.30
CA ILE L 97 48.42 11.19 -5.93
C ILE L 97 48.48 12.66 -6.28
N LEU L 98 47.31 13.26 -6.54
CA LEU L 98 47.25 14.61 -7.07
C LEU L 98 47.85 15.63 -6.09
N ARG L 99 48.73 16.48 -6.62
CA ARG L 99 49.49 17.46 -5.85
C ARG L 99 50.30 16.79 -4.74
ZN ZN M . -34.34 -60.10 5.44
BR BR N . -29.22 -62.00 12.34
ZN ZN O . -31.88 -3.00 31.37
BR BR P . -17.74 4.22 5.26
BR BR Q . 5.73 -8.97 11.79
NA NA R . -19.70 -15.32 6.58
ZN ZN S . 14.23 -20.54 -7.61
NA NA T . 6.39 5.77 5.58
ZN ZN U . 14.84 34.59 15.15
BR BR V . 50.13 0.33 -23.19
CL CL W . 31.87 44.41 -12.80
BR BR X . 16.74 -18.37 0.71
BR BR Y . -36.54 -3.48 23.38
#